data_6RZC
#
_entry.id   6RZC
#
_cell.length_a   1.000
_cell.length_b   1.000
_cell.length_c   1.000
_cell.angle_alpha   90.00
_cell.angle_beta   90.00
_cell.angle_gamma   90.00
#
_symmetry.space_group_name_H-M   'P 1'
#
_entity_poly.entity_id   1
_entity_poly.type   'polypeptide(L)'
_entity_poly.pdbx_seq_one_letter_code
;GWGSIFKHGRHAAKHIGHAAVNHYL
;
_entity_poly.pdbx_strand_id   A
#
# COMPACT_ATOMS: atom_id res chain seq x y z
N GLY A 1 6.42 -4.06 18.84
CA GLY A 1 5.23 -3.26 18.58
C GLY A 1 4.47 -3.74 17.35
N TRP A 2 4.45 -2.92 16.31
CA TRP A 2 3.76 -3.28 15.08
C TRP A 2 4.52 -4.36 14.33
N GLY A 3 3.98 -5.58 14.34
CA GLY A 3 4.60 -6.70 13.66
C GLY A 3 4.30 -6.70 12.18
N SER A 4 3.73 -5.60 11.70
CA SER A 4 3.38 -5.48 10.29
C SER A 4 4.55 -5.89 9.40
N ILE A 5 4.42 -7.03 8.73
CA ILE A 5 5.46 -7.53 7.84
C ILE A 5 5.48 -6.71 6.55
N PHE A 6 5.93 -5.46 6.65
CA PHE A 6 6.00 -4.59 5.49
C PHE A 6 4.64 -4.47 4.82
N LYS A 7 3.61 -5.02 5.46
CA LYS A 7 2.27 -4.97 4.92
C LYS A 7 1.78 -3.52 4.87
N HIS A 8 1.63 -2.90 6.05
CA HIS A 8 1.19 -1.51 6.14
C HIS A 8 2.38 -0.57 6.10
N GLY A 9 3.24 -0.74 5.10
CA GLY A 9 4.41 0.11 4.97
C GLY A 9 5.15 -0.16 3.66
N ARG A 10 4.49 -0.84 2.74
CA ARG A 10 5.09 -1.15 1.45
C ARG A 10 4.05 -1.72 0.50
N HIS A 11 2.83 -1.88 1.01
CA HIS A 11 1.74 -2.42 0.20
C HIS A 11 0.42 -1.92 0.72
N ALA A 12 -0.47 -1.69 -0.25
CA ALA A 12 -1.83 -1.17 -0.03
C ALA A 12 -1.76 0.27 0.36
N ALA A 13 -0.65 0.59 1.07
CA ALA A 13 -0.35 1.96 1.19
C ALA A 13 -0.17 2.22 -0.30
N LYS A 14 -0.41 1.04 -1.00
CA LYS A 14 -0.38 0.92 -2.45
C LYS A 14 -1.75 0.57 -3.03
N HIS A 15 -1.75 0.23 -4.32
CA HIS A 15 -2.96 -0.17 -5.05
C HIS A 15 -4.20 0.54 -4.53
N ILE A 16 -3.98 1.66 -3.89
CA ILE A 16 -5.04 2.46 -3.34
C ILE A 16 -4.46 3.57 -2.54
N GLY A 17 -3.56 3.19 -1.73
CA GLY A 17 -2.81 4.14 -0.98
C GLY A 17 -1.90 4.81 -1.97
N HIS A 18 -1.79 4.16 -3.16
CA HIS A 18 -0.97 4.69 -4.24
C HIS A 18 -1.82 5.63 -5.10
N ALA A 19 -3.04 5.21 -5.46
CA ALA A 19 -3.89 6.08 -6.29
C ALA A 19 -5.32 5.57 -6.40
N ALA A 20 -5.87 5.00 -5.33
CA ALA A 20 -7.24 4.51 -5.37
C ALA A 20 -7.41 3.43 -6.44
N VAL A 21 -6.36 3.18 -7.22
CA VAL A 21 -6.40 2.17 -8.28
C VAL A 21 -5.01 1.58 -8.50
N ASN A 22 -3.99 2.41 -8.25
CA ASN A 22 -2.56 2.06 -8.38
C ASN A 22 -1.83 3.21 -9.07
N HIS A 23 -2.48 3.82 -10.06
CA HIS A 23 -1.90 4.93 -10.79
C HIS A 23 -3.00 5.86 -11.33
N TYR A 24 -2.92 6.20 -12.61
CA TYR A 24 -3.91 7.08 -13.22
C TYR A 24 -4.01 8.39 -12.44
N LEU A 25 -3.03 8.62 -11.57
CA LEU A 25 -3.01 9.84 -10.76
C LEU A 25 -4.33 10.00 -10.01
N GLY A 1 2.96 -11.37 17.27
CA GLY A 1 3.14 -12.35 16.22
C GLY A 1 2.84 -11.78 14.85
N TRP A 2 3.85 -11.15 14.24
CA TRP A 2 3.69 -10.56 12.92
C TRP A 2 5.05 -10.43 12.23
N GLY A 3 5.96 -9.70 12.85
CA GLY A 3 7.28 -9.50 12.29
C GLY A 3 7.24 -8.75 10.97
N SER A 4 6.10 -8.13 10.68
CA SER A 4 5.94 -7.38 9.44
C SER A 4 7.06 -6.35 9.30
N ILE A 5 7.95 -6.60 8.35
CA ILE A 5 9.07 -5.68 8.10
C ILE A 5 8.57 -4.40 7.44
N PHE A 6 7.65 -4.56 6.48
CA PHE A 6 7.10 -3.42 5.76
C PHE A 6 5.76 -3.79 5.14
N LYS A 7 5.47 -5.08 5.13
CA LYS A 7 4.21 -5.57 4.56
C LYS A 7 3.03 -4.80 5.14
N HIS A 8 3.24 -4.20 6.31
CA HIS A 8 2.19 -3.43 6.97
C HIS A 8 1.95 -2.12 6.25
N GLY A 9 2.54 -1.98 5.06
CA GLY A 9 2.38 -0.78 4.28
C GLY A 9 3.13 -0.84 2.96
N ARG A 10 3.31 -2.06 2.45
CA ARG A 10 4.01 -2.27 1.18
C ARG A 10 3.01 -2.56 0.07
N HIS A 11 1.73 -2.59 0.43
CA HIS A 11 0.66 -2.85 -0.53
C HIS A 11 -0.61 -2.20 -0.09
N ALA A 12 -1.35 -1.76 -1.09
CA ALA A 12 -2.61 -1.05 -0.94
C ALA A 12 -2.37 0.32 -0.40
N ALA A 13 -1.31 0.41 0.43
CA ALA A 13 -0.83 1.70 0.72
C ALA A 13 -0.45 2.05 -0.72
N LYS A 14 -0.79 0.98 -1.56
CA LYS A 14 -0.63 0.99 -3.00
C LYS A 14 -1.98 0.90 -3.72
N HIS A 15 -1.91 0.66 -5.04
CA HIS A 15 -3.10 0.49 -5.89
C HIS A 15 -4.24 1.38 -5.43
N ILE A 16 -3.91 2.41 -4.66
CA ILE A 16 -4.88 3.32 -4.14
C ILE A 16 -4.22 4.27 -3.21
N GLY A 17 -3.44 3.69 -2.39
CA GLY A 17 -2.63 4.46 -1.50
C GLY A 17 -1.53 5.04 -2.34
N HIS A 18 -1.41 4.48 -3.57
CA HIS A 18 -0.41 4.95 -4.53
C HIS A 18 -1.02 6.03 -5.43
N ALA A 19 -2.26 5.81 -5.89
CA ALA A 19 -2.89 6.80 -6.78
C ALA A 19 -4.36 6.51 -7.04
N ALA A 20 -5.08 6.11 -6.01
CA ALA A 20 -6.50 5.79 -6.17
C ALA A 20 -6.67 4.53 -7.03
N VAL A 21 -5.62 4.15 -7.77
CA VAL A 21 -5.68 2.97 -8.63
C VAL A 21 -4.30 2.31 -8.74
N ASN A 22 -3.25 3.15 -8.72
CA ASN A 22 -1.86 2.69 -8.81
C ASN A 22 -1.00 3.83 -9.39
N HIS A 23 -1.51 4.48 -10.43
CA HIS A 23 -0.79 5.58 -11.06
C HIS A 23 -1.75 6.45 -11.87
N TYR A 24 -2.89 6.76 -11.28
CA TYR A 24 -3.90 7.58 -11.96
C TYR A 24 -3.39 8.99 -12.18
N LEU A 25 -2.36 9.38 -11.43
CA LEU A 25 -1.78 10.71 -11.55
C LEU A 25 -0.48 10.80 -10.78
N GLY A 1 1.97 2.85 9.96
CA GLY A 1 2.18 1.41 10.02
C GLY A 1 1.55 0.81 11.26
N TRP A 2 2.11 -0.31 11.71
CA TRP A 2 1.60 -0.99 12.90
C TRP A 2 2.61 -2.02 13.40
N GLY A 3 2.71 -3.14 12.68
CA GLY A 3 3.65 -4.18 13.07
C GLY A 3 3.54 -5.39 12.16
N SER A 4 2.59 -5.34 11.23
CA SER A 4 2.39 -6.44 10.29
C SER A 4 3.70 -6.78 9.57
N ILE A 5 3.69 -7.88 8.82
CA ILE A 5 4.88 -8.30 8.08
C ILE A 5 5.07 -7.43 6.85
N PHE A 6 5.49 -6.19 7.05
CA PHE A 6 5.70 -5.27 5.94
C PHE A 6 4.47 -5.22 5.03
N LYS A 7 3.35 -5.70 5.55
CA LYS A 7 2.10 -5.71 4.79
C LYS A 7 1.60 -4.29 4.56
N HIS A 8 1.19 -3.63 5.64
CA HIS A 8 0.69 -2.27 5.55
C HIS A 8 1.84 -1.27 5.45
N GLY A 9 2.48 -1.23 4.29
CA GLY A 9 3.59 -0.32 4.08
C GLY A 9 4.12 -0.37 2.66
N ARG A 10 4.41 -1.59 2.18
CA ARG A 10 4.93 -1.78 0.82
C ARG A 10 3.81 -2.21 -0.11
N HIS A 11 2.62 -2.37 0.45
CA HIS A 11 1.45 -2.78 -0.33
C HIS A 11 0.19 -2.25 0.31
N ALA A 12 -0.72 -1.88 -0.59
CA ALA A 12 -2.02 -1.30 -0.25
C ALA A 12 -1.82 0.11 0.23
N ALA A 13 -0.64 0.31 0.88
CA ALA A 13 -0.23 1.64 1.07
C ALA A 13 -0.13 1.98 -0.42
N LYS A 14 -0.51 0.87 -1.17
CA LYS A 14 -0.58 0.86 -2.63
C LYS A 14 -2.00 0.64 -3.12
N HIS A 15 -2.13 0.39 -4.43
CA HIS A 15 -3.41 0.12 -5.08
C HIS A 15 -4.54 0.90 -4.45
N ILE A 16 -4.18 1.95 -3.74
CA ILE A 16 -5.15 2.80 -3.08
C ILE A 16 -4.42 3.82 -2.27
N GLY A 17 -3.48 3.32 -1.58
CA GLY A 17 -2.61 4.18 -0.84
C GLY A 17 -1.72 4.83 -1.85
N HIS A 18 -1.75 4.25 -3.08
CA HIS A 18 -0.96 4.79 -4.19
C HIS A 18 -1.80 5.79 -4.98
N ALA A 19 -3.07 5.47 -5.25
CA ALA A 19 -3.92 6.39 -6.01
C ALA A 19 -5.38 5.96 -6.03
N ALA A 20 -5.90 5.50 -4.90
CA ALA A 20 -7.28 5.05 -4.85
C ALA A 20 -7.46 3.76 -5.65
N VAL A 21 -6.52 3.48 -6.56
CA VAL A 21 -6.58 2.26 -7.38
C VAL A 21 -5.18 1.77 -7.73
N ASN A 22 -4.24 2.70 -7.87
CA ASN A 22 -2.84 2.39 -8.21
C ASN A 22 -2.21 3.62 -8.88
N HIS A 23 -2.92 4.17 -9.86
CA HIS A 23 -2.42 5.34 -10.58
C HIS A 23 -3.50 5.88 -11.52
N TYR A 24 -4.23 6.89 -11.05
CA TYR A 24 -5.29 7.49 -11.85
C TYR A 24 -5.69 8.84 -11.27
N LEU A 25 -5.00 9.25 -10.20
CA LEU A 25 -5.29 10.53 -9.55
C LEU A 25 -4.84 11.68 -10.45
N GLY A 1 1.52 2.37 14.84
CA GLY A 1 0.92 1.50 15.85
C GLY A 1 0.81 0.06 15.36
N TRP A 2 1.84 -0.41 14.68
CA TRP A 2 1.85 -1.78 14.16
C TRP A 2 3.28 -2.23 13.87
N GLY A 3 3.99 -1.45 13.07
CA GLY A 3 5.37 -1.77 12.73
C GLY A 3 5.48 -3.13 12.05
N SER A 4 4.42 -3.54 11.37
CA SER A 4 4.41 -4.82 10.67
C SER A 4 5.68 -4.98 9.84
N ILE A 5 6.00 -6.24 9.51
CA ILE A 5 7.20 -6.52 8.72
C ILE A 5 6.99 -6.11 7.26
N PHE A 6 7.01 -4.81 7.01
CA PHE A 6 6.83 -4.30 5.65
C PHE A 6 5.56 -4.86 5.02
N LYS A 7 4.41 -4.46 5.57
CA LYS A 7 3.11 -4.92 5.06
C LYS A 7 2.09 -3.79 5.13
N HIS A 8 1.82 -3.33 6.34
CA HIS A 8 0.85 -2.25 6.54
C HIS A 8 1.47 -0.90 6.19
N GLY A 9 2.18 -0.85 5.08
CA GLY A 9 2.82 0.38 4.64
C GLY A 9 3.49 0.23 3.29
N ARG A 10 3.82 -1.02 2.94
CA ARG A 10 4.48 -1.32 1.66
C ARG A 10 3.45 -1.79 0.66
N HIS A 11 2.21 -1.92 1.13
CA HIS A 11 1.11 -2.37 0.28
C HIS A 11 -0.17 -1.70 0.70
N ALA A 12 -0.98 -1.41 -0.31
CA ALA A 12 -2.26 -0.71 -0.17
C ALA A 12 -2.02 0.73 0.15
N ALA A 13 -0.91 0.94 0.88
CA ALA A 13 -0.43 2.28 0.96
C ALA A 13 -0.17 2.41 -0.54
N LYS A 14 -0.54 1.24 -1.20
CA LYS A 14 -0.48 1.05 -2.63
C LYS A 14 -1.86 0.84 -3.24
N HIS A 15 -1.87 0.45 -4.51
CA HIS A 15 -3.10 0.15 -5.26
C HIS A 15 -4.25 1.06 -4.86
N ILE A 16 -3.89 2.17 -4.21
CA ILE A 16 -4.86 3.13 -3.76
C ILE A 16 -4.17 4.19 -2.98
N GLY A 17 -3.28 3.75 -2.19
CA GLY A 17 -2.45 4.64 -1.45
C GLY A 17 -1.42 5.15 -2.43
N HIS A 18 -1.36 4.45 -3.60
CA HIS A 18 -0.44 4.84 -4.67
C HIS A 18 -1.18 5.72 -5.68
N ALA A 19 -2.42 5.35 -6.04
CA ALA A 19 -3.18 6.14 -7.02
C ALA A 19 -4.40 5.35 -7.51
N ALA A 20 -4.71 4.25 -6.84
CA ALA A 20 -5.84 3.43 -7.26
C ALA A 20 -5.64 2.97 -8.70
N VAL A 21 -4.45 3.24 -9.21
CA VAL A 21 -4.07 2.88 -10.57
C VAL A 21 -2.57 2.61 -10.61
N ASN A 22 -1.90 2.95 -9.49
CA ASN A 22 -0.44 2.77 -9.32
C ASN A 22 0.28 4.10 -9.49
N HIS A 23 -0.19 4.91 -10.43
CA HIS A 23 0.43 6.21 -10.68
C HIS A 23 -0.41 7.03 -11.66
N TYR A 24 0.04 8.26 -11.94
CA TYR A 24 -0.67 9.15 -12.86
C TYR A 24 -2.18 9.10 -12.65
N LEU A 25 -2.59 8.77 -11.43
CA LEU A 25 -4.02 8.70 -11.12
C LEU A 25 -4.72 7.74 -12.08
N GLY A 1 -1.47 -4.46 19.13
CA GLY A 1 -0.14 -4.48 18.55
C GLY A 1 -0.08 -5.35 17.31
N TRP A 2 -0.59 -4.82 16.20
CA TRP A 2 -0.60 -5.55 14.94
C TRP A 2 0.81 -6.00 14.57
N GLY A 3 0.95 -7.26 14.19
CA GLY A 3 2.24 -7.80 13.81
C GLY A 3 2.66 -7.36 12.43
N SER A 4 1.85 -6.51 11.81
CA SER A 4 2.14 -6.02 10.47
C SER A 4 3.34 -5.08 10.49
N ILE A 5 4.00 -4.93 9.35
CA ILE A 5 5.16 -4.06 9.24
C ILE A 5 5.53 -3.83 7.77
N PHE A 6 5.54 -4.92 6.99
CA PHE A 6 5.88 -4.84 5.57
C PHE A 6 4.60 -4.80 4.73
N LYS A 7 3.52 -5.31 5.29
CA LYS A 7 2.23 -5.33 4.60
C LYS A 7 1.68 -3.91 4.44
N HIS A 8 1.29 -3.31 5.56
CA HIS A 8 0.74 -1.96 5.54
C HIS A 8 1.84 -0.93 5.37
N GLY A 9 2.47 -0.92 4.19
CA GLY A 9 3.54 0.02 3.92
C GLY A 9 4.13 -0.16 2.54
N ARG A 10 4.42 -1.42 2.18
CA ARG A 10 5.00 -1.73 0.87
C ARG A 10 3.93 -2.22 -0.09
N HIS A 11 2.70 -2.27 0.38
CA HIS A 11 1.59 -2.72 -0.45
C HIS A 11 0.28 -2.24 0.11
N ALA A 12 -0.60 -1.90 -0.83
CA ALA A 12 -1.93 -1.36 -0.58
C ALA A 12 -1.81 0.04 -0.07
N ALA A 13 -0.69 0.27 0.66
CA ALA A 13 -0.35 1.62 0.89
C ALA A 13 -0.16 1.98 -0.58
N LYS A 14 -0.45 0.88 -1.37
CA LYS A 14 -0.43 0.88 -2.83
C LYS A 14 -1.80 0.61 -3.43
N HIS A 15 -1.81 0.38 -4.74
CA HIS A 15 -3.02 0.05 -5.49
C HIS A 15 -4.24 0.75 -4.92
N ILE A 16 -4.00 1.84 -4.18
CA ILE A 16 -5.06 2.60 -3.57
C ILE A 16 -4.46 3.59 -2.63
N GLY A 17 -3.45 3.14 -2.00
CA GLY A 17 -2.68 4.02 -1.17
C GLY A 17 -1.74 4.72 -2.10
N HIS A 18 -1.69 4.19 -3.34
CA HIS A 18 -0.84 4.78 -4.39
C HIS A 18 -1.66 5.79 -5.20
N ALA A 19 -2.95 5.52 -5.43
CA ALA A 19 -3.77 6.48 -6.23
C ALA A 19 -5.24 6.42 -5.86
N ALA A 20 -5.54 6.02 -4.65
CA ALA A 20 -6.94 5.95 -4.20
C ALA A 20 -7.75 4.99 -5.07
N VAL A 21 -7.14 4.45 -6.12
CA VAL A 21 -7.84 3.53 -7.02
C VAL A 21 -6.87 2.53 -7.66
N ASN A 22 -5.61 2.94 -7.82
CA ASN A 22 -4.62 2.05 -8.43
C ASN A 22 -3.21 2.68 -8.36
N HIS A 23 -2.86 3.41 -9.42
CA HIS A 23 -1.55 4.05 -9.49
C HIS A 23 -1.57 5.19 -10.51
N TYR A 24 -2.75 5.76 -10.71
CA TYR A 24 -2.91 6.86 -11.67
C TYR A 24 -2.33 8.16 -11.10
N LEU A 25 -1.49 8.03 -10.08
CA LEU A 25 -0.88 9.20 -9.47
C LEU A 25 0.30 8.78 -8.58
N GLY A 1 2.04 -6.79 16.89
CA GLY A 1 1.68 -8.19 16.80
C GLY A 1 0.29 -8.38 16.24
N TRP A 2 0.21 -8.92 15.03
CA TRP A 2 -1.08 -9.15 14.38
C TRP A 2 -0.91 -10.02 13.14
N GLY A 3 -0.12 -9.53 12.19
CA GLY A 3 0.13 -10.27 10.97
C GLY A 3 0.77 -9.38 9.91
N SER A 4 0.56 -8.08 10.03
CA SER A 4 1.12 -7.12 9.08
C SER A 4 2.55 -6.76 9.49
N ILE A 5 3.50 -7.64 9.20
CA ILE A 5 4.89 -7.40 9.54
C ILE A 5 5.46 -6.31 8.64
N PHE A 6 4.93 -6.21 7.43
CA PHE A 6 5.38 -5.20 6.47
C PHE A 6 4.31 -4.94 5.43
N LYS A 7 3.21 -5.68 5.52
CA LYS A 7 2.11 -5.52 4.56
C LYS A 7 1.79 -4.05 4.33
N HIS A 8 1.08 -3.44 5.27
CA HIS A 8 0.72 -2.03 5.16
C HIS A 8 1.96 -1.16 5.35
N GLY A 9 3.11 -1.80 5.56
CA GLY A 9 4.35 -1.08 5.75
C GLY A 9 4.99 -0.66 4.44
N ARG A 10 4.58 -1.30 3.36
CA ARG A 10 5.13 -0.98 2.04
C ARG A 10 4.27 -1.57 0.93
N HIS A 11 2.98 -1.72 1.20
CA HIS A 11 2.06 -2.25 0.20
C HIS A 11 0.63 -1.97 0.57
N ALA A 12 -0.16 -1.77 -0.49
CA ALA A 12 -1.58 -1.45 -0.42
C ALA A 12 -1.77 -0.06 0.10
N ALA A 13 -0.82 0.34 0.98
CA ALA A 13 -0.74 1.71 1.27
C ALA A 13 -0.39 2.14 -0.16
N LYS A 14 -0.37 1.01 -0.99
CA LYS A 14 -0.13 1.05 -2.43
C LYS A 14 -1.35 0.59 -3.21
N HIS A 15 -1.13 0.40 -4.52
CA HIS A 15 -2.15 -0.07 -5.45
C HIS A 15 -3.53 0.43 -5.09
N ILE A 16 -3.57 1.47 -4.27
CA ILE A 16 -4.80 2.08 -3.84
C ILE A 16 -4.51 3.15 -2.86
N GLY A 17 -3.59 2.84 -2.02
CA GLY A 17 -3.11 3.81 -1.09
C GLY A 17 -2.17 4.68 -1.88
N HIS A 18 -1.83 4.18 -3.10
CA HIS A 18 -0.96 4.92 -4.01
C HIS A 18 -1.81 5.76 -4.95
N ALA A 19 -2.88 5.16 -5.50
CA ALA A 19 -3.77 5.88 -6.43
C ALA A 19 -4.65 4.89 -7.20
N ALA A 20 -4.68 3.64 -6.73
CA ALA A 20 -5.47 2.62 -7.41
C ALA A 20 -5.00 2.49 -8.85
N VAL A 21 -3.89 3.17 -9.15
CA VAL A 21 -3.29 3.15 -10.49
C VAL A 21 -1.77 3.19 -10.37
N ASN A 22 -1.30 3.43 -9.13
CA ASN A 22 0.13 3.52 -8.78
C ASN A 22 0.53 4.97 -8.55
N HIS A 23 -0.03 5.87 -9.34
CA HIS A 23 0.29 7.29 -9.22
C HIS A 23 -0.67 8.13 -10.06
N TYR A 24 -0.13 9.09 -10.80
CA TYR A 24 -0.95 9.96 -11.64
C TYR A 24 -2.05 10.60 -10.82
N LEU A 25 -1.86 10.64 -9.50
CA LEU A 25 -2.84 11.25 -8.61
C LEU A 25 -3.05 12.71 -8.96
N GLY A 1 5.72 -4.51 17.13
CA GLY A 1 4.72 -4.90 18.10
C GLY A 1 3.42 -4.13 17.94
N TRP A 2 3.43 -3.15 17.05
CA TRP A 2 2.25 -2.34 16.79
C TRP A 2 1.12 -3.19 16.22
N GLY A 3 1.23 -3.53 14.94
CA GLY A 3 0.22 -4.35 14.28
C GLY A 3 0.49 -4.51 12.81
N SER A 4 1.65 -4.01 12.37
CA SER A 4 2.03 -4.10 10.96
C SER A 4 3.53 -3.87 10.80
N ILE A 5 4.26 -4.95 10.53
CA ILE A 5 5.71 -4.88 10.35
C ILE A 5 6.06 -3.78 9.35
N PHE A 6 5.32 -3.73 8.25
CA PHE A 6 5.54 -2.73 7.21
C PHE A 6 4.46 -2.85 6.14
N LYS A 7 3.50 -3.73 6.38
CA LYS A 7 2.41 -3.94 5.43
C LYS A 7 1.71 -2.62 5.11
N HIS A 8 1.72 -1.70 6.07
CA HIS A 8 1.08 -0.40 5.88
C HIS A 8 2.04 0.58 5.19
N GLY A 9 2.59 0.16 4.05
CA GLY A 9 3.51 0.99 3.31
C GLY A 9 4.10 0.26 2.12
N ARG A 10 4.07 -1.07 2.18
CA ARG A 10 4.61 -1.89 1.10
C ARG A 10 3.62 -1.99 -0.06
N HIS A 11 3.12 -3.19 -0.29
CA HIS A 11 2.16 -3.45 -1.36
C HIS A 11 0.77 -3.29 -0.86
N ALA A 12 -0.08 -2.80 -1.77
CA ALA A 12 -1.49 -2.51 -1.52
C ALA A 12 -1.63 -1.35 -0.59
N ALA A 13 -0.64 -1.24 0.33
CA ALA A 13 -0.53 -0.01 1.00
C ALA A 13 -0.25 0.82 -0.25
N LYS A 14 -0.26 -0.02 -1.36
CA LYS A 14 -0.10 0.47 -2.73
C LYS A 14 -1.36 0.27 -3.56
N HIS A 15 -1.22 0.47 -4.88
CA HIS A 15 -2.29 0.30 -5.86
C HIS A 15 -3.64 0.68 -5.29
N ILE A 16 -3.61 1.45 -4.20
CA ILE A 16 -4.80 1.91 -3.54
C ILE A 16 -4.42 2.64 -2.31
N GLY A 17 -3.55 2.04 -1.61
CA GLY A 17 -2.99 2.67 -0.46
C GLY A 17 -2.07 3.74 -0.99
N HIS A 18 -1.77 3.63 -2.30
CA HIS A 18 -0.92 4.62 -2.97
C HIS A 18 -1.81 5.72 -3.56
N ALA A 19 -2.89 5.32 -4.25
CA ALA A 19 -3.82 6.30 -4.86
C ALA A 19 -4.71 5.59 -5.88
N ALA A 20 -4.74 4.26 -5.83
CA ALA A 20 -5.55 3.50 -6.77
C ALA A 20 -5.12 3.83 -8.20
N VAL A 21 -4.01 4.56 -8.30
CA VAL A 21 -3.46 4.97 -9.59
C VAL A 21 -1.94 4.99 -9.51
N ASN A 22 -1.43 4.83 -8.28
CA ASN A 22 0.01 4.81 -7.96
C ASN A 22 0.41 6.13 -7.34
N HIS A 23 -0.20 7.21 -7.80
CA HIS A 23 0.09 8.55 -7.28
C HIS A 23 -0.80 9.58 -7.98
N TYR A 24 -1.95 9.86 -7.37
CA TYR A 24 -2.90 10.83 -7.92
C TYR A 24 -3.56 11.62 -6.79
N LEU A 25 -3.05 11.45 -5.59
CA LEU A 25 -3.59 12.14 -4.43
C LEU A 25 -5.09 11.90 -4.32
N GLY A 1 -6.97 -8.14 12.79
CA GLY A 1 -5.58 -7.77 12.63
C GLY A 1 -4.71 -8.97 12.30
N TRP A 2 -3.42 -8.73 12.11
CA TRP A 2 -2.49 -9.81 11.79
C TRP A 2 -1.04 -9.34 11.95
N GLY A 3 -0.88 -8.17 12.55
CA GLY A 3 0.46 -7.61 12.76
C GLY A 3 1.05 -7.08 11.47
N SER A 4 0.36 -7.30 10.37
CA SER A 4 0.83 -6.84 9.07
C SER A 4 2.29 -7.23 8.85
N ILE A 5 2.50 -8.33 8.15
CA ILE A 5 3.86 -8.80 7.87
C ILE A 5 4.56 -7.85 6.91
N PHE A 6 3.83 -7.41 5.88
CA PHE A 6 4.38 -6.49 4.90
C PHE A 6 3.23 -5.70 4.23
N LYS A 7 2.01 -6.07 4.58
CA LYS A 7 0.84 -5.40 4.01
C LYS A 7 0.90 -3.91 4.31
N HIS A 8 0.64 -3.55 5.57
CA HIS A 8 0.68 -2.14 5.98
C HIS A 8 2.12 -1.70 6.25
N GLY A 9 2.93 -1.63 5.20
CA GLY A 9 4.31 -1.24 5.34
C GLY A 9 4.96 -0.98 4.00
N ARG A 10 4.34 -1.46 2.94
CA ARG A 10 4.89 -1.28 1.59
C ARG A 10 3.90 -1.78 0.55
N HIS A 11 2.65 -1.95 0.94
CA HIS A 11 1.61 -2.42 0.02
C HIS A 11 0.25 -2.02 0.49
N ALA A 12 -0.60 -1.76 -0.50
CA ALA A 12 -1.98 -1.31 -0.32
C ALA A 12 -1.99 0.10 0.19
N ALA A 13 -0.95 0.41 0.98
CA ALA A 13 -0.72 1.78 1.23
C ALA A 13 -0.45 2.15 -0.22
N LYS A 14 -0.61 1.03 -1.02
CA LYS A 14 -0.50 1.03 -2.48
C LYS A 14 -1.81 0.67 -3.15
N HIS A 15 -1.72 0.44 -4.47
CA HIS A 15 -2.86 0.04 -5.30
C HIS A 15 -4.15 0.68 -4.83
N ILE A 16 -4.02 1.74 -4.04
CA ILE A 16 -5.14 2.46 -3.51
C ILE A 16 -4.67 3.51 -2.58
N GLY A 17 -3.74 3.12 -1.81
CA GLY A 17 -3.09 4.06 -0.93
C GLY A 17 -2.16 4.84 -1.80
N HIS A 18 -1.95 4.32 -3.04
CA HIS A 18 -1.10 5.00 -4.02
C HIS A 18 -1.96 5.88 -4.92
N ALA A 19 -3.10 5.35 -5.40
CA ALA A 19 -3.99 6.12 -6.27
C ALA A 19 -5.02 5.19 -6.93
N ALA A 20 -5.14 3.98 -6.43
CA ALA A 20 -6.08 3.02 -6.99
C ALA A 20 -5.74 2.79 -8.46
N VAL A 21 -4.61 3.34 -8.89
CA VAL A 21 -4.14 3.23 -10.26
C VAL A 21 -2.62 3.23 -10.27
N ASN A 22 -2.03 3.51 -9.09
CA ASN A 22 -0.57 3.57 -8.89
C ASN A 22 -0.11 5.02 -8.84
N HIS A 23 -0.74 5.84 -9.67
CA HIS A 23 -0.39 7.26 -9.74
C HIS A 23 -1.34 8.00 -10.67
N TYR A 24 -1.18 9.32 -10.76
CA TYR A 24 -2.04 10.13 -11.62
C TYR A 24 -3.51 9.88 -11.29
N LEU A 25 -3.79 9.57 -10.02
CA LEU A 25 -5.16 9.32 -9.60
C LEU A 25 -5.79 8.22 -10.44
N GLY A 1 -4.72 -6.66 15.22
CA GLY A 1 -4.00 -6.97 14.00
C GLY A 1 -2.56 -7.36 14.29
N TRP A 2 -2.15 -8.50 13.75
CA TRP A 2 -0.79 -8.99 13.95
C TRP A 2 0.22 -7.99 13.41
N GLY A 3 -0.28 -7.00 12.68
CA GLY A 3 0.60 -5.99 12.10
C GLY A 3 1.43 -6.53 10.96
N SER A 4 1.26 -7.82 10.67
CA SER A 4 2.02 -8.46 9.60
C SER A 4 3.51 -8.17 9.75
N ILE A 5 4.31 -8.73 8.85
CA ILE A 5 5.76 -8.54 8.89
C ILE A 5 6.16 -7.31 8.09
N PHE A 6 5.45 -7.05 6.99
CA PHE A 6 5.74 -5.89 6.15
C PHE A 6 4.54 -5.55 5.27
N LYS A 7 3.51 -6.39 5.33
CA LYS A 7 2.31 -6.15 4.52
C LYS A 7 1.80 -4.73 4.72
N HIS A 8 1.33 -4.45 5.94
CA HIS A 8 0.81 -3.12 6.27
C HIS A 8 1.96 -2.13 6.44
N GLY A 9 2.59 -1.76 5.33
CA GLY A 9 3.69 -0.82 5.37
C GLY A 9 4.38 -0.69 4.03
N ARG A 10 4.07 -1.61 3.12
CA ARG A 10 4.65 -1.60 1.77
C ARG A 10 3.62 -2.07 0.75
N HIS A 11 2.36 -2.17 1.18
CA HIS A 11 1.30 -2.59 0.28
C HIS A 11 -0.03 -2.04 0.73
N ALA A 12 -0.84 -1.75 -0.27
CA ALA A 12 -2.17 -1.14 -0.13
C ALA A 12 -2.03 0.29 0.28
N ALA A 13 -0.93 0.53 1.05
CA ALA A 13 -0.56 1.87 1.21
C ALA A 13 -0.26 2.12 -0.27
N LYS A 14 -0.57 0.98 -1.01
CA LYS A 14 -0.46 0.88 -2.45
C LYS A 14 -1.82 0.62 -3.10
N HIS A 15 -1.75 0.31 -4.40
CA HIS A 15 -2.93 -0.03 -5.21
C HIS A 15 -4.16 0.72 -4.74
N ILE A 16 -3.92 1.87 -4.11
CA ILE A 16 -4.99 2.71 -3.59
C ILE A 16 -4.40 3.75 -2.71
N GLY A 17 -3.39 3.35 -2.03
CA GLY A 17 -2.63 4.27 -1.25
C GLY A 17 -1.66 4.86 -2.24
N HIS A 18 -1.58 4.20 -3.41
CA HIS A 18 -0.71 4.67 -4.50
C HIS A 18 -1.46 5.68 -5.35
N ALA A 19 -2.76 5.44 -5.62
CA ALA A 19 -3.51 6.37 -6.48
C ALA A 19 -4.99 6.45 -6.13
N ALA A 20 -5.34 6.11 -4.90
CA ALA A 20 -6.74 6.17 -4.49
C ALA A 20 -7.62 5.36 -5.42
N VAL A 21 -6.99 4.64 -6.37
CA VAL A 21 -7.73 3.83 -7.34
C VAL A 21 -6.89 2.63 -7.78
N ASN A 22 -5.57 2.81 -7.81
CA ASN A 22 -4.66 1.74 -8.22
C ASN A 22 -3.25 2.31 -8.44
N HIS A 23 -3.09 3.03 -9.55
CA HIS A 23 -1.79 3.62 -9.88
C HIS A 23 -1.97 4.70 -10.94
N TYR A 24 -3.17 5.26 -11.02
CA TYR A 24 -3.46 6.31 -12.00
C TYR A 24 -2.40 7.40 -11.95
N LEU A 25 -1.78 7.56 -10.79
CA LEU A 25 -0.74 8.59 -10.63
C LEU A 25 0.30 8.46 -11.74
N GLY A 1 -1.29 -10.77 19.25
CA GLY A 1 -2.01 -10.48 18.02
C GLY A 1 -1.09 -10.39 16.82
N TRP A 2 -1.64 -10.02 15.67
CA TRP A 2 -0.85 -9.90 14.46
C TRP A 2 0.22 -8.84 14.62
N GLY A 3 0.73 -8.33 13.50
CA GLY A 3 1.76 -7.31 13.53
C GLY A 3 2.05 -6.74 12.16
N SER A 4 1.22 -7.10 11.19
CA SER A 4 1.39 -6.63 9.82
C SER A 4 2.82 -6.87 9.35
N ILE A 5 3.01 -7.92 8.56
CA ILE A 5 4.33 -8.24 8.05
C ILE A 5 4.75 -7.24 6.97
N PHE A 6 5.10 -6.03 7.41
CA PHE A 6 5.52 -4.98 6.48
C PHE A 6 4.47 -4.80 5.39
N LYS A 7 3.24 -5.22 5.67
CA LYS A 7 2.15 -5.09 4.71
C LYS A 7 1.74 -3.63 4.56
N HIS A 8 1.37 -3.01 5.68
CA HIS A 8 0.95 -1.61 5.66
C HIS A 8 2.16 -0.70 5.45
N GLY A 9 2.60 -0.59 4.20
CA GLY A 9 3.74 0.25 3.87
C GLY A 9 4.21 0.03 2.45
N ARG A 10 4.37 -1.24 2.08
CA ARG A 10 4.82 -1.60 0.73
C ARG A 10 3.64 -2.08 -0.11
N HIS A 11 2.46 -2.07 0.51
CA HIS A 11 1.24 -2.48 -0.19
C HIS A 11 0.04 -1.80 0.42
N ALA A 12 -0.89 -1.47 -0.48
CA ALA A 12 -2.13 -0.77 -0.17
C ALA A 12 -1.82 0.66 0.16
N ALA A 13 -0.62 0.85 0.73
CA ALA A 13 -0.12 2.16 0.78
C ALA A 13 -0.05 2.32 -0.75
N LYS A 14 -0.53 1.17 -1.36
CA LYS A 14 -0.67 1.00 -2.81
C LYS A 14 -2.11 0.82 -3.22
N HIS A 15 -2.31 0.44 -4.50
CA HIS A 15 -3.63 0.17 -5.06
C HIS A 15 -4.68 1.10 -4.48
N ILE A 16 -4.23 2.20 -3.91
CA ILE A 16 -5.11 3.17 -3.32
C ILE A 16 -4.30 4.22 -2.62
N GLY A 17 -3.33 3.75 -1.95
CA GLY A 17 -2.39 4.62 -1.33
C GLY A 17 -1.50 5.11 -2.44
N HIS A 18 -1.61 4.44 -3.60
CA HIS A 18 -0.84 4.82 -4.79
C HIS A 18 -1.69 5.73 -5.68
N ALA A 19 -2.96 5.36 -5.89
CA ALA A 19 -3.85 6.18 -6.74
C ALA A 19 -5.14 5.42 -7.04
N ALA A 20 -5.34 4.28 -6.38
CA ALA A 20 -6.53 3.48 -6.62
C ALA A 20 -6.56 3.06 -8.09
N VAL A 21 -5.44 3.35 -8.76
CA VAL A 21 -5.27 3.02 -10.16
C VAL A 21 -3.80 2.73 -10.43
N ASN A 22 -2.99 2.98 -9.39
CA ASN A 22 -1.52 2.78 -9.41
C ASN A 22 -0.81 4.08 -9.73
N HIS A 23 -1.42 4.87 -10.59
CA HIS A 23 -0.84 6.16 -10.98
C HIS A 23 -1.85 6.97 -11.80
N TYR A 24 -1.36 7.97 -12.52
CA TYR A 24 -2.24 8.80 -13.34
C TYR A 24 -3.36 9.41 -12.49
N LEU A 25 -3.21 9.30 -11.18
CA LEU A 25 -4.22 9.83 -10.26
C LEU A 25 -5.58 9.16 -10.51
N GLY A 1 3.62 -5.31 18.32
CA GLY A 1 3.47 -3.91 17.98
C GLY A 1 2.32 -3.69 17.01
N TRP A 2 2.59 -2.97 15.93
CA TRP A 2 1.57 -2.69 14.93
C TRP A 2 1.07 -3.98 14.29
N GLY A 3 1.87 -5.05 14.43
CA GLY A 3 1.50 -6.33 13.88
C GLY A 3 1.79 -6.39 12.39
N SER A 4 2.11 -5.24 11.81
CA SER A 4 2.41 -5.14 10.38
C SER A 4 3.91 -5.30 10.14
N ILE A 5 4.32 -6.48 9.70
CA ILE A 5 5.73 -6.74 9.44
C ILE A 5 6.21 -5.90 8.27
N PHE A 6 5.39 -5.81 7.23
CA PHE A 6 5.75 -5.01 6.06
C PHE A 6 4.53 -4.82 5.16
N LYS A 7 3.45 -5.52 5.48
CA LYS A 7 2.23 -5.41 4.70
C LYS A 7 1.79 -3.95 4.58
N HIS A 8 1.41 -3.36 5.70
CA HIS A 8 0.98 -1.96 5.72
C HIS A 8 2.20 -1.02 5.76
N GLY A 9 2.96 -1.02 4.67
CA GLY A 9 4.14 -0.17 4.60
C GLY A 9 4.75 -0.19 3.21
N ARG A 10 4.44 -1.24 2.44
CA ARG A 10 4.96 -1.38 1.07
C ARG A 10 3.86 -1.85 0.14
N HIS A 11 2.63 -1.91 0.66
CA HIS A 11 1.49 -2.35 -0.14
C HIS A 11 0.22 -1.75 0.37
N ALA A 12 -0.66 -1.48 -0.59
CA ALA A 12 -1.97 -0.87 -0.37
C ALA A 12 -1.79 0.58 0.00
N ALA A 13 -0.66 0.84 0.68
CA ALA A 13 -0.27 2.19 0.78
C ALA A 13 -0.08 2.39 -0.72
N LYS A 14 -0.42 1.22 -1.39
CA LYS A 14 -0.42 1.08 -2.85
C LYS A 14 -1.81 0.80 -3.39
N HIS A 15 -1.86 0.42 -4.67
CA HIS A 15 -3.11 0.08 -5.36
C HIS A 15 -4.29 0.91 -4.88
N ILE A 16 -3.97 2.01 -4.22
CA ILE A 16 -4.96 2.90 -3.70
C ILE A 16 -4.31 3.99 -2.94
N GLY A 17 -3.39 3.57 -2.16
CA GLY A 17 -2.57 4.50 -1.43
C GLY A 17 -1.63 5.08 -2.44
N HIS A 18 -1.58 4.42 -3.62
CA HIS A 18 -0.74 4.89 -4.73
C HIS A 18 -1.57 5.82 -5.61
N ALA A 19 -2.80 5.41 -5.93
CA ALA A 19 -3.70 6.21 -6.77
C ALA A 19 -4.83 5.33 -7.32
N ALA A 20 -4.97 4.14 -6.75
CA ALA A 20 -6.01 3.22 -7.22
C ALA A 20 -5.81 2.97 -8.71
N VAL A 21 -4.66 3.42 -9.20
CA VAL A 21 -4.30 3.27 -10.62
C VAL A 21 -2.80 3.04 -10.72
N ASN A 22 -2.13 3.18 -9.57
CA ASN A 22 -0.66 3.01 -9.44
C ASN A 22 0.01 4.38 -9.40
N HIS A 23 -0.51 5.31 -10.18
CA HIS A 23 0.05 6.66 -10.23
C HIS A 23 -0.91 7.60 -10.94
N TYR A 24 -0.38 8.45 -11.82
CA TYR A 24 -1.21 9.40 -12.57
C TYR A 24 -2.20 10.10 -11.64
N LEU A 25 -1.79 10.30 -10.39
CA LEU A 25 -2.65 10.97 -9.41
C LEU A 25 -3.26 12.24 -10.00
N GLY A 1 4.44 -7.96 17.28
CA GLY A 1 3.01 -7.70 17.23
C GLY A 1 2.40 -8.20 15.94
N TRP A 2 1.89 -7.27 15.13
CA TRP A 2 1.27 -7.63 13.86
C TRP A 2 2.21 -8.50 13.03
N GLY A 3 1.69 -9.61 12.51
CA GLY A 3 2.48 -10.51 11.71
C GLY A 3 2.89 -9.88 10.40
N SER A 4 2.14 -8.88 9.95
CA SER A 4 2.43 -8.20 8.70
C SER A 4 3.88 -7.71 8.68
N ILE A 5 4.76 -8.52 8.10
CA ILE A 5 6.17 -8.15 8.02
C ILE A 5 6.36 -6.98 7.06
N PHE A 6 5.45 -6.85 6.10
CA PHE A 6 5.54 -5.76 5.12
C PHE A 6 4.18 -5.55 4.45
N LYS A 7 3.26 -6.46 4.68
CA LYS A 7 1.92 -6.36 4.08
C LYS A 7 1.29 -5.03 4.44
N HIS A 8 1.63 -4.51 5.63
CA HIS A 8 1.10 -3.23 6.10
C HIS A 8 2.24 -2.27 6.43
N GLY A 9 3.17 -2.13 5.47
CA GLY A 9 4.31 -1.25 5.64
C GLY A 9 4.78 -0.70 4.31
N ARG A 10 4.22 -1.21 3.22
CA ARG A 10 4.60 -0.76 1.89
C ARG A 10 3.61 -1.29 0.86
N HIS A 11 2.39 -1.60 1.31
CA HIS A 11 1.34 -2.10 0.42
C HIS A 11 0.00 -1.57 0.84
N ALA A 12 -0.83 -1.37 -0.18
CA ALA A 12 -2.18 -0.82 -0.07
C ALA A 12 -2.11 0.63 0.28
N ALA A 13 -1.04 0.97 1.03
CA ALA A 13 -0.73 2.35 1.12
C ALA A 13 -0.45 2.53 -0.37
N LYS A 14 -0.68 1.33 -1.04
CA LYS A 14 -0.58 1.16 -2.48
C LYS A 14 -1.91 0.80 -3.11
N HIS A 15 -1.85 0.40 -4.39
CA HIS A 15 -3.02 -0.04 -5.16
C HIS A 15 -4.27 0.74 -4.77
N ILE A 16 -4.06 1.89 -4.14
CA ILE A 16 -5.13 2.74 -3.71
C ILE A 16 -4.57 3.89 -2.95
N GLY A 17 -3.67 3.54 -2.10
CA GLY A 17 -2.95 4.53 -1.38
C GLY A 17 -1.97 5.11 -2.37
N HIS A 18 -1.83 4.39 -3.51
CA HIS A 18 -0.95 4.84 -4.60
C HIS A 18 -1.76 5.63 -5.63
N ALA A 19 -2.91 5.09 -6.05
CA ALA A 19 -3.74 5.78 -7.04
C ALA A 19 -4.88 4.88 -7.52
N ALA A 20 -5.10 3.77 -6.82
CA ALA A 20 -6.14 2.83 -7.22
C ALA A 20 -5.87 2.36 -8.64
N VAL A 21 -4.69 2.72 -9.14
CA VAL A 21 -4.26 2.36 -10.48
C VAL A 21 -2.75 2.16 -10.47
N ASN A 22 -2.15 2.50 -9.32
CA ASN A 22 -0.70 2.39 -9.08
C ASN A 22 -0.01 3.75 -9.30
N HIS A 23 -0.51 4.48 -10.29
CA HIS A 23 0.04 5.80 -10.61
C HIS A 23 -0.99 6.65 -11.35
N TYR A 24 -0.53 7.68 -12.04
CA TYR A 24 -1.42 8.55 -12.79
C TYR A 24 -2.50 9.13 -11.88
N LEU A 25 -2.22 9.15 -10.58
CA LEU A 25 -3.18 9.66 -9.61
C LEU A 25 -4.54 9.00 -9.80
N GLY A 1 8.28 -6.16 15.78
CA GLY A 1 7.32 -6.24 16.86
C GLY A 1 6.31 -7.35 16.64
N TRP A 2 5.25 -7.05 15.92
CA TRP A 2 4.21 -8.03 15.63
C TRP A 2 4.78 -9.20 14.83
N GLY A 3 5.11 -8.94 13.57
CA GLY A 3 5.66 -9.97 12.71
C GLY A 3 5.71 -9.54 11.26
N SER A 4 4.84 -8.60 10.90
CA SER A 4 4.81 -8.10 9.53
C SER A 4 6.16 -7.51 9.13
N ILE A 5 6.74 -8.05 8.07
CA ILE A 5 8.04 -7.57 7.61
C ILE A 5 7.90 -6.16 7.01
N PHE A 6 6.94 -6.00 6.10
CA PHE A 6 6.70 -4.70 5.47
C PHE A 6 5.31 -4.67 4.85
N LYS A 7 4.61 -5.79 4.90
CA LYS A 7 3.27 -5.88 4.34
C LYS A 7 2.36 -4.83 4.99
N HIS A 8 2.21 -4.92 6.30
CA HIS A 8 1.36 -3.98 7.03
C HIS A 8 2.08 -2.64 7.20
N GLY A 9 2.75 -2.20 6.15
CA GLY A 9 3.47 -0.94 6.19
C GLY A 9 4.14 -0.62 4.87
N ARG A 10 3.64 -1.26 3.80
CA ARG A 10 4.19 -1.04 2.47
C ARG A 10 3.25 -1.61 1.41
N HIS A 11 1.94 -1.53 1.70
CA HIS A 11 0.93 -2.04 0.77
C HIS A 11 -0.39 -1.37 1.00
N ALA A 12 -1.08 -1.18 -0.12
CA ALA A 12 -2.38 -0.52 -0.19
C ALA A 12 -2.20 0.95 0.04
N ALA A 13 -1.17 1.26 0.87
CA ALA A 13 -0.74 2.60 0.88
C ALA A 13 -0.30 2.62 -0.59
N LYS A 14 -0.59 1.40 -1.17
CA LYS A 14 -0.36 1.08 -2.58
C LYS A 14 -1.67 0.79 -3.31
N HIS A 15 -1.52 0.28 -4.54
CA HIS A 15 -2.66 -0.11 -5.38
C HIS A 15 -3.86 0.79 -5.18
N ILE A 16 -3.60 1.97 -4.63
CA ILE A 16 -4.61 2.94 -4.36
C ILE A 16 -4.04 4.09 -3.62
N GLY A 17 -3.24 3.73 -2.68
CA GLY A 17 -2.50 4.71 -1.94
C GLY A 17 -1.37 5.13 -2.84
N HIS A 18 -1.19 4.34 -3.93
CA HIS A 18 -0.15 4.64 -4.92
C HIS A 18 -0.79 5.46 -6.06
N ALA A 19 -1.97 5.03 -6.51
CA ALA A 19 -2.68 5.72 -7.61
C ALA A 19 -3.75 4.81 -8.21
N ALA A 20 -4.06 3.72 -7.52
CA ALA A 20 -5.05 2.78 -8.02
C ALA A 20 -4.62 2.27 -9.38
N VAL A 21 -3.39 2.61 -9.75
CA VAL A 21 -2.81 2.21 -11.04
C VAL A 21 -1.32 1.94 -10.87
N ASN A 22 -0.81 2.31 -9.67
CA ASN A 22 0.60 2.15 -9.29
C ASN A 22 1.32 3.49 -9.33
N HIS A 23 0.96 4.31 -10.31
CA HIS A 23 1.57 5.62 -10.46
C HIS A 23 0.82 6.45 -11.50
N TYR A 24 1.54 6.97 -12.48
CA TYR A 24 0.92 7.77 -13.54
C TYR A 24 0.11 8.91 -12.93
N LEU A 25 0.29 9.13 -11.64
CA LEU A 25 -0.42 10.20 -10.94
C LEU A 25 -1.92 9.90 -10.95
N GLY A 1 9.58 -10.38 14.72
CA GLY A 1 9.00 -9.86 13.50
C GLY A 1 7.66 -10.50 13.19
N TRP A 2 7.38 -10.69 11.89
CA TRP A 2 6.13 -11.31 11.47
C TRP A 2 6.29 -11.93 10.08
N GLY A 3 7.46 -11.73 9.48
CA GLY A 3 7.72 -12.28 8.17
C GLY A 3 6.99 -11.53 7.07
N SER A 4 6.26 -10.49 7.46
CA SER A 4 5.51 -9.69 6.50
C SER A 4 6.46 -8.93 5.57
N ILE A 5 6.29 -9.11 4.26
CA ILE A 5 7.14 -8.43 3.29
C ILE A 5 6.77 -6.95 3.22
N PHE A 6 7.12 -6.21 4.27
CA PHE A 6 6.82 -4.79 4.32
C PHE A 6 5.32 -4.53 4.14
N LYS A 7 4.55 -5.61 4.07
CA LYS A 7 3.10 -5.48 3.88
C LYS A 7 2.47 -4.81 5.10
N HIS A 8 3.16 -4.87 6.23
CA HIS A 8 2.65 -4.27 7.46
C HIS A 8 2.80 -2.74 7.43
N GLY A 9 3.19 -2.22 6.27
CA GLY A 9 3.37 -0.78 6.13
C GLY A 9 4.03 -0.40 4.82
N ARG A 10 3.54 -0.98 3.72
CA ARG A 10 4.10 -0.69 2.40
C ARG A 10 3.23 -1.31 1.32
N HIS A 11 1.92 -1.34 1.55
CA HIS A 11 0.99 -1.90 0.58
C HIS A 11 -0.39 -1.35 0.78
N ALA A 12 -1.08 -1.24 -0.35
CA ALA A 12 -2.44 -0.70 -0.46
C ALA A 12 -2.41 0.78 -0.21
N ALA A 13 -1.46 1.18 0.65
CA ALA A 13 -1.17 2.56 0.68
C ALA A 13 -0.69 2.65 -0.77
N LYS A 14 -0.81 1.39 -1.37
CA LYS A 14 -0.51 1.12 -2.77
C LYS A 14 -1.75 0.70 -3.55
N HIS A 15 -1.51 0.21 -4.77
CA HIS A 15 -2.57 -0.29 -5.65
C HIS A 15 -3.86 0.50 -5.50
N ILE A 16 -3.74 1.68 -4.93
CA ILE A 16 -4.85 2.55 -4.70
C ILE A 16 -4.41 3.75 -3.95
N GLY A 17 -3.68 3.46 -2.95
CA GLY A 17 -3.07 4.50 -2.19
C GLY A 17 -1.97 5.06 -3.04
N HIS A 18 -1.65 4.29 -4.11
CA HIS A 18 -0.63 4.71 -5.08
C HIS A 18 -1.30 5.45 -6.24
N ALA A 19 -2.39 4.88 -6.78
CA ALA A 19 -3.10 5.51 -7.91
C ALA A 19 -4.07 4.51 -8.53
N ALA A 20 -4.34 3.42 -7.82
CA ALA A 20 -5.26 2.40 -8.34
C ALA A 20 -4.71 1.83 -9.64
N VAL A 21 -3.50 2.26 -10.00
CA VAL A 21 -2.83 1.82 -11.22
C VAL A 21 -1.33 1.71 -10.97
N ASN A 22 -0.92 2.21 -9.81
CA ASN A 22 0.49 2.22 -9.35
C ASN A 22 1.06 3.63 -9.46
N HIS A 23 0.65 4.34 -10.50
CA HIS A 23 1.12 5.71 -10.72
C HIS A 23 0.33 6.37 -11.84
N TYR A 24 -0.54 7.31 -11.46
CA TYR A 24 -1.34 8.03 -12.44
C TYR A 24 -0.45 8.76 -13.45
N LEU A 25 0.84 8.80 -13.16
CA LEU A 25 1.79 9.47 -14.04
C LEU A 25 1.99 8.66 -15.31
N GLY A 1 -1.73 -9.72 18.94
CA GLY A 1 -0.55 -9.30 18.19
C GLY A 1 -0.43 -10.04 16.87
N TRP A 2 -0.78 -9.36 15.79
CA TRP A 2 -0.69 -9.97 14.46
C TRP A 2 0.76 -10.29 14.11
N GLY A 3 1.15 -10.01 12.87
CA GLY A 3 2.50 -10.28 12.42
C GLY A 3 2.80 -9.62 11.09
N SER A 4 2.11 -8.52 10.81
CA SER A 4 2.31 -7.80 9.56
C SER A 4 3.74 -7.30 9.45
N ILE A 5 4.61 -8.10 8.83
CA ILE A 5 6.01 -7.74 8.68
C ILE A 5 6.14 -6.52 7.75
N PHE A 6 5.84 -5.34 8.28
CA PHE A 6 5.94 -4.12 7.50
C PHE A 6 5.11 -4.23 6.22
N LYS A 7 4.11 -5.10 6.24
CA LYS A 7 3.25 -5.29 5.07
C LYS A 7 2.28 -4.12 4.94
N HIS A 8 1.68 -3.72 6.06
CA HIS A 8 0.72 -2.62 6.06
C HIS A 8 1.46 -1.28 6.06
N GLY A 9 2.41 -1.13 5.13
CA GLY A 9 3.18 0.10 5.04
C GLY A 9 3.93 0.19 3.72
N ARG A 10 4.09 -0.96 3.06
CA ARG A 10 4.80 -1.03 1.78
C ARG A 10 3.88 -1.59 0.70
N HIS A 11 2.60 -1.74 1.05
CA HIS A 11 1.61 -2.26 0.11
C HIS A 11 0.22 -1.83 0.49
N ALA A 12 -0.56 -1.60 -0.56
CA ALA A 12 -1.94 -1.12 -0.48
C ALA A 12 -1.96 0.31 -0.04
N ALA A 13 -0.95 0.65 0.78
CA ALA A 13 -0.72 2.03 0.97
C ALA A 13 -0.36 2.32 -0.49
N LYS A 14 -0.50 1.15 -1.24
CA LYS A 14 -0.31 1.08 -2.68
C LYS A 14 -1.59 0.70 -3.40
N HIS A 15 -1.44 0.39 -4.70
CA HIS A 15 -2.55 -0.04 -5.55
C HIS A 15 -3.86 0.63 -5.18
N ILE A 16 -3.74 1.75 -4.47
CA ILE A 16 -4.88 2.51 -4.05
C ILE A 16 -4.43 3.62 -3.16
N GLY A 17 -3.52 3.28 -2.34
CA GLY A 17 -2.90 4.26 -1.51
C GLY A 17 -1.90 4.96 -2.41
N HIS A 18 -1.66 4.32 -3.58
CA HIS A 18 -0.75 4.87 -4.58
C HIS A 18 -1.55 5.69 -5.62
N ALA A 19 -2.65 5.12 -6.12
CA ALA A 19 -3.47 5.83 -7.12
C ALA A 19 -4.53 4.91 -7.71
N ALA A 20 -4.74 3.74 -7.09
CA ALA A 20 -5.72 2.80 -7.59
C ALA A 20 -5.33 2.37 -9.00
N VAL A 21 -4.15 2.81 -9.42
CA VAL A 21 -3.62 2.49 -10.75
C VAL A 21 -2.10 2.41 -10.68
N ASN A 22 -1.56 2.83 -9.51
CA ASN A 22 -0.11 2.83 -9.22
C ASN A 22 0.45 4.23 -9.36
N HIS A 23 -0.10 4.98 -10.33
CA HIS A 23 0.34 6.35 -10.57
C HIS A 23 -0.80 7.18 -11.14
N TYR A 24 -1.26 8.15 -10.36
CA TYR A 24 -2.35 9.01 -10.80
C TYR A 24 -2.04 9.64 -12.15
N LEU A 25 -0.79 9.48 -12.59
CA LEU A 25 -0.36 10.03 -13.87
C LEU A 25 -0.98 9.24 -15.02
N GLY A 1 4.09 -9.24 19.00
CA GLY A 1 2.94 -9.31 18.13
C GLY A 1 3.32 -9.64 16.70
N TRP A 2 2.36 -9.54 15.79
CA TRP A 2 2.61 -9.83 14.39
C TRP A 2 3.77 -8.99 13.86
N GLY A 3 4.69 -9.64 13.16
CA GLY A 3 5.85 -8.95 12.60
C GLY A 3 5.49 -8.17 11.36
N SER A 4 4.31 -8.43 10.81
CA SER A 4 3.85 -7.73 9.62
C SER A 4 4.82 -7.97 8.45
N ILE A 5 4.31 -8.58 7.39
CA ILE A 5 5.13 -8.86 6.21
C ILE A 5 5.33 -7.60 5.38
N PHE A 6 5.63 -6.49 6.04
CA PHE A 6 5.85 -5.21 5.38
C PHE A 6 4.52 -4.61 4.91
N LYS A 7 3.47 -5.41 4.94
CA LYS A 7 2.15 -4.94 4.52
C LYS A 7 1.75 -3.70 5.30
N HIS A 8 2.10 -3.67 6.59
CA HIS A 8 1.78 -2.53 7.45
C HIS A 8 2.67 -1.35 7.10
N GLY A 9 3.39 -1.46 5.99
CA GLY A 9 4.28 -0.41 5.53
C GLY A 9 4.48 -0.49 4.02
N ARG A 10 3.73 -1.39 3.40
CA ARG A 10 3.80 -1.58 1.95
C ARG A 10 2.50 -2.18 1.46
N HIS A 11 2.28 -2.11 0.15
CA HIS A 11 1.06 -2.64 -0.45
C HIS A 11 -0.15 -1.94 0.12
N ALA A 12 -1.05 -1.61 -0.81
CA ALA A 12 -2.29 -0.89 -0.55
C ALA A 12 -1.99 0.53 -0.20
N ALA A 13 -0.82 0.70 0.45
CA ALA A 13 -0.30 2.01 0.51
C ALA A 13 -0.15 2.18 -0.99
N LYS A 14 -0.59 1.03 -1.64
CA LYS A 14 -0.64 0.86 -3.09
C LYS A 14 -2.07 0.72 -3.60
N HIS A 15 -2.19 0.35 -4.88
CA HIS A 15 -3.47 0.11 -5.54
C HIS A 15 -4.55 1.06 -5.03
N ILE A 16 -4.12 2.14 -4.42
CA ILE A 16 -5.01 3.13 -3.88
C ILE A 16 -4.22 4.15 -3.15
N GLY A 17 -3.35 3.66 -2.37
CA GLY A 17 -2.43 4.51 -1.68
C GLY A 17 -1.46 4.98 -2.73
N HIS A 18 -1.50 4.29 -3.89
CA HIS A 18 -0.63 4.65 -5.02
C HIS A 18 -1.37 5.64 -5.94
N ALA A 19 -2.65 5.38 -6.22
CA ALA A 19 -3.39 6.28 -7.11
C ALA A 19 -4.88 5.96 -7.16
N ALA A 20 -5.47 5.66 -6.01
CA ALA A 20 -6.89 5.33 -5.98
C ALA A 20 -7.15 4.00 -6.67
N VAL A 21 -6.20 3.55 -7.50
CA VAL A 21 -6.35 2.28 -8.23
C VAL A 21 -4.99 1.63 -8.46
N ASN A 22 -3.95 2.45 -8.64
CA ASN A 22 -2.58 1.97 -8.89
C ASN A 22 -1.77 3.07 -9.60
N HIS A 23 -2.36 3.63 -10.64
CA HIS A 23 -1.70 4.69 -11.41
C HIS A 23 -2.68 5.39 -12.34
N TYR A 24 -3.62 6.12 -11.76
CA TYR A 24 -4.61 6.83 -12.54
C TYR A 24 -3.94 7.81 -13.51
N LEU A 25 -2.70 8.18 -13.20
CA LEU A 25 -1.95 9.09 -14.04
C LEU A 25 -1.61 8.43 -15.38
N GLY A 1 10.08 -3.97 19.14
CA GLY A 1 10.59 -4.31 17.82
C GLY A 1 9.50 -4.24 16.76
N TRP A 2 9.81 -4.73 15.57
CA TRP A 2 8.85 -4.72 14.47
C TRP A 2 7.72 -5.71 14.74
N GLY A 3 6.97 -6.04 13.69
CA GLY A 3 5.87 -6.97 13.83
C GLY A 3 5.17 -7.22 12.51
N SER A 4 5.88 -6.97 11.41
CA SER A 4 5.30 -7.17 10.08
C SER A 4 6.39 -7.08 9.02
N ILE A 5 6.22 -7.84 7.94
CA ILE A 5 7.19 -7.84 6.83
C ILE A 5 6.97 -6.61 5.95
N PHE A 6 7.08 -5.43 6.54
CA PHE A 6 6.88 -4.20 5.80
C PHE A 6 5.53 -4.20 5.07
N LYS A 7 4.72 -5.21 5.36
CA LYS A 7 3.40 -5.32 4.74
C LYS A 7 2.52 -4.16 5.18
N HIS A 8 2.33 -4.05 6.49
CA HIS A 8 1.49 -2.98 7.05
C HIS A 8 2.28 -1.67 7.10
N GLY A 9 3.12 -1.45 6.10
CA GLY A 9 3.91 -0.23 6.05
C GLY A 9 4.57 -0.04 4.70
N ARG A 10 4.08 -0.77 3.70
CA ARG A 10 4.62 -0.66 2.35
C ARG A 10 3.68 -1.31 1.35
N HIS A 11 2.38 -1.28 1.65
CA HIS A 11 1.38 -1.86 0.77
C HIS A 11 0.03 -1.28 1.05
N ALA A 12 -0.73 -1.17 -0.04
CA ALA A 12 -2.08 -0.60 -0.06
C ALA A 12 -2.00 0.88 0.13
N ALA A 13 -0.99 1.29 0.92
CA ALA A 13 -0.67 2.66 0.89
C ALA A 13 -0.28 2.69 -0.59
N LYS A 14 -0.49 1.42 -1.15
CA LYS A 14 -0.29 1.11 -2.55
C LYS A 14 -1.59 0.71 -3.23
N HIS A 15 -1.44 0.19 -4.45
CA HIS A 15 -2.57 -0.30 -5.25
C HIS A 15 -3.83 0.52 -5.03
N ILE A 16 -3.66 1.70 -4.47
CA ILE A 16 -4.75 2.59 -4.20
C ILE A 16 -4.25 3.79 -3.48
N GLY A 17 -3.41 3.52 -2.57
CA GLY A 17 -2.72 4.57 -1.88
C GLY A 17 -1.69 5.07 -2.84
N HIS A 18 -1.46 4.25 -3.89
CA HIS A 18 -0.52 4.62 -4.95
C HIS A 18 -1.26 5.38 -6.05
N ALA A 19 -2.40 4.83 -6.51
CA ALA A 19 -3.19 5.48 -7.57
C ALA A 19 -4.26 4.53 -8.09
N ALA A 20 -4.49 3.45 -7.37
CA ALA A 20 -5.48 2.45 -7.79
C ALA A 20 -5.08 1.89 -9.15
N VAL A 21 -3.88 2.27 -9.58
CA VAL A 21 -3.33 1.82 -10.86
C VAL A 21 -1.84 1.55 -10.71
N ASN A 22 -1.30 1.96 -9.56
CA ASN A 22 0.13 1.79 -9.20
C ASN A 22 0.86 3.12 -9.30
N HIS A 23 0.47 3.94 -10.28
CA HIS A 23 1.09 5.24 -10.52
C HIS A 23 2.34 5.08 -11.38
N TYR A 24 2.35 4.02 -12.19
CA TYR A 24 3.49 3.76 -13.06
C TYR A 24 3.59 4.83 -14.16
N LEU A 25 2.53 5.61 -14.31
CA LEU A 25 2.52 6.68 -15.32
C LEU A 25 1.37 7.64 -15.05
N GLY A 1 -4.82 -8.79 12.64
CA GLY A 1 -3.80 -8.52 13.65
C GLY A 1 -3.84 -7.08 14.12
N TRP A 2 -2.66 -6.47 14.23
CA TRP A 2 -2.57 -5.09 14.68
C TRP A 2 -3.04 -4.13 13.58
N GLY A 3 -3.14 -2.85 13.92
CA GLY A 3 -3.56 -1.85 12.96
C GLY A 3 -2.50 -1.57 11.92
N SER A 4 -1.27 -2.02 12.20
CA SER A 4 -0.16 -1.81 11.28
C SER A 4 0.08 -0.33 11.04
N ILE A 5 1.34 0.03 10.80
CA ILE A 5 1.72 1.42 10.55
C ILE A 5 1.86 1.66 9.05
N PHE A 6 2.19 0.58 8.32
CA PHE A 6 2.35 0.66 6.86
C PHE A 6 1.85 -0.62 6.21
N LYS A 7 0.59 -0.94 6.44
CA LYS A 7 -0.01 -2.13 5.86
C LYS A 7 0.82 -3.37 6.20
N HIS A 8 1.81 -3.20 7.09
CA HIS A 8 2.67 -4.29 7.48
C HIS A 8 3.20 -5.03 6.26
N GLY A 9 3.15 -4.36 5.10
CA GLY A 9 3.62 -4.96 3.87
C GLY A 9 3.80 -3.94 2.77
N ARG A 10 3.18 -2.77 2.94
CA ARG A 10 3.27 -1.69 1.95
C ARG A 10 2.50 -2.07 0.69
N HIS A 11 1.31 -2.64 0.88
CA HIS A 11 0.46 -3.05 -0.25
C HIS A 11 -0.96 -2.65 0.00
N ALA A 12 -1.27 -1.44 -0.49
CA ALA A 12 -2.57 -0.77 -0.38
C ALA A 12 -2.26 0.66 -0.08
N ALA A 13 -1.14 0.78 0.66
CA ALA A 13 -0.54 2.06 0.73
C ALA A 13 -0.23 2.15 -0.77
N LYS A 14 -0.66 0.99 -1.39
CA LYS A 14 -0.59 0.75 -2.83
C LYS A 14 -1.97 0.64 -3.46
N HIS A 15 -1.97 0.20 -4.72
CA HIS A 15 -3.19 -0.02 -5.49
C HIS A 15 -4.28 0.97 -5.14
N ILE A 16 -3.87 2.10 -4.57
CA ILE A 16 -4.79 3.14 -4.16
C ILE A 16 -4.06 4.15 -3.35
N GLY A 17 -3.19 3.64 -2.57
CA GLY A 17 -2.31 4.49 -1.82
C GLY A 17 -1.19 4.83 -2.77
N HIS A 18 -1.19 4.09 -3.91
CA HIS A 18 -0.19 4.32 -4.96
C HIS A 18 -0.73 5.33 -5.97
N ALA A 19 -2.04 5.26 -6.28
CA ALA A 19 -2.60 6.22 -7.27
C ALA A 19 -4.08 6.49 -7.06
N ALA A 20 -4.54 6.35 -5.84
CA ALA A 20 -5.94 6.61 -5.53
C ALA A 20 -6.87 5.76 -6.42
N VAL A 21 -6.28 4.94 -7.30
CA VAL A 21 -7.07 4.10 -8.20
C VAL A 21 -6.30 2.83 -8.56
N ASN A 22 -4.97 2.90 -8.55
CA ASN A 22 -4.16 1.73 -8.89
C ASN A 22 -2.66 2.06 -8.79
N HIS A 23 -2.08 2.54 -9.89
CA HIS A 23 -0.67 2.87 -9.90
C HIS A 23 -0.32 3.68 -11.14
N TYR A 24 -1.07 4.75 -11.39
CA TYR A 24 -0.83 5.60 -12.55
C TYR A 24 0.40 6.48 -12.32
N LEU A 25 0.82 6.58 -11.07
CA LEU A 25 1.99 7.39 -10.74
C LEU A 25 2.50 7.04 -9.34
N GLY A 1 -0.74 -10.04 17.45
CA GLY A 1 -0.70 -10.17 16.01
C GLY A 1 0.29 -11.22 15.57
N TRP A 2 0.14 -11.68 14.33
CA TRP A 2 1.04 -12.70 13.78
C TRP A 2 2.43 -12.12 13.56
N GLY A 3 2.54 -11.22 12.59
CA GLY A 3 3.81 -10.60 12.28
C GLY A 3 3.76 -9.80 11.00
N SER A 4 2.72 -10.04 10.20
CA SER A 4 2.56 -9.33 8.94
C SER A 4 3.83 -9.45 8.09
N ILE A 5 3.81 -8.81 6.93
CA ILE A 5 4.97 -8.84 6.02
C ILE A 5 4.98 -7.58 5.16
N PHE A 6 5.38 -6.47 5.77
CA PHE A 6 5.44 -5.17 5.07
C PHE A 6 4.03 -4.59 4.90
N LYS A 7 3.07 -5.45 4.58
CA LYS A 7 1.69 -5.00 4.40
C LYS A 7 1.24 -4.16 5.59
N HIS A 8 1.88 -4.38 6.74
CA HIS A 8 1.53 -3.65 7.95
C HIS A 8 1.74 -2.15 7.77
N GLY A 9 2.20 -1.75 6.59
CA GLY A 9 2.42 -0.33 6.32
C GLY A 9 3.23 -0.09 5.06
N ARG A 10 3.03 -0.95 4.06
CA ARG A 10 3.74 -0.81 2.78
C ARG A 10 2.94 -1.44 1.65
N HIS A 11 1.62 -1.46 1.80
CA HIS A 11 0.75 -2.02 0.79
C HIS A 11 -0.63 -1.46 0.91
N ALA A 12 -1.25 -1.31 -0.26
CA ALA A 12 -2.60 -0.76 -0.43
C ALA A 12 -2.57 0.72 -0.16
N ALA A 13 -1.66 1.10 0.76
CA ALA A 13 -1.34 2.47 0.82
C ALA A 13 -0.80 2.56 -0.60
N LYS A 14 -0.91 1.32 -1.23
CA LYS A 14 -0.53 1.07 -2.61
C LYS A 14 -1.74 0.68 -3.47
N HIS A 15 -1.45 0.21 -4.68
CA HIS A 15 -2.46 -0.25 -5.64
C HIS A 15 -3.75 0.54 -5.52
N ILE A 16 -3.64 1.72 -4.93
CA ILE A 16 -4.76 2.59 -4.75
C ILE A 16 -4.34 3.77 -3.94
N GLY A 17 -3.66 3.46 -2.92
CA GLY A 17 -3.08 4.47 -2.10
C GLY A 17 -1.93 5.01 -2.90
N HIS A 18 -1.55 4.25 -3.96
CA HIS A 18 -0.47 4.66 -4.85
C HIS A 18 -1.05 5.48 -6.02
N ALA A 19 -2.18 5.04 -6.59
CA ALA A 19 -2.75 5.78 -7.71
C ALA A 19 -4.13 5.26 -8.10
N ALA A 20 -4.96 4.94 -7.12
CA ALA A 20 -6.29 4.42 -7.40
C ALA A 20 -6.19 3.02 -8.05
N VAL A 21 -5.00 2.67 -8.55
CA VAL A 21 -4.81 1.36 -9.18
C VAL A 21 -3.36 0.89 -8.97
N ASN A 22 -2.43 1.84 -8.97
CA ASN A 22 -1.00 1.56 -8.78
C ASN A 22 -0.17 2.69 -9.41
N HIS A 23 -0.55 3.10 -10.62
CA HIS A 23 0.15 4.16 -11.32
C HIS A 23 -0.71 4.71 -12.47
N TYR A 24 -0.22 4.58 -13.69
CA TYR A 24 -0.96 5.07 -14.85
C TYR A 24 -1.31 6.54 -14.69
N LEU A 25 -0.60 7.20 -13.77
CA LEU A 25 -0.85 8.62 -13.51
C LEU A 25 0.32 9.22 -12.73
N GLY A 1 3.31 -3.71 17.84
CA GLY A 1 2.19 -3.66 16.92
C GLY A 1 1.89 -5.02 16.31
N TRP A 2 1.18 -5.01 15.19
CA TRP A 2 0.82 -6.25 14.50
C TRP A 2 2.07 -6.91 13.93
N GLY A 3 1.90 -8.12 13.40
CA GLY A 3 3.01 -8.86 12.82
C GLY A 3 3.38 -8.33 11.45
N SER A 4 2.67 -7.30 11.00
CA SER A 4 2.95 -6.71 9.70
C SER A 4 4.42 -6.34 9.58
N ILE A 5 5.19 -7.21 8.93
CA ILE A 5 6.62 -6.97 8.75
C ILE A 5 6.86 -5.93 7.65
N PHE A 6 6.09 -6.02 6.58
CA PHE A 6 6.20 -5.08 5.45
C PHE A 6 4.85 -4.84 4.81
N LYS A 7 3.88 -5.70 5.14
CA LYS A 7 2.53 -5.57 4.58
C LYS A 7 2.01 -4.15 4.74
N HIS A 8 1.59 -3.81 5.95
CA HIS A 8 1.06 -2.47 6.23
C HIS A 8 2.21 -1.47 6.38
N GLY A 9 2.93 -1.24 5.28
CA GLY A 9 4.04 -0.30 5.29
C GLY A 9 4.68 -0.17 3.92
N ARG A 10 4.34 -1.09 3.03
CA ARG A 10 4.89 -1.09 1.67
C ARG A 10 3.87 -1.64 0.68
N HIS A 11 2.61 -1.74 1.14
CA HIS A 11 1.55 -2.24 0.28
C HIS A 11 0.23 -1.67 0.71
N ALA A 12 -0.61 -1.46 -0.31
CA ALA A 12 -1.94 -0.86 -0.17
C ALA A 12 -1.82 0.59 0.16
N ALA A 13 -0.73 0.90 0.88
CA ALA A 13 -0.36 2.26 0.95
C ALA A 13 -0.11 2.41 -0.55
N LYS A 14 -0.40 1.20 -1.20
CA LYS A 14 -0.31 1.01 -2.64
C LYS A 14 -1.68 0.70 -3.24
N HIS A 15 -1.67 0.29 -4.51
CA HIS A 15 -2.88 -0.10 -5.25
C HIS A 15 -4.08 0.72 -4.83
N ILE A 16 -3.82 1.85 -4.20
CA ILE A 16 -4.86 2.74 -3.75
C ILE A 16 -4.26 3.85 -2.99
N GLY A 17 -3.34 3.48 -2.19
CA GLY A 17 -2.58 4.45 -1.46
C GLY A 17 -1.60 5.02 -2.46
N HIS A 18 -1.49 4.30 -3.61
CA HIS A 18 -0.63 4.72 -4.70
C HIS A 18 -1.42 5.60 -5.67
N ALA A 19 -2.63 5.15 -6.04
CA ALA A 19 -3.48 5.90 -6.98
C ALA A 19 -4.63 5.02 -7.47
N ALA A 20 -4.81 3.87 -6.84
CA ALA A 20 -5.85 2.95 -7.25
C ALA A 20 -5.61 2.57 -8.71
N VAL A 21 -4.43 2.95 -9.20
CA VAL A 21 -4.03 2.69 -10.58
C VAL A 21 -2.54 2.37 -10.62
N ASN A 22 -1.88 2.60 -9.47
CA ASN A 22 -0.43 2.36 -9.27
C ASN A 22 0.36 3.67 -9.35
N HIS A 23 -0.10 4.57 -10.21
CA HIS A 23 0.55 5.87 -10.41
C HIS A 23 1.75 5.72 -11.35
N TYR A 24 2.62 6.73 -11.35
CA TYR A 24 3.80 6.69 -12.21
C TYR A 24 3.41 6.38 -13.66
N LEU A 25 2.21 6.82 -14.04
CA LEU A 25 1.74 6.57 -15.40
C LEU A 25 2.71 7.13 -16.42
N GLY A 1 0.04 -14.22 17.18
CA GLY A 1 -0.26 -14.50 15.79
C GLY A 1 0.59 -13.67 14.85
N TRP A 2 0.01 -13.30 13.72
CA TRP A 2 0.74 -12.51 12.73
C TRP A 2 1.05 -11.12 13.28
N GLY A 3 1.40 -10.20 12.39
CA GLY A 3 1.71 -8.84 12.79
C GLY A 3 2.02 -7.95 11.59
N SER A 4 1.51 -8.35 10.43
CA SER A 4 1.73 -7.58 9.21
C SER A 4 3.23 -7.38 8.98
N ILE A 5 3.86 -8.38 8.38
CA ILE A 5 5.30 -8.31 8.10
C ILE A 5 5.57 -7.32 6.97
N PHE A 6 5.72 -6.05 7.34
CA PHE A 6 6.00 -5.00 6.35
C PHE A 6 4.90 -4.96 5.30
N LYS A 7 3.80 -5.66 5.56
CA LYS A 7 2.68 -5.69 4.62
C LYS A 7 1.95 -4.35 4.63
N HIS A 8 1.47 -3.95 5.80
CA HIS A 8 0.76 -2.69 5.94
C HIS A 8 1.74 -1.52 6.03
N GLY A 9 2.76 -1.56 5.17
CA GLY A 9 3.76 -0.50 5.15
C GLY A 9 4.52 -0.48 3.84
N ARG A 10 4.22 -1.45 2.97
CA ARG A 10 4.87 -1.54 1.66
C ARG A 10 3.88 -2.05 0.62
N HIS A 11 2.62 -2.17 1.02
CA HIS A 11 1.58 -2.65 0.11
C HIS A 11 0.22 -2.17 0.57
N ALA A 12 -0.61 -1.88 -0.45
CA ALA A 12 -1.96 -1.37 -0.28
C ALA A 12 -1.92 0.05 0.21
N ALA A 13 -0.86 0.32 1.00
CA ALA A 13 -0.56 1.68 1.23
C ALA A 13 -0.27 2.01 -0.23
N LYS A 14 -0.48 0.88 -1.01
CA LYS A 14 -0.35 0.86 -2.47
C LYS A 14 -1.68 0.56 -3.15
N HIS A 15 -1.59 0.32 -4.45
CA HIS A 15 -2.75 -0.03 -5.29
C HIS A 15 -4.02 0.68 -4.84
N ILE A 16 -3.83 1.74 -4.06
CA ILE A 16 -4.92 2.52 -3.55
C ILE A 16 -4.38 3.57 -2.65
N GLY A 17 -3.50 3.13 -1.84
CA GLY A 17 -2.79 4.04 -1.00
C GLY A 17 -1.80 4.75 -1.89
N HIS A 18 -1.63 4.17 -3.11
CA HIS A 18 -0.75 4.76 -4.11
C HIS A 18 -1.56 5.69 -5.03
N ALA A 19 -2.71 5.21 -5.53
CA ALA A 19 -3.55 6.02 -6.41
C ALA A 19 -4.66 5.18 -7.04
N ALA A 20 -4.87 3.98 -6.50
CA ALA A 20 -5.88 3.09 -7.04
C ALA A 20 -5.58 2.78 -8.49
N VAL A 21 -4.40 3.24 -8.93
CA VAL A 21 -3.95 3.04 -10.31
C VAL A 21 -2.43 2.87 -10.30
N ASN A 22 -1.84 3.12 -9.12
CA ASN A 22 -0.39 3.01 -8.88
C ASN A 22 0.24 4.40 -8.86
N HIS A 23 -0.27 5.28 -9.72
CA HIS A 23 0.23 6.66 -9.79
C HIS A 23 -0.62 7.49 -10.74
N TYR A 24 -1.46 8.33 -10.17
CA TYR A 24 -2.32 9.20 -10.98
C TYR A 24 -3.03 10.21 -10.09
N LEU A 25 -2.83 10.07 -8.78
CA LEU A 25 -3.46 10.98 -7.82
C LEU A 25 -2.78 12.34 -7.86
N GLY A 1 5.43 -12.60 15.49
CA GLY A 1 5.69 -11.83 14.29
C GLY A 1 4.92 -10.53 14.27
N TRP A 2 5.00 -9.78 15.37
CA TRP A 2 4.31 -8.50 15.47
C TRP A 2 2.82 -8.69 15.16
N GLY A 3 2.47 -8.63 13.88
CA GLY A 3 1.09 -8.78 13.46
C GLY A 3 0.91 -8.51 11.98
N SER A 4 2.03 -8.31 11.29
CA SER A 4 1.99 -8.04 9.86
C SER A 4 3.40 -8.11 9.26
N ILE A 5 3.58 -9.01 8.30
CA ILE A 5 4.88 -9.18 7.65
C ILE A 5 5.15 -8.01 6.70
N PHE A 6 5.37 -6.84 7.27
CA PHE A 6 5.66 -5.64 6.47
C PHE A 6 4.54 -5.41 5.45
N LYS A 7 3.46 -6.17 5.58
CA LYS A 7 2.33 -6.03 4.67
C LYS A 7 1.85 -4.58 4.64
N HIS A 8 1.27 -4.14 5.76
CA HIS A 8 0.76 -2.77 5.86
C HIS A 8 1.89 -1.81 6.21
N GLY A 9 2.81 -1.61 5.27
CA GLY A 9 3.94 -0.72 5.48
C GLY A 9 4.61 -0.35 4.18
N ARG A 10 4.33 -1.11 3.13
CA ARG A 10 4.91 -0.86 1.81
C ARG A 10 3.96 -1.34 0.72
N HIS A 11 2.83 -1.90 1.13
CA HIS A 11 1.82 -2.40 0.19
C HIS A 11 0.45 -1.98 0.62
N ALA A 12 -0.38 -1.74 -0.39
CA ALA A 12 -1.77 -1.28 -0.25
C ALA A 12 -1.78 0.15 0.22
N ALA A 13 -0.73 0.47 1.00
CA ALA A 13 -0.50 1.86 1.21
C ALA A 13 -0.22 2.17 -0.26
N LYS A 14 -0.37 1.02 -1.03
CA LYS A 14 -0.24 0.97 -2.49
C LYS A 14 -1.56 0.60 -3.15
N HIS A 15 -1.47 0.31 -4.45
CA HIS A 15 -2.60 -0.11 -5.27
C HIS A 15 -3.90 0.55 -4.83
N ILE A 16 -3.76 1.65 -4.10
CA ILE A 16 -4.88 2.40 -3.60
C ILE A 16 -4.39 3.50 -2.73
N GLY A 17 -3.49 3.12 -1.90
CA GLY A 17 -2.84 4.07 -1.07
C GLY A 17 -1.89 4.82 -1.98
N HIS A 18 -1.69 4.22 -3.18
CA HIS A 18 -0.83 4.82 -4.20
C HIS A 18 -1.68 5.71 -5.11
N ALA A 19 -2.80 5.15 -5.60
CA ALA A 19 -3.71 5.88 -6.50
C ALA A 19 -4.69 4.92 -7.16
N ALA A 20 -4.79 3.71 -6.62
CA ALA A 20 -5.68 2.71 -7.19
C ALA A 20 -5.29 2.47 -8.65
N VAL A 21 -4.14 3.03 -9.03
CA VAL A 21 -3.62 2.91 -10.39
C VAL A 21 -2.09 2.82 -10.36
N ASN A 22 -1.52 3.09 -9.16
CA ASN A 22 -0.06 3.08 -8.91
C ASN A 22 0.50 4.49 -8.82
N HIS A 23 -0.06 5.39 -9.63
CA HIS A 23 0.39 6.78 -9.67
C HIS A 23 1.60 6.94 -10.58
N TYR A 24 1.71 6.06 -11.58
CA TYR A 24 2.81 6.12 -12.51
C TYR A 24 2.87 7.48 -13.20
N LEU A 25 1.75 8.19 -13.17
CA LEU A 25 1.69 9.52 -13.78
C LEU A 25 2.53 10.52 -12.98
N GLY A 1 4.75 -5.09 18.96
CA GLY A 1 4.85 -5.79 17.69
C GLY A 1 4.03 -5.15 16.61
N TRP A 2 4.57 -5.08 15.40
CA TRP A 2 3.87 -4.49 14.28
C TRP A 2 2.51 -5.14 14.08
N GLY A 3 1.61 -4.44 13.38
CA GLY A 3 0.28 -4.96 13.13
C GLY A 3 0.29 -6.03 12.05
N SER A 4 1.37 -6.06 11.26
CA SER A 4 1.50 -7.04 10.19
C SER A 4 2.94 -7.12 9.70
N ILE A 5 3.22 -8.06 8.81
CA ILE A 5 4.56 -8.24 8.28
C ILE A 5 4.87 -7.13 7.26
N PHE A 6 5.06 -5.92 7.77
CA PHE A 6 5.36 -4.78 6.91
C PHE A 6 4.34 -4.68 5.77
N LYS A 7 3.25 -5.41 5.90
CA LYS A 7 2.20 -5.38 4.89
C LYS A 7 1.61 -3.98 4.77
N HIS A 8 1.23 -3.40 5.91
CA HIS A 8 0.65 -2.06 5.92
C HIS A 8 1.75 -1.01 5.88
N GLY A 9 2.69 -1.19 4.96
CA GLY A 9 3.80 -0.26 4.81
C GLY A 9 4.55 -0.47 3.52
N ARG A 10 4.14 -1.48 2.76
CA ARG A 10 4.79 -1.80 1.47
C ARG A 10 3.75 -2.29 0.48
N HIS A 11 2.49 -2.31 0.91
CA HIS A 11 1.40 -2.75 0.06
C HIS A 11 0.09 -2.18 0.54
N ALA A 12 -0.73 -1.85 -0.46
CA ALA A 12 -2.03 -1.24 -0.28
C ALA A 12 -1.86 0.18 0.15
N ALA A 13 -0.73 0.40 0.87
CA ALA A 13 -0.31 1.73 1.04
C ALA A 13 -0.06 1.98 -0.45
N LYS A 14 -0.43 0.86 -1.17
CA LYS A 14 -0.37 0.77 -2.63
C LYS A 14 -1.75 0.51 -3.23
N HIS A 15 -1.75 0.17 -4.53
CA HIS A 15 -2.96 -0.16 -5.26
C HIS A 15 -4.15 0.64 -4.77
N ILE A 16 -3.86 1.80 -4.16
CA ILE A 16 -4.88 2.66 -3.63
C ILE A 16 -4.24 3.68 -2.75
N GLY A 17 -3.22 3.25 -2.10
CA GLY A 17 -2.43 4.15 -1.32
C GLY A 17 -1.47 4.77 -2.30
N HIS A 18 -1.43 4.15 -3.51
CA HIS A 18 -0.58 4.66 -4.59
C HIS A 18 -1.37 5.62 -5.48
N ALA A 19 -2.67 5.34 -5.69
CA ALA A 19 -3.47 6.24 -6.56
C ALA A 19 -4.93 6.34 -6.12
N ALA A 20 -5.21 6.05 -4.86
CA ALA A 20 -6.59 6.14 -4.36
C ALA A 20 -7.52 5.19 -5.10
N VAL A 21 -6.98 4.48 -6.11
CA VAL A 21 -7.79 3.55 -6.89
C VAL A 21 -6.93 2.40 -7.40
N ASN A 22 -5.65 2.67 -7.63
CA ASN A 22 -4.73 1.64 -8.13
C ASN A 22 -3.31 2.21 -8.23
N HIS A 23 -2.98 2.78 -9.38
CA HIS A 23 -1.66 3.36 -9.61
C HIS A 23 -1.76 4.51 -10.60
N TYR A 24 -2.92 5.14 -10.66
CA TYR A 24 -3.14 6.26 -11.56
C TYR A 24 -2.40 7.50 -11.08
N LEU A 25 -1.51 7.32 -10.10
CA LEU A 25 -0.75 8.44 -9.56
C LEU A 25 -1.70 9.50 -9.00
N GLY A 1 5.50 -8.63 18.48
CA GLY A 1 5.87 -9.52 17.41
C GLY A 1 4.67 -10.00 16.62
N TRP A 2 3.92 -9.06 16.05
CA TRP A 2 2.73 -9.42 15.27
C TRP A 2 3.11 -10.36 14.12
N GLY A 3 3.25 -9.80 12.92
CA GLY A 3 3.59 -10.60 11.76
C GLY A 3 3.79 -9.73 10.53
N SER A 4 3.34 -8.48 10.62
CA SER A 4 3.48 -7.55 9.51
C SER A 4 4.87 -6.95 9.46
N ILE A 5 5.87 -7.76 9.13
CA ILE A 5 7.25 -7.31 9.07
C ILE A 5 7.34 -5.95 8.36
N PHE A 6 6.66 -5.83 7.24
CA PHE A 6 6.65 -4.58 6.47
C PHE A 6 5.45 -4.54 5.52
N LYS A 7 4.67 -5.61 5.52
CA LYS A 7 3.50 -5.69 4.66
C LYS A 7 2.62 -4.46 4.83
N HIS A 8 2.21 -4.19 6.08
CA HIS A 8 1.38 -3.04 6.37
C HIS A 8 2.21 -1.76 6.40
N GLY A 9 3.04 -1.58 5.38
CA GLY A 9 3.89 -0.40 5.30
C GLY A 9 4.63 -0.33 3.97
N ARG A 10 4.28 -1.24 3.06
CA ARG A 10 4.92 -1.29 1.75
C ARG A 10 3.95 -1.84 0.71
N HIS A 11 2.67 -1.95 1.09
CA HIS A 11 1.65 -2.45 0.17
C HIS A 11 0.29 -2.00 0.58
N ALA A 12 -0.53 -1.76 -0.44
CA ALA A 12 -1.90 -1.25 -0.33
C ALA A 12 -1.89 0.17 0.11
N ALA A 13 -0.84 0.49 0.91
CA ALA A 13 -0.58 1.87 1.10
C ALA A 13 -0.26 2.15 -0.37
N LYS A 14 -0.44 0.99 -1.12
CA LYS A 14 -0.28 0.91 -2.57
C LYS A 14 -1.60 0.57 -3.26
N HIS A 15 -1.48 0.26 -4.57
CA HIS A 15 -2.62 -0.14 -5.40
C HIS A 15 -3.90 0.57 -4.99
N ILE A 16 -3.74 1.67 -4.28
CA ILE A 16 -4.85 2.46 -3.81
C ILE A 16 -4.35 3.55 -2.93
N GLY A 17 -3.50 3.14 -2.07
CA GLY A 17 -2.84 4.08 -1.23
C GLY A 17 -1.83 4.78 -2.11
N HIS A 18 -1.61 4.18 -3.31
CA HIS A 18 -0.70 4.76 -4.30
C HIS A 18 -1.47 5.68 -5.23
N ALA A 19 -2.66 5.25 -5.68
CA ALA A 19 -3.43 6.10 -6.60
C ALA A 19 -4.83 5.56 -6.84
N ALA A 20 -5.49 5.09 -5.79
CA ALA A 20 -6.83 4.53 -5.93
C ALA A 20 -6.81 3.26 -6.78
N VAL A 21 -5.69 3.02 -7.48
CA VAL A 21 -5.56 1.83 -8.32
C VAL A 21 -4.10 1.39 -8.39
N ASN A 22 -3.19 2.37 -8.40
CA ASN A 22 -1.74 2.13 -8.46
C ASN A 22 -1.05 3.36 -9.05
N HIS A 23 -1.61 3.91 -10.12
CA HIS A 23 -1.03 5.09 -10.76
C HIS A 23 -2.04 5.70 -11.73
N TYR A 24 -3.14 6.21 -11.19
CA TYR A 24 -4.17 6.83 -12.02
C TYR A 24 -3.66 8.16 -12.59
N LEU A 25 -2.56 8.65 -12.04
CA LEU A 25 -1.98 9.92 -12.49
C LEU A 25 -1.40 9.74 -13.90
N GLY A 1 -2.57 -4.71 16.49
CA GLY A 1 -2.32 -5.89 15.68
C GLY A 1 -0.84 -6.11 15.44
N TRP A 2 -0.50 -7.26 14.85
CA TRP A 2 0.88 -7.58 14.57
C TRP A 2 1.47 -6.61 13.55
N GLY A 3 2.76 -6.74 13.30
CA GLY A 3 3.44 -5.87 12.35
C GLY A 3 3.09 -6.21 10.92
N SER A 4 2.19 -7.18 10.75
CA SER A 4 1.78 -7.60 9.42
C SER A 4 2.97 -8.10 8.62
N ILE A 5 2.70 -8.87 7.57
CA ILE A 5 3.76 -9.42 6.72
C ILE A 5 4.24 -8.38 5.72
N PHE A 6 4.89 -7.33 6.22
CA PHE A 6 5.41 -6.27 5.36
C PHE A 6 4.32 -5.70 4.46
N LYS A 7 3.07 -6.07 4.73
CA LYS A 7 1.96 -5.57 3.92
C LYS A 7 1.73 -4.10 4.20
N HIS A 8 1.26 -3.79 5.41
CA HIS A 8 1.01 -2.40 5.80
C HIS A 8 2.31 -1.70 6.11
N GLY A 9 3.16 -1.53 5.10
CA GLY A 9 4.44 -0.86 5.28
C GLY A 9 5.07 -0.48 3.95
N ARG A 10 4.73 -1.23 2.89
CA ARG A 10 5.29 -0.96 1.57
C ARG A 10 4.37 -1.53 0.49
N HIS A 11 3.13 -1.82 0.86
CA HIS A 11 2.16 -2.36 -0.09
C HIS A 11 0.76 -2.09 0.37
N ALA A 12 -0.09 -1.87 -0.63
CA ALA A 12 -1.51 -1.54 -0.46
C ALA A 12 -1.64 -0.14 0.09
N ALA A 13 -0.63 0.22 0.90
CA ALA A 13 -0.51 1.60 1.19
C ALA A 13 -0.26 2.03 -0.25
N LYS A 14 -0.31 0.91 -1.09
CA LYS A 14 -0.18 0.98 -2.54
C LYS A 14 -1.47 0.54 -3.24
N HIS A 15 -1.35 0.36 -4.56
CA HIS A 15 -2.46 -0.10 -5.42
C HIS A 15 -3.80 0.43 -4.94
N ILE A 16 -3.74 1.48 -4.13
CA ILE A 16 -4.92 2.09 -3.59
C ILE A 16 -4.52 3.16 -2.65
N GLY A 17 -3.61 2.80 -1.83
CA GLY A 17 -3.03 3.75 -0.94
C GLY A 17 -2.15 4.62 -1.78
N HIS A 18 -1.89 4.13 -3.01
CA HIS A 18 -1.08 4.87 -3.99
C HIS A 18 -2.00 5.73 -4.87
N ALA A 19 -3.07 5.12 -5.41
CA ALA A 19 -4.00 5.87 -6.27
C ALA A 19 -4.98 4.90 -6.95
N ALA A 20 -5.01 3.66 -6.47
CA ALA A 20 -5.90 2.67 -7.08
C ALA A 20 -5.56 2.51 -8.54
N VAL A 21 -4.44 3.14 -8.93
CA VAL A 21 -3.95 3.11 -10.30
C VAL A 21 -2.43 3.11 -10.28
N ASN A 22 -1.89 3.32 -9.08
CA ASN A 22 -0.44 3.38 -8.81
C ASN A 22 0.03 4.82 -8.74
N HIS A 23 -0.57 5.67 -9.57
CA HIS A 23 -0.23 7.09 -9.60
C HIS A 23 -1.12 7.83 -10.59
N TYR A 24 -2.28 8.27 -10.10
CA TYR A 24 -3.21 9.00 -10.96
C TYR A 24 -2.63 10.35 -11.38
N LEU A 25 -1.65 10.83 -10.60
CA LEU A 25 -1.02 12.10 -10.90
C LEU A 25 -0.15 11.99 -12.15
N GLY A 1 -0.90 -9.60 15.14
CA GLY A 1 0.05 -10.70 15.15
C GLY A 1 1.49 -10.20 15.10
N TRP A 2 2.30 -10.84 14.27
CA TRP A 2 3.70 -10.45 14.14
C TRP A 2 3.82 -9.04 13.56
N GLY A 3 3.81 -8.95 12.23
CA GLY A 3 3.91 -7.66 11.57
C GLY A 3 4.12 -7.81 10.08
N SER A 4 4.14 -9.06 9.60
CA SER A 4 4.33 -9.32 8.19
C SER A 4 5.64 -8.70 7.70
N ILE A 5 6.10 -9.12 6.54
CA ILE A 5 7.34 -8.61 5.97
C ILE A 5 7.14 -7.19 5.45
N PHE A 6 7.23 -6.21 6.36
CA PHE A 6 7.06 -4.81 5.99
C PHE A 6 5.85 -4.61 5.07
N LYS A 7 4.97 -5.62 5.03
CA LYS A 7 3.79 -5.53 4.19
C LYS A 7 2.84 -4.46 4.72
N HIS A 8 2.68 -4.42 6.04
CA HIS A 8 1.81 -3.44 6.67
C HIS A 8 2.49 -2.09 6.75
N GLY A 9 2.95 -1.58 5.60
CA GLY A 9 3.61 -0.30 5.57
C GLY A 9 4.27 -0.04 4.22
N ARG A 10 4.13 -0.99 3.30
CA ARG A 10 4.71 -0.87 1.95
C ARG A 10 3.80 -1.50 0.92
N HIS A 11 2.51 -1.55 1.22
CA HIS A 11 1.53 -2.12 0.30
C HIS A 11 0.15 -1.65 0.64
N ALA A 12 -0.63 -1.45 -0.43
CA ALA A 12 -2.00 -0.95 -0.38
C ALA A 12 -1.98 0.50 0.00
N ALA A 13 -0.96 0.85 0.80
CA ALA A 13 -0.68 2.22 0.93
C ALA A 13 -0.33 2.43 -0.55
N LYS A 14 -0.51 1.24 -1.24
CA LYS A 14 -0.33 1.10 -2.68
C LYS A 14 -1.63 0.72 -3.38
N HIS A 15 -1.51 0.35 -4.66
CA HIS A 15 -2.63 -0.09 -5.49
C HIS A 15 -3.91 0.65 -5.14
N ILE A 16 -3.76 1.79 -4.47
CA ILE A 16 -4.87 2.61 -4.07
C ILE A 16 -4.38 3.74 -3.24
N GLY A 17 -3.48 3.41 -2.40
CA GLY A 17 -2.81 4.40 -1.62
C GLY A 17 -1.80 5.02 -2.55
N HIS A 18 -1.59 4.33 -3.71
CA HIS A 18 -0.68 4.82 -4.74
C HIS A 18 -1.45 5.63 -5.78
N ALA A 19 -2.60 5.10 -6.24
CA ALA A 19 -3.40 5.80 -7.25
C ALA A 19 -4.49 4.87 -7.81
N ALA A 20 -4.71 3.75 -7.16
CA ALA A 20 -5.72 2.79 -7.63
C ALA A 20 -5.33 2.29 -9.01
N VAL A 21 -4.15 2.70 -9.46
CA VAL A 21 -3.63 2.31 -10.76
C VAL A 21 -2.10 2.20 -10.70
N ASN A 22 -1.54 2.70 -9.58
CA ASN A 22 -0.09 2.71 -9.30
C ASN A 22 0.45 4.13 -9.34
N HIS A 23 0.02 4.92 -10.33
CA HIS A 23 0.48 6.30 -10.45
C HIS A 23 -0.27 7.02 -11.56
N TYR A 24 -0.84 6.25 -12.49
CA TYR A 24 -1.59 6.83 -13.60
C TYR A 24 -2.95 7.31 -13.13
N LEU A 25 -3.00 7.90 -11.93
CA LEU A 25 -4.25 8.40 -11.37
C LEU A 25 -5.07 9.13 -12.43
N GLY A 1 2.10 2.68 14.16
CA GLY A 1 2.13 1.41 13.45
C GLY A 1 3.04 0.40 14.12
N TRP A 2 2.78 -0.88 13.88
CA TRP A 2 3.59 -1.95 14.47
C TRP A 2 4.94 -2.03 13.77
N GLY A 3 5.70 -3.08 14.10
CA GLY A 3 7.02 -3.29 13.51
C GLY A 3 6.99 -4.37 12.45
N SER A 4 5.82 -4.54 11.84
CA SER A 4 5.65 -5.56 10.80
C SER A 4 6.85 -5.58 9.85
N ILE A 5 7.01 -6.70 9.14
CA ILE A 5 8.12 -6.85 8.20
C ILE A 5 7.82 -6.11 6.90
N PHE A 6 7.57 -4.81 7.02
CA PHE A 6 7.27 -3.99 5.84
C PHE A 6 6.10 -4.58 5.06
N LYS A 7 4.97 -4.75 5.73
CA LYS A 7 3.77 -5.31 5.10
C LYS A 7 2.61 -4.33 5.22
N HIS A 8 2.40 -3.80 6.44
CA HIS A 8 1.32 -2.84 6.68
C HIS A 8 1.74 -1.45 6.22
N GLY A 9 2.37 -1.36 5.06
CA GLY A 9 2.81 -0.09 4.53
C GLY A 9 3.50 -0.22 3.19
N ARG A 10 3.85 -1.46 2.83
CA ARG A 10 4.51 -1.72 1.55
C ARG A 10 3.48 -2.15 0.51
N HIS A 11 2.23 -2.28 0.96
CA HIS A 11 1.14 -2.67 0.08
C HIS A 11 -0.15 -2.06 0.55
N ALA A 12 -0.97 -1.72 -0.42
CA ALA A 12 -2.26 -1.06 -0.24
C ALA A 12 -2.05 0.36 0.20
N ALA A 13 -0.94 0.54 0.95
CA ALA A 13 -0.50 1.87 1.12
C ALA A 13 -0.24 2.13 -0.36
N LYS A 14 -0.59 1.01 -1.10
CA LYS A 14 -0.53 0.92 -2.56
C LYS A 14 -1.90 0.73 -3.18
N HIS A 15 -1.90 0.40 -4.47
CA HIS A 15 -3.12 0.13 -5.24
C HIS A 15 -4.29 0.98 -4.76
N ILE A 16 -3.97 2.06 -4.07
CA ILE A 16 -4.95 2.97 -3.55
C ILE A 16 -4.27 4.00 -2.71
N GLY A 17 -3.39 3.52 -1.93
CA GLY A 17 -2.57 4.38 -1.15
C GLY A 17 -1.56 4.96 -2.10
N HIS A 18 -1.49 4.35 -3.30
CA HIS A 18 -0.59 4.81 -4.35
C HIS A 18 -1.35 5.75 -5.30
N ALA A 19 -2.57 5.36 -5.70
CA ALA A 19 -3.37 6.19 -6.60
C ALA A 19 -4.55 5.37 -7.16
N ALA A 20 -4.81 4.22 -6.58
CA ALA A 20 -5.89 3.36 -7.05
C ALA A 20 -5.63 2.97 -8.50
N VAL A 21 -4.46 3.34 -8.99
CA VAL A 21 -4.05 3.04 -10.36
C VAL A 21 -2.55 2.79 -10.40
N ASN A 22 -1.89 3.09 -9.27
CA ASN A 22 -0.43 2.92 -9.09
C ASN A 22 0.26 4.29 -9.16
N HIS A 23 -0.26 5.15 -10.02
CA HIS A 23 0.30 6.48 -10.19
C HIS A 23 -0.61 7.33 -11.08
N TYR A 24 -1.23 8.35 -10.48
CA TYR A 24 -2.12 9.23 -11.23
C TYR A 24 -1.35 9.98 -12.32
N LEU A 25 -0.05 9.75 -12.37
CA LEU A 25 0.79 10.42 -13.37
C LEU A 25 0.52 9.85 -14.75
N GLY A 1 0.79 -12.51 15.26
CA GLY A 1 1.59 -13.38 14.43
C GLY A 1 2.82 -12.67 13.88
N TRP A 2 2.82 -12.44 12.57
CA TRP A 2 3.95 -11.76 11.93
C TRP A 2 4.06 -10.33 12.42
N GLY A 3 5.27 -9.91 12.73
CA GLY A 3 5.51 -8.55 13.21
C GLY A 3 5.31 -7.53 12.11
N SER A 4 5.11 -8.00 10.89
CA SER A 4 4.91 -7.11 9.75
C SER A 4 5.99 -6.02 9.72
N ILE A 5 7.14 -6.35 9.15
CA ILE A 5 8.25 -5.39 9.07
C ILE A 5 7.79 -4.11 8.37
N PHE A 6 7.03 -4.26 7.29
CA PHE A 6 6.52 -3.11 6.54
C PHE A 6 5.30 -3.52 5.73
N LYS A 7 5.03 -4.82 5.69
CA LYS A 7 3.89 -5.33 4.94
C LYS A 7 2.61 -4.60 5.33
N HIS A 8 2.64 -3.93 6.48
CA HIS A 8 1.47 -3.21 6.96
C HIS A 8 1.24 -1.94 6.14
N GLY A 9 2.06 -1.76 5.10
CA GLY A 9 1.93 -0.58 4.26
C GLY A 9 2.79 -0.68 3.01
N ARG A 10 3.14 -1.91 2.62
CA ARG A 10 3.98 -2.15 1.45
C ARG A 10 3.09 -2.49 0.26
N HIS A 11 1.79 -2.55 0.49
CA HIS A 11 0.84 -2.85 -0.56
C HIS A 11 -0.51 -2.28 -0.23
N ALA A 12 -1.16 -1.82 -1.30
CA ALA A 12 -2.47 -1.18 -1.26
C ALA A 12 -2.34 0.19 -0.66
N ALA A 13 -1.35 0.28 0.26
CA ALA A 13 -0.94 1.59 0.63
C ALA A 13 -0.46 1.99 -0.76
N LYS A 14 -0.70 0.94 -1.65
CA LYS A 14 -0.41 1.00 -3.08
C LYS A 14 -1.69 0.87 -3.92
N HIS A 15 -1.49 0.66 -5.23
CA HIS A 15 -2.60 0.46 -6.17
C HIS A 15 -3.82 1.27 -5.80
N ILE A 16 -3.61 2.29 -4.99
CA ILE A 16 -4.67 3.15 -4.54
C ILE A 16 -4.14 4.07 -3.51
N GLY A 17 -3.43 3.49 -2.62
CA GLY A 17 -2.76 4.23 -1.60
C GLY A 17 -1.61 4.90 -2.28
N HIS A 18 -1.33 4.44 -3.52
CA HIS A 18 -0.26 5.03 -4.32
C HIS A 18 -0.87 6.18 -5.12
N ALA A 19 -2.14 6.03 -5.48
CA ALA A 19 -2.85 7.05 -6.23
C ALA A 19 -4.34 6.75 -6.30
N ALA A 20 -4.67 5.68 -7.01
CA ALA A 20 -6.05 5.26 -7.17
C ALA A 20 -6.06 3.91 -7.86
N VAL A 21 -4.95 3.61 -8.53
CA VAL A 21 -4.80 2.34 -9.26
C VAL A 21 -3.33 1.95 -9.33
N ASN A 22 -2.43 2.91 -9.09
CA ASN A 22 -0.97 2.66 -9.14
C ASN A 22 -0.21 3.99 -9.19
N HIS A 23 -0.77 4.93 -9.94
CA HIS A 23 -0.13 6.23 -10.11
C HIS A 23 -1.06 7.20 -10.84
N TYR A 24 -2.36 6.96 -10.70
CA TYR A 24 -3.36 7.80 -11.35
C TYR A 24 -3.05 9.29 -11.13
N LEU A 25 -2.24 9.57 -10.12
CA LEU A 25 -1.89 10.96 -9.82
C LEU A 25 -1.08 11.56 -10.97
N GLY A 1 -6.82 -9.05 10.24
CA GLY A 1 -5.52 -8.81 10.85
C GLY A 1 -4.63 -10.06 10.79
N TRP A 2 -3.37 -9.89 11.15
CA TRP A 2 -2.43 -11.01 11.13
C TRP A 2 -1.16 -10.64 11.91
N GLY A 3 -0.39 -9.70 11.37
CA GLY A 3 0.84 -9.28 12.02
C GLY A 3 1.60 -8.26 11.19
N SER A 4 1.11 -8.02 9.98
CA SER A 4 1.75 -7.06 9.09
C SER A 4 3.22 -7.43 8.87
N ILE A 5 3.46 -8.51 8.14
CA ILE A 5 4.82 -8.94 7.87
C ILE A 5 5.53 -7.93 6.97
N PHE A 6 4.78 -7.37 6.03
CA PHE A 6 5.33 -6.38 5.11
C PHE A 6 4.20 -5.57 4.48
N LYS A 7 2.97 -5.91 4.85
CA LYS A 7 1.79 -5.22 4.32
C LYS A 7 1.87 -3.74 4.65
N HIS A 8 1.56 -3.39 5.89
CA HIS A 8 1.59 -2.00 6.32
C HIS A 8 3.02 -1.51 6.48
N GLY A 9 3.69 -1.26 5.36
CA GLY A 9 5.05 -0.80 5.38
C GLY A 9 5.57 -0.49 3.99
N ARG A 10 5.03 -1.18 3.00
CA ARG A 10 5.44 -0.97 1.61
C ARG A 10 4.42 -1.57 0.65
N HIS A 11 3.17 -1.66 1.10
CA HIS A 11 2.11 -2.21 0.27
C HIS A 11 0.76 -1.74 0.76
N ALA A 12 -0.12 -1.56 -0.23
CA ALA A 12 -1.49 -1.08 -0.04
C ALA A 12 -1.46 0.37 0.32
N ALA A 13 -0.37 0.75 1.02
CA ALA A 13 -0.12 2.13 1.11
C ALA A 13 0.10 2.33 -0.39
N LYS A 14 -0.13 1.13 -1.06
CA LYS A 14 -0.08 0.98 -2.51
C LYS A 14 -1.43 0.55 -3.08
N HIS A 15 -1.39 0.17 -4.36
CA HIS A 15 -2.58 -0.32 -5.08
C HIS A 15 -3.84 0.40 -4.62
N ILE A 16 -3.64 1.57 -4.04
CA ILE A 16 -4.71 2.37 -3.53
C ILE A 16 -4.17 3.52 -2.78
N GLY A 17 -3.24 3.20 -1.97
CA GLY A 17 -2.55 4.22 -1.25
C GLY A 17 -1.69 4.92 -2.26
N HIS A 18 -1.52 4.27 -3.43
CA HIS A 18 -0.75 4.88 -4.52
C HIS A 18 -1.66 5.65 -5.47
N ALA A 19 -2.84 5.09 -5.79
CA ALA A 19 -3.75 5.80 -6.72
C ALA A 19 -5.11 5.12 -6.81
N ALA A 20 -5.67 4.73 -5.69
CA ALA A 20 -6.98 4.07 -5.70
C ALA A 20 -6.92 2.77 -6.51
N VAL A 21 -5.83 2.55 -7.27
CA VAL A 21 -5.70 1.34 -8.06
C VAL A 21 -4.23 0.94 -8.19
N ASN A 22 -3.34 1.94 -8.29
CA ASN A 22 -1.90 1.73 -8.42
C ASN A 22 -1.25 2.96 -9.05
N HIS A 23 -1.85 3.46 -10.12
CA HIS A 23 -1.33 4.63 -10.81
C HIS A 23 -2.35 5.18 -11.80
N TYR A 24 -3.10 6.18 -11.37
CA TYR A 24 -4.11 6.79 -12.22
C TYR A 24 -4.67 8.04 -11.55
N LEU A 25 -4.13 8.37 -10.38
CA LEU A 25 -4.57 9.56 -9.65
C LEU A 25 -6.09 9.60 -9.57
N GLY A 1 -4.15 2.33 16.32
CA GLY A 1 -3.55 2.42 15.01
C GLY A 1 -2.04 2.60 15.09
N TRP A 2 -1.34 1.53 15.43
CA TRP A 2 0.12 1.60 15.54
C TRP A 2 0.75 1.93 14.20
N GLY A 3 0.77 0.94 13.29
CA GLY A 3 1.34 1.15 11.97
C GLY A 3 1.52 -0.16 11.23
N SER A 4 1.25 -1.27 11.91
CA SER A 4 1.39 -2.58 11.30
C SER A 4 2.81 -2.78 10.77
N ILE A 5 3.17 -4.03 10.50
CA ILE A 5 4.50 -4.34 9.98
C ILE A 5 4.65 -3.74 8.58
N PHE A 6 5.50 -4.36 7.76
CA PHE A 6 5.72 -3.86 6.40
C PHE A 6 4.43 -3.92 5.59
N LYS A 7 3.34 -4.38 6.21
CA LYS A 7 2.06 -4.47 5.52
C LYS A 7 1.59 -3.09 5.10
N HIS A 8 1.67 -2.13 6.02
CA HIS A 8 1.23 -0.76 5.73
C HIS A 8 2.34 0.03 5.06
N GLY A 9 2.68 -0.35 3.83
CA GLY A 9 3.73 0.34 3.10
C GLY A 9 4.11 -0.38 1.81
N ARG A 10 3.98 -1.70 1.81
CA ARG A 10 4.32 -2.49 0.63
C ARG A 10 3.21 -2.43 -0.41
N HIS A 11 2.58 -3.57 -0.64
CA HIS A 11 1.50 -3.69 -1.62
C HIS A 11 0.18 -3.42 -0.96
N ALA A 12 -0.69 -2.81 -1.76
CA ALA A 12 -2.04 -2.41 -1.37
C ALA A 12 -1.97 -1.27 -0.40
N ALA A 13 -0.88 -1.28 0.40
CA ALA A 13 -0.57 -0.10 1.10
C ALA A 13 -0.35 0.75 -0.15
N LYS A 14 -0.56 -0.04 -1.28
CA LYS A 14 -0.50 0.46 -2.65
C LYS A 14 -1.86 0.42 -3.33
N HIS A 15 -1.82 0.66 -4.66
CA HIS A 15 -3.01 0.63 -5.51
C HIS A 15 -4.26 1.11 -4.79
N ILE A 16 -4.04 1.83 -3.70
CA ILE A 16 -5.11 2.36 -2.90
C ILE A 16 -4.53 3.01 -1.71
N GLY A 17 -3.65 2.31 -1.12
CA GLY A 17 -2.91 2.86 -0.02
C GLY A 17 -1.97 3.86 -0.62
N HIS A 18 -1.82 3.77 -1.97
CA HIS A 18 -0.96 4.70 -2.70
C HIS A 18 -1.80 5.89 -3.21
N ALA A 19 -2.96 5.60 -3.82
CA ALA A 19 -3.82 6.67 -4.35
C ALA A 19 -4.95 6.08 -5.19
N ALA A 20 -5.14 4.76 -5.13
CA ALA A 20 -6.18 4.12 -5.91
C ALA A 20 -5.92 4.39 -7.39
N VAL A 21 -4.77 4.98 -7.66
CA VAL A 21 -4.35 5.33 -9.01
C VAL A 21 -2.83 5.21 -9.11
N ASN A 22 -2.20 4.99 -7.95
CA ASN A 22 -0.75 4.86 -7.80
C ASN A 22 -0.14 6.19 -7.37
N HIS A 23 -0.71 7.27 -7.88
CA HIS A 23 -0.24 8.62 -7.55
C HIS A 23 -1.34 9.64 -7.81
N TYR A 24 -0.95 10.92 -7.83
CA TYR A 24 -1.92 11.98 -8.08
C TYR A 24 -3.07 11.92 -7.07
N LEU A 25 -2.78 11.36 -5.90
CA LEU A 25 -3.80 11.24 -4.85
C LEU A 25 -5.05 10.56 -5.41
N GLY A 1 -3.94 4.31 15.68
CA GLY A 1 -2.63 3.69 15.60
C GLY A 1 -2.68 2.34 14.92
N TRP A 2 -2.23 2.28 13.67
CA TRP A 2 -2.23 1.03 12.93
C TRP A 2 -1.18 0.07 13.49
N GLY A 3 0.08 0.51 13.46
CA GLY A 3 1.17 -0.30 13.96
C GLY A 3 1.49 -1.47 13.04
N SER A 4 0.84 -1.48 11.88
CA SER A 4 1.07 -2.54 10.90
C SER A 4 2.44 -2.38 10.24
N ILE A 5 2.98 -3.49 9.77
CA ILE A 5 4.29 -3.47 9.12
C ILE A 5 4.21 -2.72 7.79
N PHE A 6 4.26 -1.39 7.87
CA PHE A 6 4.18 -0.55 6.68
C PHE A 6 2.92 -0.87 5.89
N LYS A 7 1.79 -0.95 6.60
CA LYS A 7 0.52 -1.23 5.96
C LYS A 7 0.57 -2.55 5.18
N HIS A 8 0.56 -3.66 5.91
CA HIS A 8 0.59 -4.99 5.29
C HIS A 8 1.87 -5.19 4.49
N GLY A 9 3.00 -4.92 5.11
CA GLY A 9 4.29 -5.10 4.46
C GLY A 9 4.44 -4.26 3.20
N ARG A 10 4.05 -2.98 3.28
CA ARG A 10 4.16 -2.08 2.14
C ARG A 10 3.19 -2.48 1.03
N HIS A 11 1.95 -2.75 1.40
CA HIS A 11 0.92 -3.12 0.44
C HIS A 11 -0.41 -2.56 0.86
N ALA A 12 -0.67 -1.38 0.31
CA ALA A 12 -1.86 -0.56 0.56
C ALA A 12 -1.36 0.84 0.71
N ALA A 13 -0.11 0.86 1.23
CA ALA A 13 0.63 2.07 1.10
C ALA A 13 0.68 2.03 -0.44
N LYS A 14 -0.01 0.91 -0.89
CA LYS A 14 -0.22 0.59 -2.30
C LYS A 14 -1.70 0.58 -2.66
N HIS A 15 -1.98 0.05 -3.85
CA HIS A 15 -3.34 -0.08 -4.37
C HIS A 15 -4.24 1.06 -3.92
N ILE A 16 -3.61 2.17 -3.53
CA ILE A 16 -4.32 3.33 -3.06
C ILE A 16 -3.34 4.31 -2.51
N GLY A 17 -2.38 3.76 -1.88
CA GLY A 17 -1.29 4.55 -1.39
C GLY A 17 -0.36 4.71 -2.57
N HIS A 18 -0.65 3.91 -3.62
CA HIS A 18 0.14 3.96 -4.86
C HIS A 18 -0.56 4.87 -5.88
N ALA A 19 -1.90 4.90 -5.89
CA ALA A 19 -2.60 5.75 -6.87
C ALA A 19 -3.96 6.21 -6.37
N ALA A 20 -4.12 6.29 -5.06
CA ALA A 20 -5.39 6.73 -4.47
C ALA A 20 -6.53 5.75 -4.82
N VAL A 21 -6.28 4.83 -5.75
CA VAL A 21 -7.32 3.87 -6.15
C VAL A 21 -6.70 2.57 -6.68
N ASN A 22 -5.45 2.62 -7.15
CA ASN A 22 -4.82 1.41 -7.68
C ASN A 22 -3.32 1.61 -7.95
N HIS A 23 -2.99 1.91 -9.22
CA HIS A 23 -1.59 2.08 -9.63
C HIS A 23 -1.49 3.16 -10.70
N TYR A 24 -0.61 4.14 -10.47
CA TYR A 24 -0.42 5.21 -11.44
C TYR A 24 0.42 4.68 -12.59
N LEU A 25 0.86 3.44 -12.47
CA LEU A 25 1.66 2.80 -13.50
C LEU A 25 1.73 1.30 -13.28
N GLY A 1 -3.68 -15.30 8.82
CA GLY A 1 -2.39 -14.70 9.13
C GLY A 1 -2.41 -13.95 10.45
N TRP A 2 -2.57 -12.63 10.37
CA TRP A 2 -2.60 -11.79 11.57
C TRP A 2 -3.28 -10.47 11.26
N GLY A 3 -2.52 -9.53 10.72
CA GLY A 3 -3.05 -8.21 10.39
C GLY A 3 -1.97 -7.27 9.92
N SER A 4 -0.75 -7.79 9.79
CA SER A 4 0.38 -6.98 9.35
C SER A 4 0.52 -5.74 10.22
N ILE A 5 1.57 -4.96 9.96
CA ILE A 5 1.82 -3.73 10.71
C ILE A 5 2.46 -2.67 9.81
N PHE A 6 3.38 -3.12 8.96
CA PHE A 6 4.07 -2.22 8.04
C PHE A 6 3.23 -1.98 6.78
N LYS A 7 1.98 -1.57 6.98
CA LYS A 7 1.08 -1.30 5.86
C LYS A 7 0.93 -2.54 4.98
N HIS A 8 0.26 -3.57 5.52
CA HIS A 8 0.04 -4.80 4.78
C HIS A 8 1.35 -5.29 4.16
N GLY A 9 2.47 -4.74 4.64
CA GLY A 9 3.79 -5.12 4.13
C GLY A 9 4.18 -4.34 2.90
N ARG A 10 4.16 -3.01 3.02
CA ARG A 10 4.52 -2.14 1.91
C ARG A 10 3.63 -2.41 0.71
N HIS A 11 2.35 -2.67 0.97
CA HIS A 11 1.39 -2.92 -0.10
C HIS A 11 0.04 -2.39 0.30
N ALA A 12 -0.04 -1.08 0.24
CA ALA A 12 -1.24 -0.32 0.57
C ALA A 12 -0.84 1.12 0.55
N ALA A 13 0.44 1.29 0.94
CA ALA A 13 1.03 2.55 0.66
C ALA A 13 0.90 2.44 -0.85
N LYS A 14 0.33 1.22 -1.18
CA LYS A 14 -0.01 0.78 -2.53
C LYS A 14 -1.51 0.63 -2.71
N HIS A 15 -1.88 0.00 -3.83
CA HIS A 15 -3.28 -0.29 -4.16
C HIS A 15 -4.22 0.80 -3.69
N ILE A 16 -3.65 1.96 -3.40
CA ILE A 16 -4.40 3.09 -2.94
C ILE A 16 -3.47 4.19 -2.57
N GLY A 17 -2.47 3.79 -1.89
CA GLY A 17 -1.42 4.70 -1.54
C GLY A 17 -0.63 4.91 -2.81
N HIS A 18 -0.91 4.03 -3.80
CA HIS A 18 -0.25 4.15 -5.11
C HIS A 18 -1.13 5.02 -6.01
N ALA A 19 -2.45 4.78 -5.95
CA ALA A 19 -3.42 5.54 -6.76
C ALA A 19 -4.68 4.71 -6.93
N ALA A 20 -4.79 3.64 -6.15
CA ALA A 20 -5.93 2.76 -6.23
C ALA A 20 -6.01 2.14 -7.63
N VAL A 21 -4.95 2.39 -8.42
CA VAL A 21 -4.88 1.88 -9.78
C VAL A 21 -3.44 1.52 -10.14
N ASN A 22 -2.50 1.95 -9.27
CA ASN A 22 -1.04 1.71 -9.42
C ASN A 22 -0.30 3.05 -9.53
N HIS A 23 -0.82 3.94 -10.36
CA HIS A 23 -0.20 5.25 -10.54
C HIS A 23 -1.08 6.16 -11.40
N TYR A 24 -2.14 5.57 -11.97
CA TYR A 24 -3.05 6.34 -12.82
C TYR A 24 -3.97 7.21 -11.97
N LEU A 25 -3.45 7.70 -10.85
CA LEU A 25 -4.24 8.55 -9.97
C LEU A 25 -5.55 7.87 -9.59
N GLY A 1 8.69 -7.54 18.95
CA GLY A 1 7.24 -7.54 18.90
C GLY A 1 6.73 -6.83 17.66
N TRP A 2 6.09 -7.58 16.77
CA TRP A 2 5.55 -7.02 15.54
C TRP A 2 4.64 -8.03 14.85
N GLY A 3 4.20 -7.68 13.64
CA GLY A 3 3.32 -8.55 12.88
C GLY A 3 3.22 -8.12 11.42
N SER A 4 4.32 -7.59 10.90
CA SER A 4 4.34 -7.13 9.50
C SER A 4 5.79 -6.97 9.03
N ILE A 5 6.19 -7.82 8.09
CA ILE A 5 7.54 -7.76 7.56
C ILE A 5 7.72 -6.52 6.68
N PHE A 6 6.77 -6.30 5.78
CA PHE A 6 6.82 -5.14 4.89
C PHE A 6 5.43 -4.84 4.33
N LYS A 7 4.49 -5.75 4.57
CA LYS A 7 3.12 -5.58 4.08
C LYS A 7 2.59 -4.20 4.46
N HIS A 8 2.27 -4.02 5.73
CA HIS A 8 1.75 -2.74 6.20
C HIS A 8 2.86 -1.70 6.27
N GLY A 9 3.34 -1.28 5.11
CA GLY A 9 4.40 -0.29 5.04
C GLY A 9 4.88 -0.08 3.63
N ARG A 10 4.50 -0.99 2.73
CA ARG A 10 4.89 -0.90 1.32
C ARG A 10 3.79 -1.46 0.43
N HIS A 11 2.58 -1.56 0.99
CA HIS A 11 1.43 -2.07 0.24
C HIS A 11 0.16 -1.43 0.73
N ALA A 12 -0.74 -1.24 -0.24
CA ALA A 12 -2.03 -0.59 -0.05
C ALA A 12 -1.85 0.87 0.17
N ALA A 13 -0.69 1.19 0.80
CA ALA A 13 -0.29 2.54 0.75
C ALA A 13 -0.13 2.59 -0.77
N LYS A 14 -0.50 1.36 -1.32
CA LYS A 14 -0.54 1.08 -2.75
C LYS A 14 -1.95 0.77 -3.23
N HIS A 15 -2.04 0.27 -4.46
CA HIS A 15 -3.31 -0.13 -5.08
C HIS A 15 -4.46 0.78 -4.65
N ILE A 16 -4.11 1.94 -4.11
CA ILE A 16 -5.08 2.88 -3.66
C ILE A 16 -4.38 4.04 -3.03
N GLY A 17 -3.45 3.68 -2.24
CA GLY A 17 -2.60 4.67 -1.64
C GLY A 17 -1.68 5.13 -2.75
N HIS A 18 -1.67 4.33 -3.84
CA HIS A 18 -0.88 4.66 -5.02
C HIS A 18 -1.72 5.50 -5.99
N ALA A 19 -2.95 5.05 -6.26
CA ALA A 19 -3.84 5.77 -7.17
C ALA A 19 -5.06 4.91 -7.53
N ALA A 20 -5.24 3.81 -6.80
CA ALA A 20 -6.35 2.92 -7.08
C ALA A 20 -6.23 2.40 -8.50
N VAL A 21 -5.09 2.71 -9.12
CA VAL A 21 -4.80 2.32 -10.50
C VAL A 21 -3.31 1.99 -10.61
N ASN A 22 -2.56 2.33 -9.55
CA ASN A 22 -1.11 2.11 -9.45
C ASN A 22 -0.36 3.41 -9.74
N HIS A 23 -0.93 4.19 -10.64
CA HIS A 23 -0.35 5.48 -11.07
C HIS A 23 0.59 5.27 -12.24
N TYR A 24 1.34 4.17 -12.20
CA TYR A 24 2.28 3.85 -13.28
C TYR A 24 1.51 3.29 -14.49
N LEU A 25 0.19 3.46 -14.47
CA LEU A 25 -0.65 2.97 -15.55
C LEU A 25 -0.66 1.44 -15.57
N GLY A 1 -2.97 -2.28 18.19
CA GLY A 1 -3.47 -3.62 17.97
C GLY A 1 -2.61 -4.40 17.00
N TRP A 2 -2.92 -4.28 15.71
CA TRP A 2 -2.17 -4.98 14.68
C TRP A 2 -0.82 -4.30 14.44
N GLY A 3 0.25 -5.06 14.53
CA GLY A 3 1.58 -4.52 14.33
C GLY A 3 1.85 -4.20 12.87
N SER A 4 0.97 -4.67 11.98
CA SER A 4 1.13 -4.42 10.56
C SER A 4 2.55 -4.72 10.10
N ILE A 5 2.77 -5.94 9.60
CA ILE A 5 4.09 -6.34 9.13
C ILE A 5 4.52 -5.49 7.95
N PHE A 6 4.95 -4.26 8.22
CA PHE A 6 5.39 -3.35 7.17
C PHE A 6 4.35 -3.27 6.05
N LYS A 7 3.14 -3.75 6.33
CA LYS A 7 2.08 -3.72 5.34
C LYS A 7 1.67 -2.29 5.03
N HIS A 8 1.65 -1.45 6.06
CA HIS A 8 1.27 -0.05 5.90
C HIS A 8 2.45 0.77 5.37
N GLY A 9 2.98 0.37 4.23
CA GLY A 9 4.09 1.08 3.62
C GLY A 9 4.68 0.33 2.43
N ARG A 10 4.18 -0.88 2.18
CA ARG A 10 4.65 -1.71 1.07
C ARG A 10 3.58 -1.85 0.00
N HIS A 11 3.08 -3.06 -0.15
CA HIS A 11 2.05 -3.36 -1.13
C HIS A 11 0.71 -3.06 -0.54
N ALA A 12 -0.18 -2.58 -1.41
CA ALA A 12 -1.53 -2.17 -1.05
C ALA A 12 -1.49 -0.90 -0.25
N ALA A 13 -0.38 -0.78 0.52
CA ALA A 13 -0.10 0.50 1.05
C ALA A 13 0.09 1.16 -0.32
N LYS A 14 -0.12 0.22 -1.33
CA LYS A 14 -0.10 0.53 -2.76
C LYS A 14 -1.46 0.35 -3.40
N HIS A 15 -1.47 0.40 -4.74
CA HIS A 15 -2.67 0.20 -5.55
C HIS A 15 -3.91 0.76 -4.88
N ILE A 16 -3.69 1.62 -3.90
CA ILE A 16 -4.76 2.24 -3.17
C ILE A 16 -4.20 3.09 -2.08
N GLY A 17 -3.25 2.52 -1.44
CA GLY A 17 -2.52 3.23 -0.45
C GLY A 17 -1.62 4.17 -1.21
N HIS A 18 -1.50 3.88 -2.54
CA HIS A 18 -0.68 4.71 -3.44
C HIS A 18 -1.57 5.78 -4.07
N ALA A 19 -2.73 5.39 -4.59
CA ALA A 19 -3.64 6.35 -5.23
C ALA A 19 -4.78 5.62 -5.96
N ALA A 20 -4.90 4.32 -5.72
CA ALA A 20 -5.93 3.54 -6.39
C ALA A 20 -5.73 3.65 -7.89
N VAL A 21 -4.59 4.22 -8.26
CA VAL A 21 -4.22 4.42 -9.65
C VAL A 21 -2.70 4.29 -9.79
N ASN A 22 -2.04 4.19 -8.62
CA ASN A 22 -0.58 4.05 -8.49
C ASN A 22 0.05 5.40 -8.21
N HIS A 23 -0.51 6.44 -8.81
CA HIS A 23 0.00 7.80 -8.63
C HIS A 23 -1.08 8.82 -8.99
N TYR A 24 -1.72 9.38 -7.96
CA TYR A 24 -2.76 10.38 -8.18
C TYR A 24 -2.23 11.52 -9.04
N LEU A 25 -0.90 11.61 -9.17
CA LEU A 25 -0.29 12.66 -9.97
C LEU A 25 -0.68 12.50 -11.43
N GLY A 1 7.70 1.15 13.39
CA GLY A 1 7.31 1.34 14.78
C GLY A 1 5.80 1.36 14.95
N TRP A 2 5.17 0.20 14.72
CA TRP A 2 3.73 0.09 14.87
C TRP A 2 3.32 -1.37 15.09
N GLY A 3 3.25 -2.13 14.00
CA GLY A 3 2.88 -3.53 14.10
C GLY A 3 2.91 -4.22 12.75
N SER A 4 2.88 -3.41 11.68
CA SER A 4 2.90 -3.96 10.33
C SER A 4 4.30 -4.41 9.95
N ILE A 5 4.43 -5.70 9.63
CA ILE A 5 5.73 -6.25 9.25
C ILE A 5 6.13 -5.74 7.87
N PHE A 6 5.21 -5.80 6.92
CA PHE A 6 5.49 -5.35 5.57
C PHE A 6 4.19 -5.11 4.81
N LYS A 7 3.06 -5.40 5.46
CA LYS A 7 1.76 -5.21 4.83
C LYS A 7 1.51 -3.72 4.58
N HIS A 8 1.21 -2.98 5.64
CA HIS A 8 0.96 -1.54 5.53
C HIS A 8 2.28 -0.78 5.57
N GLY A 9 3.39 -1.51 5.56
CA GLY A 9 4.71 -0.90 5.61
C GLY A 9 5.21 -0.53 4.23
N ARG A 10 4.72 -1.22 3.20
CA ARG A 10 5.15 -0.95 1.83
C ARG A 10 4.17 -1.54 0.83
N HIS A 11 2.91 -1.72 1.25
CA HIS A 11 1.89 -2.26 0.37
C HIS A 11 0.53 -1.83 0.82
N ALA A 12 -0.33 -1.63 -0.19
CA ALA A 12 -1.71 -1.16 -0.04
C ALA A 12 -1.71 0.29 0.34
N ALA A 13 -0.65 0.66 1.09
CA ALA A 13 -0.39 2.05 1.23
C ALA A 13 -0.14 2.29 -0.26
N LYS A 14 -0.32 1.09 -0.96
CA LYS A 14 -0.23 0.98 -2.41
C LYS A 14 -1.55 0.58 -3.04
N HIS A 15 -1.48 0.24 -4.34
CA HIS A 15 -2.65 -0.21 -5.11
C HIS A 15 -3.92 0.48 -4.68
N ILE A 16 -3.75 1.61 -4.00
CA ILE A 16 -4.86 2.38 -3.53
C ILE A 16 -4.36 3.52 -2.70
N GLY A 17 -3.46 3.17 -1.87
CA GLY A 17 -2.78 4.15 -1.09
C GLY A 17 -1.83 4.83 -2.04
N HIS A 18 -1.66 4.19 -3.22
CA HIS A 18 -0.79 4.75 -4.27
C HIS A 18 -1.63 5.61 -5.21
N ALA A 19 -2.81 5.13 -5.61
CA ALA A 19 -3.65 5.91 -6.53
C ALA A 19 -5.04 5.31 -6.71
N ALA A 20 -5.65 4.87 -5.62
CA ALA A 20 -6.98 4.26 -5.71
C ALA A 20 -6.92 2.94 -6.48
N VAL A 21 -5.83 2.72 -7.22
CA VAL A 21 -5.67 1.48 -7.99
C VAL A 21 -4.20 1.09 -8.08
N ASN A 22 -3.33 2.11 -8.16
CA ASN A 22 -1.87 1.93 -8.25
C ASN A 22 -1.26 3.15 -8.94
N HIS A 23 -1.89 3.59 -10.03
CA HIS A 23 -1.41 4.75 -10.76
C HIS A 23 -2.46 5.21 -11.78
N TYR A 24 -3.01 6.40 -11.55
CA TYR A 24 -4.02 6.94 -12.45
C TYR A 24 -3.48 7.01 -13.88
N LEU A 25 -2.19 6.73 -14.03
CA LEU A 25 -1.57 6.75 -15.35
C LEU A 25 -0.21 6.06 -15.30
N GLY A 1 6.60 -0.22 14.77
CA GLY A 1 5.46 0.41 14.11
C GLY A 1 4.77 -0.54 13.15
N TRP A 2 3.72 -0.05 12.51
CA TRP A 2 2.96 -0.88 11.57
C TRP A 2 2.59 -2.22 12.21
N GLY A 3 2.88 -3.31 11.51
CA GLY A 3 2.56 -4.64 12.02
C GLY A 3 3.18 -5.73 11.17
N SER A 4 4.10 -5.34 10.30
CA SER A 4 4.75 -6.31 9.42
C SER A 4 5.99 -5.69 8.78
N ILE A 5 6.78 -6.52 8.10
CA ILE A 5 7.99 -6.04 7.44
C ILE A 5 7.63 -5.16 6.24
N PHE A 6 6.57 -5.53 5.54
CA PHE A 6 6.13 -4.76 4.38
C PHE A 6 4.73 -5.20 3.94
N LYS A 7 4.27 -6.31 4.49
CA LYS A 7 2.95 -6.84 4.16
C LYS A 7 1.86 -5.91 4.69
N HIS A 8 2.25 -4.98 5.56
CA HIS A 8 1.32 -4.03 6.15
C HIS A 8 2.04 -2.74 6.51
N GLY A 9 2.97 -2.33 5.65
CA GLY A 9 3.75 -1.12 5.87
C GLY A 9 4.22 -0.51 4.56
N ARG A 10 3.83 -1.15 3.46
CA ARG A 10 4.21 -0.69 2.12
C ARG A 10 3.12 -1.05 1.12
N HIS A 11 2.10 -1.75 1.59
CA HIS A 11 0.98 -2.17 0.73
C HIS A 11 -0.27 -1.44 1.11
N ALA A 12 -1.06 -1.19 0.06
CA ALA A 12 -2.31 -0.44 0.12
C ALA A 12 -2.01 1.01 0.35
N ALA A 13 -0.88 1.22 1.06
CA ALA A 13 -0.34 2.53 1.04
C ALA A 13 -0.06 2.54 -0.46
N LYS A 14 -0.52 1.35 -1.03
CA LYS A 14 -0.46 1.05 -2.46
C LYS A 14 -1.85 0.83 -3.04
N HIS A 15 -1.87 0.30 -4.27
CA HIS A 15 -3.11 -0.03 -4.96
C HIS A 15 -4.22 0.95 -4.64
N ILE A 16 -3.82 2.15 -4.19
CA ILE A 16 -4.75 3.18 -3.82
C ILE A 16 -4.01 4.28 -3.12
N GLY A 17 -3.06 3.87 -2.38
CA GLY A 17 -2.18 4.80 -1.75
C GLY A 17 -1.16 5.15 -2.79
N HIS A 18 -1.17 4.34 -3.89
CA HIS A 18 -0.27 4.58 -5.02
C HIS A 18 -0.97 5.43 -6.07
N ALA A 19 -2.27 5.22 -6.29
CA ALA A 19 -2.99 6.02 -7.31
C ALA A 19 -4.46 6.27 -6.95
N ALA A 20 -4.77 6.25 -5.67
CA ALA A 20 -6.14 6.51 -5.21
C ALA A 20 -7.11 5.44 -5.72
N VAL A 21 -6.63 4.56 -6.62
CA VAL A 21 -7.48 3.50 -7.18
C VAL A 21 -6.66 2.29 -7.57
N ASN A 22 -5.38 2.48 -7.88
CA ASN A 22 -4.53 1.36 -8.28
C ASN A 22 -3.07 1.78 -8.38
N HIS A 23 -2.63 2.15 -9.59
CA HIS A 23 -1.24 2.56 -9.79
C HIS A 23 -1.14 3.53 -10.97
N TYR A 24 -2.21 4.28 -11.23
CA TYR A 24 -2.23 5.24 -12.32
C TYR A 24 -1.45 6.49 -11.94
N LEU A 25 -0.59 6.37 -10.94
CA LEU A 25 0.21 7.50 -10.47
C LEU A 25 -0.70 8.67 -10.09
N GLY A 1 -2.83 -9.76 15.23
CA GLY A 1 -2.58 -9.40 13.85
C GLY A 1 -1.42 -10.18 13.25
N TRP A 2 -0.42 -9.45 12.76
CA TRP A 2 0.75 -10.08 12.16
C TRP A 2 1.95 -9.13 12.20
N GLY A 3 1.73 -7.94 12.75
CA GLY A 3 2.78 -6.94 12.85
C GLY A 3 3.02 -6.24 11.53
N SER A 4 2.38 -6.73 10.48
CA SER A 4 2.53 -6.15 9.15
C SER A 4 4.01 -5.94 8.82
N ILE A 5 4.74 -7.04 8.72
CA ILE A 5 6.17 -6.98 8.41
C ILE A 5 6.39 -6.35 7.04
N PHE A 6 5.34 -6.32 6.23
CA PHE A 6 5.44 -5.74 4.88
C PHE A 6 4.05 -5.50 4.29
N LYS A 7 3.04 -6.09 4.92
CA LYS A 7 1.67 -5.93 4.44
C LYS A 7 1.33 -4.44 4.30
N HIS A 8 0.90 -3.84 5.41
CA HIS A 8 0.54 -2.42 5.40
C HIS A 8 1.79 -1.56 5.51
N GLY A 9 2.65 -1.63 4.50
CA GLY A 9 3.88 -0.86 4.49
C GLY A 9 4.55 -0.86 3.13
N ARG A 10 4.11 -1.78 2.27
CA ARG A 10 4.67 -1.89 0.92
C ARG A 10 3.59 -2.30 -0.08
N HIS A 11 2.35 -2.37 0.41
CA HIS A 11 1.22 -2.75 -0.44
C HIS A 11 -0.06 -2.22 0.12
N ALA A 12 -0.94 -1.84 -0.81
CA ALA A 12 -2.25 -1.25 -0.53
C ALA A 12 -2.08 0.14 0.02
N ALA A 13 -0.96 0.31 0.75
CA ALA A 13 -0.56 1.63 1.02
C ALA A 13 -0.36 2.03 -0.44
N LYS A 14 -0.69 0.94 -1.26
CA LYS A 14 -0.66 0.99 -2.72
C LYS A 14 -2.05 0.80 -3.32
N HIS A 15 -2.09 0.60 -4.64
CA HIS A 15 -3.32 0.36 -5.40
C HIS A 15 -4.49 1.13 -4.81
N ILE A 16 -4.18 2.15 -4.03
CA ILE A 16 -5.18 2.97 -3.40
C ILE A 16 -4.52 3.94 -2.50
N GLY A 17 -3.63 3.40 -1.76
CA GLY A 17 -2.82 4.21 -0.92
C GLY A 17 -1.86 4.91 -1.83
N HIS A 18 -1.79 4.40 -3.08
CA HIS A 18 -0.93 4.98 -4.11
C HIS A 18 -1.71 6.04 -4.89
N ALA A 19 -2.96 5.73 -5.26
CA ALA A 19 -3.75 6.70 -6.03
C ALA A 19 -5.20 6.27 -6.19
N ALA A 20 -5.79 5.75 -5.13
CA ALA A 20 -7.18 5.31 -5.20
C ALA A 20 -7.32 4.09 -6.12
N VAL A 21 -6.31 3.85 -6.97
CA VAL A 21 -6.34 2.71 -7.89
C VAL A 21 -4.93 2.21 -8.18
N ASN A 22 -3.96 3.13 -8.17
CA ASN A 22 -2.54 2.80 -8.42
C ASN A 22 -1.82 4.05 -8.92
N HIS A 23 -2.43 4.74 -9.89
CA HIS A 23 -1.84 5.95 -10.45
C HIS A 23 -2.88 6.75 -11.23
N TYR A 24 -2.54 7.13 -12.46
CA TYR A 24 -3.46 7.91 -13.29
C TYR A 24 -3.93 9.16 -12.55
N LEU A 25 -3.13 9.59 -11.56
CA LEU A 25 -3.48 10.78 -10.79
C LEU A 25 -4.91 10.68 -10.27
N GLY A 1 -0.46 5.87 15.54
CA GLY A 1 -1.38 4.79 15.87
C GLY A 1 -1.93 4.12 14.63
N TRP A 2 -1.31 4.39 13.49
CA TRP A 2 -1.75 3.81 12.23
C TRP A 2 -1.77 2.28 12.32
N GLY A 3 -1.10 1.75 13.34
CA GLY A 3 -1.05 0.30 13.53
C GLY A 3 -0.25 -0.38 12.45
N SER A 4 0.57 0.40 11.75
CA SER A 4 1.41 -0.14 10.67
C SER A 4 2.53 0.83 10.33
N ILE A 5 3.56 0.32 9.68
CA ILE A 5 4.71 1.15 9.28
C ILE A 5 5.40 0.55 8.05
N PHE A 6 5.34 -0.77 7.93
CA PHE A 6 5.95 -1.45 6.79
C PHE A 6 5.08 -1.32 5.56
N LYS A 7 4.58 -0.11 5.31
CA LYS A 7 3.73 0.13 4.14
C LYS A 7 2.57 -0.87 4.13
N HIS A 8 1.87 -0.96 5.27
CA HIS A 8 0.74 -1.88 5.38
C HIS A 8 1.07 -3.23 4.77
N GLY A 9 2.32 -3.64 4.90
CA GLY A 9 2.78 -4.92 4.37
C GLY A 9 3.22 -4.80 2.93
N ARG A 10 3.66 -3.60 2.54
CA ARG A 10 4.12 -3.35 1.17
C ARG A 10 2.98 -3.62 0.20
N HIS A 11 1.78 -3.21 0.61
CA HIS A 11 0.60 -3.40 -0.22
C HIS A 11 -0.55 -2.63 0.36
N ALA A 12 -1.34 -2.09 -0.55
CA ALA A 12 -2.51 -1.25 -0.25
C ALA A 12 -2.04 0.08 0.25
N ALA A 13 -0.87 0.04 0.93
CA ALA A 13 -0.20 1.27 1.14
C ALA A 13 0.01 1.57 -0.35
N LYS A 14 -0.58 0.57 -1.11
CA LYS A 14 -0.61 0.57 -2.58
C LYS A 14 -2.03 0.64 -3.11
N HIS A 15 -2.15 0.43 -4.42
CA HIS A 15 -3.44 0.42 -5.12
C HIS A 15 -4.42 1.41 -4.52
N ILE A 16 -3.89 2.35 -3.77
CA ILE A 16 -4.68 3.37 -3.13
C ILE A 16 -3.81 4.22 -2.27
N GLY A 17 -2.96 3.55 -1.58
CA GLY A 17 -1.98 4.21 -0.81
C GLY A 17 -0.94 4.68 -1.79
N HIS A 18 -1.05 4.14 -3.03
CA HIS A 18 -0.14 4.53 -4.10
C HIS A 18 -0.78 5.66 -4.92
N ALA A 19 -2.07 5.52 -5.26
CA ALA A 19 -2.76 6.55 -6.05
C ALA A 19 -4.10 6.01 -6.56
N ALA A 20 -4.52 4.86 -6.04
CA ALA A 20 -5.77 4.26 -6.49
C ALA A 20 -5.70 4.02 -7.99
N VAL A 21 -4.50 4.19 -8.53
CA VAL A 21 -4.24 4.01 -9.96
C VAL A 21 -2.81 3.50 -10.14
N ASN A 22 -2.07 3.49 -9.02
CA ASN A 22 -0.67 3.04 -8.96
C ASN A 22 0.27 4.24 -8.98
N HIS A 23 -0.10 5.26 -9.74
CA HIS A 23 0.72 6.46 -9.84
C HIS A 23 -0.02 7.54 -10.62
N TYR A 24 -0.64 8.47 -9.89
CA TYR A 24 -1.38 9.56 -10.52
C TYR A 24 -0.41 10.61 -11.06
N LEU A 25 0.88 10.28 -11.05
CA LEU A 25 1.90 11.20 -11.53
C LEU A 25 1.78 11.39 -13.04
N GLY A 1 -4.32 7.90 15.61
CA GLY A 1 -3.11 7.10 15.58
C GLY A 1 -3.36 5.71 15.05
N TRP A 2 -2.92 5.47 13.82
CA TRP A 2 -3.11 4.16 13.20
C TRP A 2 -2.40 3.07 14.01
N GLY A 3 -1.38 2.45 13.42
CA GLY A 3 -0.63 1.42 14.11
C GLY A 3 0.38 0.74 13.20
N SER A 4 0.12 0.79 11.89
CA SER A 4 1.01 0.17 10.92
C SER A 4 2.30 0.98 10.81
N ILE A 5 3.22 0.51 9.97
CA ILE A 5 4.49 1.20 9.78
C ILE A 5 5.21 0.66 8.53
N PHE A 6 5.21 -0.66 8.38
CA PHE A 6 5.87 -1.28 7.23
C PHE A 6 5.01 -1.17 5.98
N LYS A 7 4.54 0.05 5.70
CA LYS A 7 3.71 0.27 4.52
C LYS A 7 2.54 -0.71 4.50
N HIS A 8 1.83 -0.79 5.61
CA HIS A 8 0.68 -1.69 5.73
C HIS A 8 1.01 -3.05 5.11
N GLY A 9 2.26 -3.46 5.27
CA GLY A 9 2.72 -4.74 4.74
C GLY A 9 3.22 -4.60 3.30
N ARG A 10 3.70 -3.41 2.96
CA ARG A 10 4.19 -3.14 1.62
C ARG A 10 3.10 -3.45 0.62
N HIS A 11 1.87 -3.13 1.03
CA HIS A 11 0.70 -3.35 0.20
C HIS A 11 -0.44 -2.53 0.71
N ALA A 12 -1.24 -2.06 -0.25
CA ALA A 12 -2.39 -1.20 -0.01
C ALA A 12 -1.93 0.16 0.40
N ALA A 13 -0.76 0.17 1.09
CA ALA A 13 -0.10 1.41 1.23
C ALA A 13 0.13 1.60 -0.28
N LYS A 14 -0.44 0.54 -0.98
CA LYS A 14 -0.47 0.44 -2.43
C LYS A 14 -1.89 0.47 -2.98
N HIS A 15 -2.01 0.16 -4.28
CA HIS A 15 -3.30 0.10 -4.98
C HIS A 15 -4.28 1.14 -4.47
N ILE A 16 -3.75 2.14 -3.78
CA ILE A 16 -4.54 3.20 -3.22
C ILE A 16 -3.68 4.11 -2.42
N GLY A 17 -2.83 3.48 -1.70
CA GLY A 17 -1.85 4.20 -0.95
C GLY A 17 -0.80 4.59 -1.96
N HIS A 18 -0.89 3.97 -3.16
CA HIS A 18 0.02 4.27 -4.26
C HIS A 18 -0.60 5.36 -5.14
N ALA A 19 -1.90 5.22 -5.45
CA ALA A 19 -2.60 6.20 -6.29
C ALA A 19 -3.90 5.61 -6.81
N ALA A 20 -4.33 4.50 -6.24
CA ALA A 20 -5.56 3.84 -6.68
C ALA A 20 -5.46 3.53 -8.16
N VAL A 21 -4.25 3.70 -8.69
CA VAL A 21 -3.97 3.45 -10.10
C VAL A 21 -2.55 2.92 -10.24
N ASN A 22 -1.81 2.96 -9.11
CA ASN A 22 -0.42 2.49 -9.01
C ASN A 22 0.53 3.68 -9.02
N HIS A 23 0.19 4.70 -9.81
CA HIS A 23 1.03 5.89 -9.91
C HIS A 23 0.31 6.99 -10.69
N TYR A 24 -0.22 7.97 -9.96
CA TYR A 24 -0.93 9.07 -10.59
C TYR A 24 -1.16 10.19 -9.57
N LEU A 25 -0.77 9.94 -8.33
CA LEU A 25 -0.93 10.93 -7.27
C LEU A 25 -0.16 10.50 -6.03
N GLY A 1 8.06 -13.55 15.54
CA GLY A 1 7.87 -12.21 15.03
C GLY A 1 6.60 -12.08 14.21
N TRP A 2 6.21 -10.85 13.90
CA TRP A 2 5.01 -10.62 13.11
C TRP A 2 5.14 -11.25 11.73
N GLY A 3 6.38 -11.34 11.24
CA GLY A 3 6.62 -11.92 9.94
C GLY A 3 6.05 -11.06 8.82
N SER A 4 5.48 -9.91 9.20
CA SER A 4 4.90 -9.00 8.22
C SER A 4 5.98 -8.22 7.50
N ILE A 5 6.12 -8.46 6.20
CA ILE A 5 7.13 -7.77 5.39
C ILE A 5 6.68 -6.34 5.10
N PHE A 6 6.60 -5.52 6.15
CA PHE A 6 6.18 -4.13 6.00
C PHE A 6 4.81 -4.06 5.34
N LYS A 7 4.16 -5.21 5.20
CA LYS A 7 2.83 -5.26 4.59
C LYS A 7 1.85 -4.44 5.41
N HIS A 8 2.02 -4.45 6.73
CA HIS A 8 1.14 -3.69 7.61
C HIS A 8 1.37 -2.19 7.46
N GLY A 9 2.24 -1.83 6.52
CA GLY A 9 2.55 -0.44 6.29
C GLY A 9 3.32 -0.23 5.00
N ARG A 10 2.94 -0.97 3.96
CA ARG A 10 3.61 -0.86 2.67
C ARG A 10 2.77 -1.52 1.58
N HIS A 11 1.45 -1.30 1.64
CA HIS A 11 0.55 -1.86 0.66
C HIS A 11 -0.82 -1.27 0.80
N ALA A 12 -1.45 -1.09 -0.36
CA ALA A 12 -2.78 -0.48 -0.50
C ALA A 12 -2.69 0.99 -0.23
N ALA A 13 -1.75 1.32 0.68
CA ALA A 13 -1.38 2.68 0.74
C ALA A 13 -0.84 2.76 -0.68
N LYS A 14 -1.02 1.53 -1.31
CA LYS A 14 -0.69 1.27 -2.72
C LYS A 14 -1.92 0.94 -3.54
N HIS A 15 -1.67 0.48 -4.78
CA HIS A 15 -2.73 0.07 -5.70
C HIS A 15 -3.97 0.92 -5.56
N ILE A 16 -3.81 2.07 -4.93
CA ILE A 16 -4.91 2.99 -4.72
C ILE A 16 -4.43 4.13 -3.91
N GLY A 17 -3.71 3.79 -2.92
CA GLY A 17 -3.08 4.78 -2.11
C GLY A 17 -1.93 5.29 -2.93
N HIS A 18 -1.62 4.52 -3.99
CA HIS A 18 -0.55 4.89 -4.93
C HIS A 18 -1.14 5.75 -6.05
N ALA A 19 -2.26 5.29 -6.63
CA ALA A 19 -2.92 6.03 -7.72
C ALA A 19 -3.93 5.12 -8.41
N ALA A 20 -4.26 3.99 -7.79
CA ALA A 20 -5.20 3.06 -8.39
C ALA A 20 -4.67 2.61 -9.75
N VAL A 21 -3.41 2.96 -10.00
CA VAL A 21 -2.75 2.63 -11.26
C VAL A 21 -1.30 2.22 -10.99
N ASN A 22 -0.87 2.46 -9.73
CA ASN A 22 0.49 2.15 -9.25
C ASN A 22 1.29 3.43 -9.05
N HIS A 23 1.06 4.39 -9.93
CA HIS A 23 1.76 5.69 -9.88
C HIS A 23 3.14 5.55 -10.52
N TYR A 24 3.23 4.71 -11.55
CA TYR A 24 4.50 4.49 -12.23
C TYR A 24 5.11 5.81 -12.69
N LEU A 25 4.24 6.77 -13.02
CA LEU A 25 4.71 8.08 -13.47
C LEU A 25 5.52 8.76 -12.37
N GLY A 1 3.56 -0.23 12.78
CA GLY A 1 2.58 -0.23 13.84
C GLY A 1 1.41 -1.15 13.54
N TRP A 2 0.37 -1.08 14.38
CA TRP A 2 -0.80 -1.91 14.19
C TRP A 2 -0.42 -3.39 14.14
N GLY A 3 0.83 -3.68 14.50
CA GLY A 3 1.31 -5.05 14.50
C GLY A 3 1.64 -5.53 13.09
N SER A 4 1.39 -4.68 12.11
CA SER A 4 1.66 -5.03 10.72
C SER A 4 3.12 -5.43 10.55
N ILE A 5 3.34 -6.61 9.97
CA ILE A 5 4.70 -7.11 9.76
C ILE A 5 5.38 -6.34 8.63
N PHE A 6 4.72 -6.27 7.47
CA PHE A 6 5.26 -5.55 6.32
C PHE A 6 4.14 -5.20 5.34
N LYS A 7 2.94 -5.74 5.59
CA LYS A 7 1.81 -5.47 4.72
C LYS A 7 1.60 -3.96 4.59
N HIS A 8 1.16 -3.33 5.67
CA HIS A 8 0.92 -1.89 5.68
C HIS A 8 2.22 -1.14 5.92
N GLY A 9 3.14 -1.22 4.96
CA GLY A 9 4.43 -0.55 5.08
C GLY A 9 5.11 -0.41 3.73
N ARG A 10 4.74 -1.28 2.79
CA ARG A 10 5.32 -1.24 1.44
C ARG A 10 4.34 -1.82 0.43
N HIS A 11 3.09 -1.93 0.84
CA HIS A 11 2.06 -2.46 -0.05
C HIS A 11 0.69 -2.15 0.49
N ALA A 12 -0.20 -1.90 -0.47
CA ALA A 12 -1.60 -1.53 -0.24
C ALA A 12 -1.68 -0.15 0.33
N ALA A 13 -0.63 0.20 1.09
CA ALA A 13 -0.47 1.56 1.39
C ALA A 13 -0.26 2.00 -0.07
N LYS A 14 -0.38 0.89 -0.90
CA LYS A 14 -0.31 0.95 -2.36
C LYS A 14 -1.63 0.55 -3.00
N HIS A 15 -1.58 0.36 -4.32
CA HIS A 15 -2.74 -0.06 -5.13
C HIS A 15 -4.04 0.49 -4.58
N ILE A 16 -3.93 1.54 -3.78
CA ILE A 16 -5.07 2.18 -3.18
C ILE A 16 -4.61 3.23 -2.24
N GLY A 17 -3.65 2.86 -1.51
CA GLY A 17 -3.01 3.80 -0.63
C GLY A 17 -2.14 4.64 -1.53
N HIS A 18 -1.96 4.14 -2.77
CA HIS A 18 -1.18 4.86 -3.78
C HIS A 18 -2.12 5.76 -4.60
N ALA A 19 -3.24 5.20 -5.04
CA ALA A 19 -4.22 5.96 -5.84
C ALA A 19 -5.20 5.01 -6.51
N ALA A 20 -5.22 3.76 -6.07
CA ALA A 20 -6.11 2.78 -6.66
C ALA A 20 -5.82 2.67 -8.15
N VAL A 21 -4.72 3.29 -8.55
CA VAL A 21 -4.29 3.30 -9.96
C VAL A 21 -2.77 3.15 -10.03
N ASN A 22 -2.13 3.26 -8.85
CA ASN A 22 -0.67 3.14 -8.68
C ASN A 22 -0.05 4.50 -8.40
N HIS A 23 -0.62 5.54 -9.03
CA HIS A 23 -0.13 6.91 -8.87
C HIS A 23 1.05 7.17 -9.81
N TYR A 24 1.45 6.14 -10.55
CA TYR A 24 2.56 6.27 -11.48
C TYR A 24 2.14 7.03 -12.73
N LEU A 25 0.84 7.30 -12.85
CA LEU A 25 0.32 8.02 -14.00
C LEU A 25 0.78 7.36 -15.29
N GLY A 1 4.27 -12.76 17.19
CA GLY A 1 5.06 -11.55 17.13
C GLY A 1 4.45 -10.52 16.20
N TRP A 2 5.20 -10.15 15.16
CA TRP A 2 4.71 -9.18 14.19
C TRP A 2 3.53 -9.74 13.40
N GLY A 3 3.78 -10.82 12.68
CA GLY A 3 2.73 -11.45 11.89
C GLY A 3 2.43 -10.66 10.63
N SER A 4 3.34 -9.77 10.26
CA SER A 4 3.15 -8.95 9.06
C SER A 4 4.46 -8.27 8.68
N ILE A 5 5.14 -8.82 7.67
CA ILE A 5 6.40 -8.25 7.21
C ILE A 5 6.17 -6.88 6.58
N PHE A 6 5.96 -5.87 7.42
CA PHE A 6 5.72 -4.53 6.94
C PHE A 6 4.60 -4.50 5.90
N LYS A 7 3.89 -5.62 5.79
CA LYS A 7 2.78 -5.72 4.85
C LYS A 7 1.79 -4.60 5.07
N HIS A 8 1.36 -4.42 6.31
CA HIS A 8 0.41 -3.37 6.66
C HIS A 8 1.10 -2.02 6.73
N GLY A 9 1.94 -1.73 5.75
CA GLY A 9 2.67 -0.47 5.72
C GLY A 9 3.44 -0.29 4.43
N ARG A 10 3.19 -1.18 3.47
CA ARG A 10 3.86 -1.12 2.16
C ARG A 10 2.93 -1.61 1.07
N HIS A 11 1.63 -1.63 1.36
CA HIS A 11 0.63 -2.07 0.39
C HIS A 11 -0.68 -1.40 0.64
N ALA A 12 -1.37 -1.17 -0.48
CA ALA A 12 -2.66 -0.49 -0.54
C ALA A 12 -2.49 0.97 -0.25
N ALA A 13 -1.49 1.25 0.60
CA ALA A 13 -1.06 2.60 0.67
C ALA A 13 -0.60 2.67 -0.78
N LYS A 14 -0.87 1.46 -1.42
CA LYS A 14 -0.61 1.19 -2.83
C LYS A 14 -1.89 0.94 -3.60
N HIS A 15 -1.72 0.49 -4.85
CA HIS A 15 -2.84 0.13 -5.74
C HIS A 15 -4.05 1.02 -5.52
N ILE A 16 -3.80 2.18 -4.91
CA ILE A 16 -4.84 3.13 -4.63
C ILE A 16 -4.27 4.24 -3.83
N GLY A 17 -3.54 3.84 -2.87
CA GLY A 17 -2.82 4.79 -2.08
C GLY A 17 -1.67 5.25 -2.94
N HIS A 18 -1.45 4.49 -4.04
CA HIS A 18 -0.40 4.82 -5.01
C HIS A 18 -0.98 5.73 -6.10
N ALA A 19 -2.16 5.39 -6.60
CA ALA A 19 -2.76 6.21 -7.67
C ALA A 19 -4.19 5.80 -7.99
N ALA A 20 -4.98 5.52 -6.96
CA ALA A 20 -6.36 5.11 -7.18
C ALA A 20 -6.41 3.71 -7.82
N VAL A 21 -5.30 3.29 -8.43
CA VAL A 21 -5.24 1.97 -9.08
C VAL A 21 -3.83 1.40 -9.02
N ASN A 22 -2.82 2.28 -9.05
CA ASN A 22 -1.41 1.89 -9.01
C ASN A 22 -0.56 2.99 -9.63
N HIS A 23 -0.97 3.46 -10.81
CA HIS A 23 -0.23 4.51 -11.50
C HIS A 23 -1.03 5.00 -12.72
N TYR A 24 -2.25 4.49 -12.86
CA TYR A 24 -3.10 4.88 -13.97
C TYR A 24 -3.63 6.30 -13.77
N LEU A 25 -3.08 7.00 -12.78
CA LEU A 25 -3.51 8.36 -12.50
C LEU A 25 -2.50 9.05 -11.57
N GLY A 1 11.29 -4.66 15.55
CA GLY A 1 12.05 -3.87 14.60
C GLY A 1 11.16 -3.27 13.52
N TRP A 2 9.87 -3.61 13.57
CA TRP A 2 8.91 -3.11 12.59
C TRP A 2 7.49 -3.16 13.15
N GLY A 3 6.73 -2.11 12.92
CA GLY A 3 5.36 -2.04 13.41
C GLY A 3 4.42 -2.88 12.58
N SER A 4 4.96 -3.56 11.57
CA SER A 4 4.14 -4.41 10.71
C SER A 4 5.02 -5.38 9.93
N ILE A 5 4.41 -6.49 9.49
CA ILE A 5 5.13 -7.50 8.74
C ILE A 5 5.30 -7.05 7.28
N PHE A 6 5.93 -5.89 7.10
CA PHE A 6 6.15 -5.33 5.76
C PHE A 6 4.93 -5.51 4.87
N LYS A 7 3.77 -5.74 5.49
CA LYS A 7 2.53 -5.92 4.76
C LYS A 7 1.86 -4.57 4.51
N HIS A 8 1.58 -3.85 5.60
CA HIS A 8 0.94 -2.53 5.51
C HIS A 8 1.98 -1.43 5.68
N GLY A 9 2.97 -1.40 4.79
CA GLY A 9 4.03 -0.40 4.85
C GLY A 9 4.78 -0.28 3.54
N ARG A 10 4.67 -1.32 2.72
CA ARG A 10 5.33 -1.35 1.41
C ARG A 10 4.38 -1.88 0.34
N HIS A 11 3.14 -2.10 0.74
CA HIS A 11 2.13 -2.61 -0.18
C HIS A 11 0.75 -2.29 0.32
N ALA A 12 -0.12 -1.99 -0.65
CA ALA A 12 -1.51 -1.59 -0.43
C ALA A 12 -1.55 -0.21 0.16
N ALA A 13 -0.49 0.08 0.94
CA ALA A 13 -0.30 1.44 1.25
C ALA A 13 -0.07 1.90 -0.18
N LYS A 14 -0.21 0.81 -1.04
CA LYS A 14 -0.12 0.88 -2.50
C LYS A 14 -1.44 0.53 -3.16
N HIS A 15 -1.38 0.36 -4.49
CA HIS A 15 -2.53 -0.02 -5.31
C HIS A 15 -3.82 0.57 -4.79
N ILE A 16 -3.69 1.60 -3.96
CA ILE A 16 -4.82 2.27 -3.38
C ILE A 16 -4.33 3.30 -2.43
N GLY A 17 -3.41 2.88 -1.65
CA GLY A 17 -2.76 3.77 -0.75
C GLY A 17 -1.85 4.61 -1.61
N HIS A 18 -1.66 4.14 -2.86
CA HIS A 18 -0.83 4.87 -3.83
C HIS A 18 -1.72 5.82 -4.64
N ALA A 19 -2.88 5.31 -5.08
CA ALA A 19 -3.82 6.12 -5.88
C ALA A 19 -4.81 5.20 -6.60
N ALA A 20 -4.85 3.94 -6.22
CA ALA A 20 -5.74 2.98 -6.85
C ALA A 20 -5.42 2.91 -8.34
N VAL A 21 -4.32 3.57 -8.71
CA VAL A 21 -3.86 3.60 -10.11
C VAL A 21 -2.33 3.58 -10.14
N ASN A 22 -1.74 3.73 -8.94
CA ASN A 22 -0.27 3.74 -8.74
C ASN A 22 0.22 5.15 -8.48
N HIS A 23 -0.39 6.12 -9.16
CA HIS A 23 -0.02 7.51 -8.99
C HIS A 23 -1.04 8.43 -9.67
N TYR A 24 -0.56 9.33 -10.54
CA TYR A 24 -1.45 10.24 -11.24
C TYR A 24 -2.39 10.94 -10.26
N LEU A 25 -1.97 11.01 -8.99
CA LEU A 25 -2.80 11.66 -7.97
C LEU A 25 -3.14 13.08 -8.39
N GLY A 1 8.64 -5.81 17.91
CA GLY A 1 8.91 -7.20 17.63
C GLY A 1 8.99 -7.49 16.14
N TRP A 2 8.15 -8.42 15.68
CA TRP A 2 8.13 -8.77 14.26
C TRP A 2 7.77 -7.56 13.41
N GLY A 3 7.43 -7.79 12.14
CA GLY A 3 7.07 -6.71 11.26
C GLY A 3 6.48 -7.22 9.94
N SER A 4 6.19 -8.51 9.89
CA SER A 4 5.62 -9.10 8.68
C SER A 4 6.46 -8.72 7.46
N ILE A 5 6.00 -9.16 6.29
CA ILE A 5 6.71 -8.85 5.04
C ILE A 5 6.41 -7.42 4.59
N PHE A 6 6.71 -6.46 5.46
CA PHE A 6 6.46 -5.06 5.16
C PHE A 6 4.99 -4.81 4.85
N LYS A 7 4.18 -5.86 4.96
CA LYS A 7 2.74 -5.73 4.68
C LYS A 7 2.08 -4.87 5.75
N HIS A 8 2.74 -4.74 6.89
CA HIS A 8 2.21 -3.94 7.99
C HIS A 8 2.33 -2.45 7.70
N GLY A 9 2.87 -2.11 6.53
CA GLY A 9 3.03 -0.72 6.16
C GLY A 9 3.85 -0.54 4.89
N ARG A 10 3.40 -1.16 3.80
CA ARG A 10 4.10 -1.05 2.53
C ARG A 10 3.26 -1.67 1.41
N HIS A 11 1.95 -1.53 1.51
CA HIS A 11 1.06 -2.09 0.50
C HIS A 11 -0.34 -1.57 0.68
N ALA A 12 -1.00 -1.40 -0.46
CA ALA A 12 -2.35 -0.89 -0.58
C ALA A 12 -2.37 0.58 -0.25
N ALA A 13 -1.46 0.94 0.67
CA ALA A 13 -1.20 2.32 0.80
C ALA A 13 -0.68 2.50 -0.62
N LYS A 14 -0.76 1.29 -1.30
CA LYS A 14 -0.40 1.11 -2.71
C LYS A 14 -1.60 0.71 -3.55
N HIS A 15 -1.30 0.33 -4.80
CA HIS A 15 -2.31 -0.14 -5.76
C HIS A 15 -3.62 0.60 -5.61
N ILE A 16 -3.56 1.74 -4.93
CA ILE A 16 -4.72 2.56 -4.70
C ILE A 16 -4.35 3.70 -3.82
N GLY A 17 -3.61 3.37 -2.84
CA GLY A 17 -3.08 4.36 -1.97
C GLY A 17 -1.97 5.02 -2.72
N HIS A 18 -1.57 4.35 -3.84
CA HIS A 18 -0.52 4.91 -4.71
C HIS A 18 -1.18 5.73 -5.81
N ALA A 19 -2.27 5.21 -6.38
CA ALA A 19 -3.01 5.91 -7.46
C ALA A 19 -3.87 4.92 -8.23
N ALA A 20 -4.01 3.71 -7.71
CA ALA A 20 -4.80 2.69 -8.38
C ALA A 20 -4.21 2.48 -9.78
N VAL A 21 -3.04 3.05 -9.99
CA VAL A 21 -2.33 2.97 -11.26
C VAL A 21 -0.83 2.91 -10.99
N ASN A 22 -0.48 3.12 -9.72
CA ASN A 22 0.92 3.11 -9.22
C ASN A 22 1.42 4.54 -9.07
N HIS A 23 1.02 5.42 -9.98
CA HIS A 23 1.42 6.81 -9.93
C HIS A 23 0.54 7.66 -10.86
N TYR A 24 1.16 8.49 -11.69
CA TYR A 24 0.41 9.35 -12.61
C TYR A 24 -0.69 10.09 -11.86
N LEU A 25 -0.54 10.21 -10.54
CA LEU A 25 -1.53 10.91 -9.73
C LEU A 25 -2.93 10.35 -10.00
N GLY A 1 6.44 -11.71 16.06
CA GLY A 1 5.63 -10.64 16.62
C GLY A 1 4.37 -10.40 15.82
N TRP A 2 4.14 -9.17 15.41
CA TRP A 2 2.96 -8.83 14.63
C TRP A 2 2.81 -9.76 13.43
N GLY A 3 1.57 -10.03 13.05
CA GLY A 3 1.30 -10.91 11.93
C GLY A 3 1.55 -10.24 10.60
N SER A 4 1.45 -8.91 10.59
CA SER A 4 1.67 -8.15 9.36
C SER A 4 3.15 -8.17 8.98
N ILE A 5 3.55 -9.20 8.24
CA ILE A 5 4.94 -9.32 7.81
C ILE A 5 5.28 -8.22 6.81
N PHE A 6 5.65 -7.05 7.32
CA PHE A 6 6.00 -5.92 6.47
C PHE A 6 4.89 -5.64 5.47
N LYS A 7 3.75 -6.28 5.67
CA LYS A 7 2.61 -6.09 4.78
C LYS A 7 2.16 -4.64 4.80
N HIS A 8 1.65 -4.19 5.95
CA HIS A 8 1.19 -2.82 6.09
C HIS A 8 2.37 -1.85 6.09
N GLY A 9 2.92 -1.61 4.91
CA GLY A 9 4.05 -0.70 4.79
C GLY A 9 4.66 -0.72 3.40
N ARG A 10 4.50 -1.85 2.71
CA ARG A 10 5.04 -2.01 1.35
C ARG A 10 3.94 -2.48 0.40
N HIS A 11 2.71 -2.42 0.86
CA HIS A 11 1.57 -2.84 0.05
C HIS A 11 0.28 -2.29 0.59
N ALA A 12 -0.59 -1.97 -0.35
CA ALA A 12 -1.91 -1.39 -0.11
C ALA A 12 -1.74 0.03 0.36
N ALA A 13 -0.61 0.25 1.06
CA ALA A 13 -0.22 1.60 1.24
C ALA A 13 -0.03 1.89 -0.24
N LYS A 14 -0.38 0.77 -0.99
CA LYS A 14 -0.36 0.73 -2.45
C LYS A 14 -1.75 0.46 -3.02
N HIS A 15 -1.78 0.16 -4.33
CA HIS A 15 -3.03 -0.17 -5.04
C HIS A 15 -4.20 0.62 -4.50
N ILE A 16 -3.90 1.72 -3.84
CA ILE A 16 -4.89 2.57 -3.26
C ILE A 16 -4.24 3.62 -2.45
N GLY A 17 -3.30 3.19 -1.72
CA GLY A 17 -2.50 4.10 -0.96
C GLY A 17 -1.62 4.79 -1.97
N HIS A 18 -1.55 4.19 -3.18
CA HIS A 18 -0.76 4.78 -4.27
C HIS A 18 -1.64 5.67 -5.14
N ALA A 19 -2.86 5.23 -5.46
CA ALA A 19 -3.74 6.04 -6.31
C ALA A 19 -5.15 5.48 -6.40
N ALA A 20 -5.72 5.10 -5.28
CA ALA A 20 -7.08 4.55 -5.29
C ALA A 20 -7.11 3.22 -6.06
N VAL A 21 -6.10 2.96 -6.90
CA VAL A 21 -6.06 1.72 -7.69
C VAL A 21 -4.62 1.27 -7.93
N ASN A 22 -3.71 2.25 -8.05
CA ASN A 22 -2.28 1.96 -8.30
C ASN A 22 -1.63 3.21 -8.92
N HIS A 23 -2.26 3.74 -9.95
CA HIS A 23 -1.74 4.93 -10.62
C HIS A 23 -2.75 5.45 -11.65
N TYR A 24 -3.92 5.87 -11.16
CA TYR A 24 -4.96 6.38 -12.03
C TYR A 24 -4.45 7.55 -12.86
N LEU A 25 -3.42 8.23 -12.35
CA LEU A 25 -2.85 9.37 -13.07
C LEU A 25 -2.16 8.92 -14.35
N GLY A 1 9.81 -6.50 12.85
CA GLY A 1 8.65 -5.62 12.86
C GLY A 1 7.44 -6.30 13.47
N TRP A 2 6.31 -5.60 13.47
CA TRP A 2 5.09 -6.15 14.03
C TRP A 2 4.67 -7.40 13.28
N GLY A 3 3.37 -7.74 13.35
CA GLY A 3 2.87 -8.91 12.67
C GLY A 3 2.99 -8.78 11.16
N SER A 4 2.78 -7.57 10.66
CA SER A 4 2.87 -7.33 9.22
C SER A 4 4.31 -7.47 8.76
N ILE A 5 4.56 -8.46 7.90
CA ILE A 5 5.91 -8.69 7.39
C ILE A 5 6.30 -7.59 6.41
N PHE A 6 5.37 -7.20 5.55
CA PHE A 6 5.63 -6.15 4.57
C PHE A 6 4.31 -5.53 4.09
N LYS A 7 3.21 -5.95 4.70
CA LYS A 7 1.90 -5.44 4.33
C LYS A 7 1.79 -3.95 4.68
N HIS A 8 1.63 -3.66 5.97
CA HIS A 8 1.52 -2.28 6.43
C HIS A 8 2.89 -1.65 6.60
N GLY A 9 3.54 -1.33 5.48
CA GLY A 9 4.86 -0.74 5.53
C GLY A 9 5.33 -0.29 4.15
N ARG A 10 4.88 -0.99 3.12
CA ARG A 10 5.26 -0.65 1.75
C ARG A 10 4.30 -1.28 0.75
N HIS A 11 3.03 -1.38 1.14
CA HIS A 11 2.02 -1.96 0.27
C HIS A 11 0.65 -1.53 0.71
N ALA A 12 -0.19 -1.34 -0.31
CA ALA A 12 -1.57 -0.89 -0.17
C ALA A 12 -1.59 0.55 0.25
N ALA A 13 -0.51 0.93 0.97
CA ALA A 13 -0.28 2.31 1.09
C ALA A 13 -0.06 2.56 -0.40
N LYS A 14 -0.24 1.34 -1.08
CA LYS A 14 -0.16 1.21 -2.53
C LYS A 14 -1.51 0.75 -3.09
N HIS A 15 -1.48 0.20 -4.32
CA HIS A 15 -2.68 -0.32 -5.01
C HIS A 15 -3.94 0.43 -4.62
N ILE A 16 -3.75 1.64 -4.11
CA ILE A 16 -4.83 2.48 -3.68
C ILE A 16 -4.29 3.69 -3.01
N GLY A 17 -3.41 3.41 -2.14
CA GLY A 17 -2.70 4.46 -1.47
C GLY A 17 -1.78 5.07 -2.49
N HIS A 18 -1.63 4.34 -3.62
CA HIS A 18 -0.81 4.82 -4.73
C HIS A 18 -1.70 5.53 -5.76
N ALA A 19 -2.85 4.92 -6.09
CA ALA A 19 -3.77 5.50 -7.07
C ALA A 19 -4.80 4.46 -7.52
N ALA A 20 -4.84 3.33 -6.83
CA ALA A 20 -5.77 2.27 -7.19
C ALA A 20 -5.47 1.81 -8.62
N VAL A 21 -4.38 2.34 -9.16
CA VAL A 21 -3.94 2.01 -10.52
C VAL A 21 -2.41 1.99 -10.54
N ASN A 22 -1.82 2.44 -9.42
CA ASN A 22 -0.36 2.51 -9.23
C ASN A 22 0.14 3.94 -9.41
N HIS A 23 -0.46 4.65 -10.36
CA HIS A 23 -0.08 6.03 -10.63
C HIS A 23 -1.01 6.66 -11.65
N TYR A 24 -2.21 7.05 -11.21
CA TYR A 24 -3.18 7.67 -12.10
C TYR A 24 -2.75 9.09 -12.46
N LEU A 25 -1.87 9.66 -11.66
CA LEU A 25 -1.38 11.01 -11.90
C LEU A 25 -0.42 11.03 -13.09
N GLY A 1 7.88 -11.72 18.65
CA GLY A 1 8.42 -11.25 17.38
C GLY A 1 7.36 -10.60 16.52
N TRP A 2 7.14 -11.16 15.33
CA TRP A 2 6.13 -10.62 14.42
C TRP A 2 5.93 -11.57 13.24
N GLY A 3 5.12 -11.13 12.27
CA GLY A 3 4.84 -11.94 11.11
C GLY A 3 4.28 -11.11 9.97
N SER A 4 4.83 -9.91 9.78
CA SER A 4 4.38 -9.01 8.72
C SER A 4 5.51 -8.09 8.29
N ILE A 5 6.17 -8.46 7.19
CA ILE A 5 7.28 -7.65 6.67
C ILE A 5 6.77 -6.30 6.19
N PHE A 6 6.50 -5.40 7.13
CA PHE A 6 6.00 -4.08 6.79
C PHE A 6 4.76 -4.16 5.91
N LYS A 7 4.21 -5.37 5.78
CA LYS A 7 3.02 -5.57 4.97
C LYS A 7 1.89 -4.69 5.48
N HIS A 8 1.78 -4.57 6.80
CA HIS A 8 0.73 -3.75 7.40
C HIS A 8 1.06 -2.27 7.24
N GLY A 9 2.04 -1.98 6.39
CA GLY A 9 2.46 -0.60 6.15
C GLY A 9 3.30 -0.47 4.90
N ARG A 10 2.94 -1.24 3.87
CA ARG A 10 3.67 -1.20 2.61
C ARG A 10 2.83 -1.82 1.49
N HIS A 11 1.52 -1.62 1.59
CA HIS A 11 0.61 -2.15 0.57
C HIS A 11 -0.74 -1.53 0.69
N ALA A 12 -1.34 -1.30 -0.48
CA ALA A 12 -2.64 -0.66 -0.64
C ALA A 12 -2.51 0.79 -0.34
N ALA A 13 -1.56 1.08 0.58
CA ALA A 13 -1.15 2.42 0.68
C ALA A 13 -0.58 2.51 -0.73
N LYS A 14 -0.81 1.31 -1.40
CA LYS A 14 -0.46 1.06 -2.79
C LYS A 14 -1.69 0.78 -3.64
N HIS A 15 -1.45 0.33 -4.88
CA HIS A 15 -2.49 -0.04 -5.82
C HIS A 15 -3.72 0.83 -5.67
N ILE A 16 -3.53 2.01 -5.07
CA ILE A 16 -4.61 2.94 -4.84
C ILE A 16 -4.14 4.03 -3.96
N GLY A 17 -3.34 3.64 -3.04
CA GLY A 17 -2.70 4.58 -2.18
C GLY A 17 -1.50 5.06 -2.95
N HIS A 18 -1.22 4.33 -4.07
CA HIS A 18 -0.11 4.68 -4.95
C HIS A 18 -0.62 5.57 -6.09
N ALA A 19 -1.84 5.34 -6.58
CA ALA A 19 -2.35 6.17 -7.67
C ALA A 19 -3.87 6.27 -7.69
N ALA A 20 -4.49 6.11 -6.53
CA ALA A 20 -5.94 6.20 -6.42
C ALA A 20 -6.64 5.12 -7.24
N VAL A 21 -5.86 4.38 -8.05
CA VAL A 21 -6.45 3.33 -8.89
C VAL A 21 -5.45 2.21 -9.15
N ASN A 22 -4.14 2.53 -9.10
CA ASN A 22 -3.12 1.52 -9.35
C ASN A 22 -1.72 2.04 -9.03
N HIS A 23 -1.04 2.56 -10.05
CA HIS A 23 0.32 3.09 -9.87
C HIS A 23 0.67 4.06 -10.99
N TYR A 24 -0.35 4.54 -11.70
CA TYR A 24 -0.13 5.47 -12.80
C TYR A 24 0.31 6.83 -12.27
N LEU A 25 0.58 6.90 -10.97
CA LEU A 25 1.02 8.15 -10.35
C LEU A 25 1.59 7.88 -8.96
N GLY A 1 2.27 -7.00 16.32
CA GLY A 1 1.61 -8.29 16.17
C GLY A 1 0.71 -8.33 14.95
N TRP A 2 -0.58 -8.57 15.18
CA TRP A 2 -1.55 -8.64 14.09
C TRP A 2 -1.16 -9.70 13.08
N GLY A 3 -0.19 -9.39 12.22
CA GLY A 3 0.25 -10.34 11.21
C GLY A 3 1.08 -9.65 10.13
N SER A 4 0.81 -8.37 9.91
CA SER A 4 1.53 -7.61 8.89
C SER A 4 2.91 -7.22 9.39
N ILE A 5 3.90 -8.05 9.09
CA ILE A 5 5.28 -7.78 9.52
C ILE A 5 5.77 -6.48 8.90
N PHE A 6 5.33 -6.20 7.68
CA PHE A 6 5.74 -4.99 6.97
C PHE A 6 4.76 -4.69 5.83
N LYS A 7 3.83 -5.62 5.60
CA LYS A 7 2.85 -5.44 4.54
C LYS A 7 2.20 -4.06 4.62
N HIS A 8 1.64 -3.74 5.77
CA HIS A 8 1.00 -2.45 5.97
C HIS A 8 2.04 -1.34 6.11
N GLY A 9 2.73 -1.03 5.01
CA GLY A 9 3.74 0.00 5.03
C GLY A 9 4.41 0.18 3.68
N ARG A 10 4.70 -0.95 3.02
CA ARG A 10 5.34 -0.93 1.70
C ARG A 10 4.40 -1.50 0.65
N HIS A 11 3.19 -1.85 1.06
CA HIS A 11 2.18 -2.40 0.15
C HIS A 11 0.80 -2.07 0.61
N ALA A 12 -0.06 -1.86 -0.39
CA ALA A 12 -1.46 -1.47 -0.22
C ALA A 12 -1.55 -0.07 0.28
N ALA A 13 -0.52 0.30 1.07
CA ALA A 13 -0.37 1.69 1.31
C ALA A 13 -0.12 2.06 -0.15
N LYS A 14 -0.21 0.92 -0.95
CA LYS A 14 -0.09 0.92 -2.40
C LYS A 14 -1.39 0.48 -3.08
N HIS A 15 -1.28 0.24 -4.39
CA HIS A 15 -2.41 -0.22 -5.22
C HIS A 15 -3.73 0.36 -4.74
N ILE A 16 -3.65 1.44 -3.99
CA ILE A 16 -4.80 2.10 -3.46
C ILE A 16 -4.37 3.21 -2.55
N GLY A 17 -3.47 2.84 -1.74
CA GLY A 17 -2.86 3.80 -0.88
C GLY A 17 -1.95 4.61 -1.76
N HIS A 18 -1.71 4.08 -2.98
CA HIS A 18 -0.89 4.75 -3.97
C HIS A 18 -1.76 5.66 -4.84
N ALA A 19 -2.92 5.15 -5.28
CA ALA A 19 -3.78 5.96 -6.14
C ALA A 19 -5.15 5.32 -6.37
N ALA A 20 -5.72 4.74 -5.33
CA ALA A 20 -7.02 4.09 -5.46
C ALA A 20 -6.90 2.83 -6.33
N VAL A 21 -5.82 2.72 -7.10
CA VAL A 21 -5.60 1.56 -7.97
C VAL A 21 -4.11 1.27 -8.11
N ASN A 22 -3.30 2.33 -8.09
CA ASN A 22 -1.83 2.23 -8.23
C ASN A 22 -1.28 3.54 -8.78
N HIS A 23 -1.94 4.07 -9.82
CA HIS A 23 -1.50 5.32 -10.43
C HIS A 23 -2.60 5.90 -11.30
N TYR A 24 -3.71 6.29 -10.67
CA TYR A 24 -4.83 6.85 -11.41
C TYR A 24 -4.37 7.98 -12.31
N LEU A 25 -3.16 8.47 -12.07
CA LEU A 25 -2.60 9.55 -12.88
C LEU A 25 -2.31 9.07 -14.30
N GLY A 1 3.71 -12.35 15.70
CA GLY A 1 2.87 -11.37 16.37
C GLY A 1 2.40 -10.28 15.43
N TRP A 2 3.33 -9.75 14.63
CA TRP A 2 3.00 -8.69 13.68
C TRP A 2 2.07 -9.23 12.59
N GLY A 3 2.55 -10.22 11.84
CA GLY A 3 1.76 -10.81 10.78
C GLY A 3 1.43 -9.80 9.69
N SER A 4 2.14 -8.68 9.68
CA SER A 4 1.91 -7.64 8.69
C SER A 4 3.07 -6.64 8.69
N ILE A 5 4.29 -7.15 8.50
CA ILE A 5 5.47 -6.29 8.48
C ILE A 5 5.65 -5.65 7.11
N PHE A 6 5.48 -6.43 6.05
CA PHE A 6 5.63 -5.93 4.68
C PHE A 6 4.30 -5.43 4.14
N LYS A 7 3.21 -6.10 4.52
CA LYS A 7 1.88 -5.70 4.06
C LYS A 7 1.66 -4.22 4.33
N HIS A 8 1.24 -3.90 5.55
CA HIS A 8 0.98 -2.51 5.92
C HIS A 8 2.30 -1.79 6.21
N GLY A 9 3.12 -1.65 5.18
CA GLY A 9 4.42 -0.98 5.32
C GLY A 9 5.00 -0.58 3.98
N ARG A 10 4.69 -1.36 2.94
CA ARG A 10 5.19 -1.08 1.60
C ARG A 10 4.24 -1.65 0.56
N HIS A 11 2.97 -1.75 0.91
CA HIS A 11 1.97 -2.27 -0.02
C HIS A 11 0.59 -1.93 0.45
N ALA A 12 -0.26 -1.70 -0.56
CA ALA A 12 -1.65 -1.30 -0.39
C ALA A 12 -1.73 0.11 0.10
N ALA A 13 -0.70 0.46 0.90
CA ALA A 13 -0.52 1.85 1.14
C ALA A 13 -0.27 2.22 -0.32
N LYS A 14 -0.38 1.07 -1.11
CA LYS A 14 -0.25 1.07 -2.57
C LYS A 14 -1.54 0.65 -3.25
N HIS A 15 -1.45 0.41 -4.56
CA HIS A 15 -2.56 -0.04 -5.39
C HIS A 15 -3.89 0.55 -4.93
N ILE A 16 -3.79 1.62 -4.17
CA ILE A 16 -4.95 2.31 -3.65
C ILE A 16 -4.52 3.40 -2.73
N GLY A 17 -3.56 3.06 -1.96
CA GLY A 17 -2.95 4.02 -1.10
C GLY A 17 -2.04 4.82 -2.01
N HIS A 18 -1.82 4.26 -3.22
CA HIS A 18 -0.98 4.93 -4.23
C HIS A 18 -1.87 5.76 -5.16
N ALA A 19 -2.98 5.18 -5.64
CA ALA A 19 -3.88 5.90 -6.54
C ALA A 19 -4.93 4.95 -7.13
N ALA A 20 -5.01 3.74 -6.60
CA ALA A 20 -5.96 2.76 -7.11
C ALA A 20 -5.68 2.53 -8.58
N VAL A 21 -4.54 3.07 -9.02
CA VAL A 21 -4.11 2.96 -10.40
C VAL A 21 -2.58 2.95 -10.44
N ASN A 22 -2.00 3.20 -9.26
CA ASN A 22 -0.54 3.25 -9.05
C ASN A 22 -0.05 4.70 -9.12
N HIS A 23 -0.66 5.48 -10.00
CA HIS A 23 -0.29 6.87 -10.17
C HIS A 23 -1.26 7.57 -11.12
N TYR A 24 -2.29 8.19 -10.54
CA TYR A 24 -3.29 8.90 -11.33
C TYR A 24 -4.12 9.80 -10.44
N LEU A 25 -3.68 9.97 -9.19
CA LEU A 25 -4.40 10.80 -8.23
C LEU A 25 -4.82 12.12 -8.87
N GLY A 1 -5.14 -6.92 13.50
CA GLY A 1 -5.34 -8.35 13.64
C GLY A 1 -4.10 -9.13 13.28
N TRP A 2 -4.06 -9.65 12.06
CA TRP A 2 -2.92 -10.42 11.59
C TRP A 2 -1.62 -9.64 11.82
N GLY A 3 -0.49 -10.29 11.53
CA GLY A 3 0.80 -9.65 11.70
C GLY A 3 1.06 -8.60 10.65
N SER A 4 0.25 -8.62 9.60
CA SER A 4 0.39 -7.65 8.51
C SER A 4 1.85 -7.58 8.04
N ILE A 5 2.25 -8.57 7.25
CA ILE A 5 3.62 -8.60 6.73
C ILE A 5 3.90 -7.37 5.88
N PHE A 6 4.17 -6.25 6.54
CA PHE A 6 4.46 -5.01 5.84
C PHE A 6 3.35 -4.68 4.85
N LYS A 7 2.24 -5.43 4.95
CA LYS A 7 1.11 -5.21 4.06
C LYS A 7 0.55 -3.80 4.24
N HIS A 8 0.53 -3.34 5.48
CA HIS A 8 0.02 -2.00 5.79
C HIS A 8 0.93 -0.95 5.16
N GLY A 9 1.98 -1.41 4.49
CA GLY A 9 2.94 -0.53 3.83
C GLY A 9 3.42 -1.12 2.52
N ARG A 10 4.52 -0.57 2.00
CA ARG A 10 5.07 -1.07 0.74
C ARG A 10 3.99 -1.14 -0.32
N HIS A 11 3.74 -2.35 -0.83
CA HIS A 11 2.72 -2.53 -1.86
C HIS A 11 1.36 -2.55 -1.24
N ALA A 12 0.96 -1.35 -0.84
CA ALA A 12 -0.32 -1.11 -0.21
C ALA A 12 -0.33 0.33 0.20
N ALA A 13 0.91 0.76 0.53
CA ALA A 13 1.10 2.17 0.61
C ALA A 13 0.77 2.44 -0.85
N LYS A 14 0.52 1.24 -1.50
CA LYS A 14 0.10 1.13 -2.89
C LYS A 14 -1.33 0.60 -3.01
N HIS A 15 -1.69 0.25 -4.26
CA HIS A 15 -2.99 -0.33 -4.59
C HIS A 15 -4.10 0.25 -3.73
N ILE A 16 -3.83 1.39 -3.13
CA ILE A 16 -4.77 2.06 -2.28
C ILE A 16 -4.12 3.25 -1.67
N GLY A 17 -2.97 2.99 -1.19
CA GLY A 17 -2.16 4.04 -0.68
C GLY A 17 -1.67 4.80 -1.87
N HIS A 18 -1.83 4.17 -3.06
CA HIS A 18 -1.44 4.80 -4.32
C HIS A 18 -2.62 5.58 -4.90
N ALA A 19 -3.82 4.97 -4.88
CA ALA A 19 -5.00 5.65 -5.44
C ALA A 19 -6.29 4.92 -5.13
N ALA A 20 -6.45 4.44 -3.91
CA ALA A 20 -7.66 3.71 -3.54
C ALA A 20 -7.77 2.40 -4.32
N VAL A 21 -6.97 2.27 -5.40
CA VAL A 21 -6.98 1.05 -6.22
C VAL A 21 -5.60 0.80 -6.82
N ASN A 22 -4.91 1.90 -7.17
CA ASN A 22 -3.57 1.84 -7.77
C ASN A 22 -3.33 3.11 -8.59
N HIS A 23 -4.34 3.49 -9.38
CA HIS A 23 -4.24 4.69 -10.21
C HIS A 23 -5.60 5.05 -10.79
N TYR A 24 -6.61 5.12 -9.92
CA TYR A 24 -7.95 5.47 -10.36
C TYR A 24 -7.99 6.89 -10.90
N LEU A 25 -7.10 7.74 -10.39
CA LEU A 25 -7.04 9.13 -10.81
C LEU A 25 -6.91 9.19 -12.34
N GLY A 1 4.66 -10.71 14.85
CA GLY A 1 3.52 -10.88 15.72
C GLY A 1 2.21 -10.95 14.95
N TRP A 2 1.66 -9.79 14.63
CA TRP A 2 0.40 -9.74 13.89
C TRP A 2 0.56 -10.36 12.50
N GLY A 3 -0.50 -10.32 11.71
CA GLY A 3 -0.48 -10.87 10.36
C GLY A 3 0.02 -9.87 9.35
N SER A 4 0.65 -8.80 9.83
CA SER A 4 1.19 -7.75 8.96
C SER A 4 2.43 -7.12 9.58
N ILE A 5 3.59 -7.73 9.32
CA ILE A 5 4.85 -7.22 9.84
C ILE A 5 5.36 -6.07 8.97
N PHE A 6 4.81 -5.96 7.76
CA PHE A 6 5.21 -4.90 6.84
C PHE A 6 4.16 -4.69 5.76
N LYS A 7 3.31 -5.69 5.56
CA LYS A 7 2.25 -5.60 4.56
C LYS A 7 1.49 -4.29 4.69
N HIS A 8 1.12 -3.95 5.93
CA HIS A 8 0.38 -2.72 6.18
C HIS A 8 1.32 -1.52 6.19
N GLY A 9 2.17 -1.44 5.17
CA GLY A 9 3.13 -0.34 5.07
C GLY A 9 3.84 -0.32 3.73
N ARG A 10 3.65 -1.39 2.94
CA ARG A 10 4.28 -1.50 1.63
C ARG A 10 3.29 -2.00 0.60
N HIS A 11 2.00 -1.95 0.95
CA HIS A 11 0.95 -2.40 0.04
C HIS A 11 -0.36 -1.76 0.40
N ALA A 12 -1.11 -1.46 -0.66
CA ALA A 12 -2.41 -0.80 -0.59
C ALA A 12 -2.22 0.64 -0.23
N ALA A 13 -1.15 0.86 0.56
CA ALA A 13 -0.70 2.20 0.68
C ALA A 13 -0.36 2.36 -0.80
N LYS A 14 -0.68 1.19 -1.49
CA LYS A 14 -0.54 1.03 -2.93
C LYS A 14 -1.88 0.81 -3.61
N HIS A 15 -1.82 0.43 -4.89
CA HIS A 15 -3.00 0.14 -5.71
C HIS A 15 -4.18 1.03 -5.35
N ILE A 16 -3.88 2.12 -4.67
CA ILE A 16 -4.89 3.06 -4.26
C ILE A 16 -4.25 4.13 -3.44
N GLY A 17 -3.45 3.68 -2.56
CA GLY A 17 -2.66 4.56 -1.77
C GLY A 17 -1.60 5.09 -2.69
N HIS A 18 -1.47 4.39 -3.84
CA HIS A 18 -0.51 4.80 -4.87
C HIS A 18 -1.21 5.77 -5.83
N ALA A 19 -2.40 5.40 -6.31
CA ALA A 19 -3.16 6.24 -7.23
C ALA A 19 -4.28 5.42 -7.88
N ALA A 20 -4.57 4.26 -7.30
CA ALA A 20 -5.61 3.40 -7.85
C ALA A 20 -5.26 3.06 -9.30
N VAL A 21 -4.04 3.42 -9.69
CA VAL A 21 -3.54 3.18 -11.04
C VAL A 21 -2.09 2.71 -10.98
N ASN A 22 -1.49 2.82 -9.78
CA ASN A 22 -0.09 2.43 -9.49
C ASN A 22 0.78 3.66 -9.28
N HIS A 23 0.49 4.71 -10.03
CA HIS A 23 1.25 5.96 -9.95
C HIS A 23 2.55 5.86 -10.74
N TYR A 24 2.43 5.42 -12.00
CA TYR A 24 3.60 5.26 -12.86
C TYR A 24 4.04 6.61 -13.43
N LEU A 25 3.16 7.60 -13.35
CA LEU A 25 3.46 8.92 -13.87
C LEU A 25 3.77 8.85 -15.37
N GLY A 1 3.61 -12.08 -4.96
CA GLY A 1 2.24 -11.63 -5.06
C GLY A 1 2.05 -10.25 -4.46
N TRP A 2 1.74 -10.22 -3.16
CA TRP A 2 1.53 -8.94 -2.48
C TRP A 2 2.72 -8.01 -2.70
N GLY A 3 3.92 -8.58 -2.69
CA GLY A 3 5.13 -7.79 -2.89
C GLY A 3 5.48 -7.00 -1.64
N SER A 4 4.58 -7.02 -0.66
CA SER A 4 4.81 -6.30 0.58
C SER A 4 5.94 -6.93 1.37
N ILE A 5 7.04 -6.18 1.53
CA ILE A 5 8.20 -6.67 2.27
C ILE A 5 8.05 -6.42 3.77
N PHE A 6 7.30 -5.37 4.12
CA PHE A 6 7.07 -5.01 5.53
C PHE A 6 5.61 -5.25 5.89
N LYS A 7 4.85 -5.79 4.94
CA LYS A 7 3.44 -6.08 5.17
C LYS A 7 2.70 -4.85 5.65
N HIS A 8 1.94 -4.23 4.74
CA HIS A 8 1.16 -3.04 5.07
C HIS A 8 2.08 -1.87 5.42
N GLY A 9 3.38 -2.13 5.43
CA GLY A 9 4.36 -1.09 5.73
C GLY A 9 4.73 -0.32 4.48
N ARG A 10 4.11 -0.69 3.37
CA ARG A 10 4.38 -0.04 2.10
C ARG A 10 3.36 -0.49 1.06
N HIS A 11 2.50 -1.41 1.46
CA HIS A 11 1.45 -1.94 0.57
C HIS A 11 0.13 -1.33 0.91
N ALA A 12 -0.67 -1.18 -0.15
CA ALA A 12 -2.00 -0.57 -0.11
C ALA A 12 -1.89 0.90 0.15
N ALA A 13 -0.82 1.25 0.91
CA ALA A 13 -0.47 2.61 0.92
C ALA A 13 -0.14 2.69 -0.57
N LYS A 14 -0.40 1.45 -1.16
CA LYS A 14 -0.25 1.18 -2.59
C LYS A 14 -1.58 0.81 -3.23
N HIS A 15 -1.49 0.33 -4.47
CA HIS A 15 -2.66 -0.13 -5.24
C HIS A 15 -3.89 0.72 -4.95
N ILE A 16 -3.65 1.90 -4.39
CA ILE A 16 -4.71 2.81 -4.05
C ILE A 16 -4.14 3.98 -3.33
N GLY A 17 -3.27 3.66 -2.45
CA GLY A 17 -2.56 4.68 -1.75
C GLY A 17 -1.53 5.19 -2.73
N HIS A 18 -1.36 4.43 -3.82
CA HIS A 18 -0.42 4.81 -4.88
C HIS A 18 -1.17 5.56 -5.99
N ALA A 19 -2.36 5.06 -6.38
CA ALA A 19 -3.14 5.72 -7.44
C ALA A 19 -4.25 4.78 -7.93
N ALA A 20 -4.49 3.70 -7.20
CA ALA A 20 -5.51 2.74 -7.61
C ALA A 20 -5.18 2.21 -9.00
N VAL A 21 -3.98 2.56 -9.46
CA VAL A 21 -3.51 2.15 -10.78
C VAL A 21 -1.99 1.98 -10.73
N ASN A 22 -1.40 2.41 -9.60
CA ASN A 22 0.05 2.35 -9.34
C ASN A 22 0.68 3.71 -9.57
N HIS A 23 0.19 4.43 -10.56
CA HIS A 23 0.70 5.77 -10.88
C HIS A 23 -0.31 6.55 -11.71
N TYR A 24 -0.91 7.57 -11.10
CA TYR A 24 -1.89 8.40 -11.79
C TYR A 24 -1.19 9.32 -12.78
N LEU A 25 0.09 9.06 -13.03
CA LEU A 25 0.87 9.86 -13.98
C LEU A 25 2.09 9.08 -14.46
N GLY A 1 2.69 3.30 16.09
CA GLY A 1 3.12 2.29 17.03
C GLY A 1 4.41 1.62 16.62
N TRP A 2 4.49 1.23 15.35
CA TRP A 2 5.68 0.58 14.84
C TRP A 2 5.64 0.49 13.32
N GLY A 3 4.62 1.11 12.72
CA GLY A 3 4.46 1.08 11.28
C GLY A 3 4.27 -0.33 10.75
N SER A 4 4.02 -1.26 11.66
CA SER A 4 3.82 -2.65 11.28
C SER A 4 5.01 -3.17 10.48
N ILE A 5 4.94 -4.43 10.06
CA ILE A 5 6.02 -5.05 9.29
C ILE A 5 5.98 -4.59 7.84
N PHE A 6 6.10 -3.28 7.64
CA PHE A 6 6.07 -2.70 6.30
C PHE A 6 4.69 -2.85 5.66
N LYS A 7 3.80 -3.59 6.33
CA LYS A 7 2.46 -3.80 5.81
C LYS A 7 1.86 -2.49 5.29
N HIS A 8 1.97 -1.43 6.09
CA HIS A 8 1.44 -0.12 5.70
C HIS A 8 2.44 0.62 4.84
N GLY A 9 2.75 0.08 3.66
CA GLY A 9 3.70 0.71 2.76
C GLY A 9 4.04 -0.17 1.58
N ARG A 10 3.89 -1.48 1.76
CA ARG A 10 4.20 -2.43 0.69
C ARG A 10 3.11 -2.41 -0.39
N HIS A 11 2.45 -3.55 -0.57
CA HIS A 11 1.39 -3.67 -1.56
C HIS A 11 0.06 -3.34 -0.95
N ALA A 12 -0.78 -2.73 -1.78
CA ALA A 12 -2.11 -2.27 -1.41
C ALA A 12 -2.01 -1.10 -0.48
N ALA A 13 -0.92 -1.14 0.33
CA ALA A 13 -0.58 0.06 1.00
C ALA A 13 -0.31 0.87 -0.28
N LYS A 14 -0.55 0.06 -1.38
CA LYS A 14 -0.47 0.51 -2.77
C LYS A 14 -1.83 0.48 -3.47
N HIS A 15 -1.78 0.68 -4.79
CA HIS A 15 -2.97 0.65 -5.65
C HIS A 15 -4.19 1.21 -4.94
N ILE A 16 -3.95 1.95 -3.88
CA ILE A 16 -4.99 2.55 -3.10
C ILE A 16 -4.42 3.22 -1.92
N GLY A 17 -3.52 2.53 -1.33
CA GLY A 17 -2.78 3.08 -0.23
C GLY A 17 -1.80 4.02 -0.85
N HIS A 18 -1.65 3.89 -2.19
CA HIS A 18 -0.74 4.77 -2.95
C HIS A 18 -1.54 5.98 -3.46
N ALA A 19 -2.75 5.73 -3.98
CA ALA A 19 -3.60 6.82 -4.51
C ALA A 19 -4.70 6.25 -5.40
N ALA A 20 -4.87 4.93 -5.35
CA ALA A 20 -5.89 4.28 -6.18
C ALA A 20 -5.60 4.56 -7.65
N VAL A 21 -4.44 5.17 -7.89
CA VAL A 21 -4.00 5.52 -9.24
C VAL A 21 -2.49 5.38 -9.33
N ASN A 22 -1.87 5.17 -8.15
CA ASN A 22 -0.41 5.01 -8.02
C ASN A 22 0.20 6.29 -7.44
N HIS A 23 -0.33 7.43 -7.86
CA HIS A 23 0.15 8.71 -7.37
C HIS A 23 -0.74 9.84 -7.88
N TYR A 24 -1.58 10.36 -7.00
CA TYR A 24 -2.48 11.44 -7.35
C TYR A 24 -3.19 11.96 -6.11
N LEU A 25 -2.99 11.26 -5.00
CA LEU A 25 -3.60 11.63 -3.71
C LEU A 25 -2.56 11.63 -2.61
N GLY A 1 1.78 -10.56 19.43
CA GLY A 1 2.59 -10.47 18.23
C GLY A 1 1.82 -9.94 17.05
N TRP A 2 2.40 -8.97 16.35
CA TRP A 2 1.75 -8.38 15.19
C TRP A 2 1.72 -9.37 14.03
N GLY A 3 0.54 -9.53 13.42
CA GLY A 3 0.38 -10.44 12.31
C GLY A 3 0.90 -9.85 11.01
N SER A 4 1.45 -8.64 11.10
CA SER A 4 1.98 -7.97 9.91
C SER A 4 2.89 -6.81 10.32
N ILE A 5 3.73 -6.36 9.38
CA ILE A 5 4.65 -5.26 9.64
C ILE A 5 5.13 -4.65 8.33
N PHE A 6 5.44 -5.50 7.35
CA PHE A 6 5.91 -5.02 6.04
C PHE A 6 4.76 -5.01 5.03
N LYS A 7 3.70 -5.74 5.33
CA LYS A 7 2.55 -5.81 4.44
C LYS A 7 1.76 -4.50 4.51
N HIS A 8 1.26 -4.19 5.70
CA HIS A 8 0.48 -2.96 5.91
C HIS A 8 1.40 -1.76 6.01
N GLY A 9 2.31 -1.62 5.05
CA GLY A 9 3.25 -0.52 5.03
C GLY A 9 3.90 -0.35 3.67
N ARG A 10 4.10 -1.47 2.98
CA ARG A 10 4.72 -1.47 1.66
C ARG A 10 3.69 -1.89 0.61
N HIS A 11 2.49 -2.19 1.07
CA HIS A 11 1.39 -2.60 0.19
C HIS A 11 0.10 -1.99 0.63
N ALA A 12 -0.72 -1.67 -0.37
CA ALA A 12 -2.01 -1.02 -0.21
C ALA A 12 -1.81 0.41 0.19
N ALA A 13 -0.70 0.63 0.94
CA ALA A 13 -0.27 1.96 1.08
C ALA A 13 0.00 2.19 -0.41
N LYS A 14 -0.35 1.03 -1.12
CA LYS A 14 -0.28 0.92 -2.57
C LYS A 14 -1.66 0.70 -3.19
N HIS A 15 -1.66 0.36 -4.48
CA HIS A 15 -2.88 0.07 -5.24
C HIS A 15 -4.04 0.94 -4.79
N ILE A 16 -3.73 2.01 -4.09
CA ILE A 16 -4.71 2.93 -3.60
C ILE A 16 -4.06 3.97 -2.77
N GLY A 17 -3.18 3.51 -1.99
CA GLY A 17 -2.36 4.40 -1.21
C GLY A 17 -1.35 4.95 -2.17
N HIS A 18 -1.27 4.30 -3.35
CA HIS A 18 -0.38 4.74 -4.42
C HIS A 18 -1.13 5.72 -5.34
N ALA A 19 -2.36 5.36 -5.71
CA ALA A 19 -3.18 6.21 -6.59
C ALA A 19 -4.33 5.40 -7.19
N ALA A 20 -4.58 4.22 -6.62
CA ALA A 20 -5.64 3.36 -7.11
C ALA A 20 -5.39 3.06 -8.59
N VAL A 21 -4.19 3.44 -9.05
CA VAL A 21 -3.79 3.22 -10.44
C VAL A 21 -2.31 2.87 -10.48
N ASN A 22 -1.65 3.03 -9.31
CA ASN A 22 -0.21 2.75 -9.13
C ASN A 22 0.56 4.06 -9.03
N HIS A 23 0.14 5.05 -9.80
CA HIS A 23 0.80 6.35 -9.80
C HIS A 23 -0.11 7.41 -10.42
N TYR A 24 0.14 7.75 -11.69
CA TYR A 24 -0.66 8.76 -12.37
C TYR A 24 -0.75 10.03 -11.53
N LEU A 25 0.13 10.13 -10.54
CA LEU A 25 0.15 11.31 -9.66
C LEU A 25 -1.24 11.56 -9.10
N GLY A 1 1.36 -12.96 16.31
CA GLY A 1 0.86 -11.65 16.64
C GLY A 1 1.36 -10.59 15.67
N TRP A 2 1.04 -10.75 14.39
CA TRP A 2 1.47 -9.80 13.37
C TRP A 2 0.55 -9.88 12.16
N GLY A 3 0.75 -10.91 11.34
CA GLY A 3 -0.05 -11.09 10.15
C GLY A 3 0.23 -10.03 9.10
N SER A 4 1.45 -9.50 9.12
CA SER A 4 1.83 -8.46 8.17
C SER A 4 3.34 -8.25 8.19
N ILE A 5 4.08 -9.15 7.57
CA ILE A 5 5.53 -9.06 7.52
C ILE A 5 5.95 -7.84 6.70
N PHE A 6 5.14 -7.50 5.70
CA PHE A 6 5.44 -6.36 4.83
C PHE A 6 4.14 -5.79 4.25
N LYS A 7 3.05 -6.52 4.44
CA LYS A 7 1.75 -6.08 3.94
C LYS A 7 1.47 -4.65 4.38
N HIS A 8 1.10 -4.50 5.66
CA HIS A 8 0.81 -3.18 6.21
C HIS A 8 2.09 -2.42 6.49
N GLY A 9 2.80 -2.05 5.43
CA GLY A 9 4.05 -1.31 5.56
C GLY A 9 4.51 -0.71 4.25
N ARG A 10 4.03 -1.27 3.14
CA ARG A 10 4.40 -0.78 1.82
C ARG A 10 3.40 -1.26 0.77
N HIS A 11 2.23 -1.70 1.22
CA HIS A 11 1.18 -2.18 0.30
C HIS A 11 -0.15 -1.64 0.70
N ALA A 12 -0.95 -1.40 -0.34
CA ALA A 12 -2.29 -0.82 -0.24
C ALA A 12 -2.20 0.62 0.13
N ALA A 13 -1.14 0.92 0.91
CA ALA A 13 -0.79 2.28 1.03
C ALA A 13 -0.47 2.49 -0.45
N LYS A 14 -0.73 1.30 -1.14
CA LYS A 14 -0.59 1.16 -2.59
C LYS A 14 -1.92 0.84 -3.25
N HIS A 15 -1.86 0.46 -4.53
CA HIS A 15 -3.03 0.08 -5.33
C HIS A 15 -4.26 0.89 -4.94
N ILE A 16 -4.02 2.01 -4.28
CA ILE A 16 -5.09 2.88 -3.84
C ILE A 16 -4.52 3.99 -3.03
N GLY A 17 -3.63 3.60 -2.20
CA GLY A 17 -2.90 4.55 -1.43
C GLY A 17 -1.87 5.13 -2.36
N HIS A 18 -1.72 4.46 -3.53
CA HIS A 18 -0.80 4.93 -4.57
C HIS A 18 -1.56 5.80 -5.56
N ALA A 19 -2.76 5.36 -5.97
CA ALA A 19 -3.57 6.11 -6.94
C ALA A 19 -4.70 5.25 -7.49
N ALA A 20 -4.89 4.07 -6.89
CA ALA A 20 -5.92 3.15 -7.35
C ALA A 20 -5.65 2.82 -8.81
N VAL A 21 -4.47 3.23 -9.27
CA VAL A 21 -4.03 3.00 -10.64
C VAL A 21 -2.52 2.82 -10.66
N ASN A 22 -1.91 3.06 -9.49
CA ASN A 22 -0.44 2.96 -9.29
C ASN A 22 0.20 4.33 -9.39
N HIS A 23 -0.33 5.15 -10.28
CA HIS A 23 0.19 6.51 -10.49
C HIS A 23 -0.87 7.40 -11.13
N TYR A 24 -1.41 8.32 -10.35
CA TYR A 24 -2.44 9.22 -10.84
C TYR A 24 -1.89 10.07 -11.98
N LEU A 25 -0.57 10.07 -12.13
CA LEU A 25 0.07 10.85 -13.19
C LEU A 25 1.53 10.42 -13.35
N GLY A 1 -4.17 -8.74 17.64
CA GLY A 1 -5.06 -7.95 16.82
C GLY A 1 -4.66 -7.96 15.35
N TRP A 2 -4.53 -6.77 14.78
CA TRP A 2 -4.15 -6.64 13.38
C TRP A 2 -2.78 -7.27 13.14
N GLY A 3 -1.74 -6.54 13.55
CA GLY A 3 -0.38 -7.02 13.38
C GLY A 3 0.11 -6.86 11.95
N SER A 4 -0.44 -5.87 11.25
CA SER A 4 -0.05 -5.62 9.87
C SER A 4 1.47 -5.41 9.77
N ILE A 5 2.16 -6.36 9.16
CA ILE A 5 3.61 -6.26 9.01
C ILE A 5 3.97 -5.12 8.07
N PHE A 6 4.21 -3.94 8.64
CA PHE A 6 4.57 -2.77 7.85
C PHE A 6 3.62 -2.60 6.67
N LYS A 7 2.32 -2.53 6.96
CA LYS A 7 1.32 -2.36 5.92
C LYS A 7 1.43 -3.46 4.87
N HIS A 8 1.21 -4.71 5.29
CA HIS A 8 1.29 -5.85 4.37
C HIS A 8 2.54 -5.76 3.50
N GLY A 9 3.57 -5.09 4.02
CA GLY A 9 4.82 -4.95 3.28
C GLY A 9 4.74 -3.84 2.24
N ARG A 10 4.35 -2.65 2.69
CA ARG A 10 4.24 -1.50 1.80
C ARG A 10 3.30 -1.81 0.64
N HIS A 11 2.30 -2.66 0.88
CA HIS A 11 1.33 -3.01 -0.17
C HIS A 11 -0.05 -2.55 0.22
N ALA A 12 -0.17 -1.24 0.14
CA ALA A 12 -1.39 -0.51 0.46
C ALA A 12 -1.01 0.93 0.50
N ALA A 13 0.26 1.08 0.94
CA ALA A 13 0.88 2.34 0.70
C ALA A 13 0.79 2.27 -0.82
N LYS A 14 0.23 1.06 -1.19
CA LYS A 14 -0.07 0.68 -2.56
C LYS A 14 -1.57 0.55 -2.80
N HIS A 15 -1.90 -0.03 -3.96
CA HIS A 15 -3.29 -0.29 -4.37
C HIS A 15 -4.24 0.80 -3.88
N ILE A 16 -3.66 1.93 -3.50
CA ILE A 16 -4.43 3.04 -3.02
C ILE A 16 -3.51 4.12 -2.58
N GLY A 17 -2.53 3.70 -1.89
CA GLY A 17 -1.49 4.58 -1.49
C GLY A 17 -0.66 4.82 -2.72
N HIS A 18 -0.91 3.96 -3.75
CA HIS A 18 -0.22 4.10 -5.03
C HIS A 18 -1.05 5.00 -5.94
N ALA A 19 -2.37 4.76 -5.97
CA ALA A 19 -3.28 5.55 -6.82
C ALA A 19 -4.61 4.82 -6.99
N ALA A 20 -4.80 3.76 -6.20
CA ALA A 20 -6.02 2.97 -6.31
C ALA A 20 -6.15 2.47 -7.75
N VAL A 21 -5.05 2.62 -8.49
CA VAL A 21 -4.99 2.21 -9.89
C VAL A 21 -3.57 1.70 -10.19
N ASN A 22 -2.68 1.90 -9.21
CA ASN A 22 -1.26 1.50 -9.28
C ASN A 22 -0.38 2.69 -9.61
N HIS A 23 -0.89 3.58 -10.46
CA HIS A 23 -0.13 4.77 -10.87
C HIS A 23 -1.08 5.86 -11.38
N TYR A 24 -1.27 5.88 -12.70
CA TYR A 24 -2.15 6.88 -13.31
C TYR A 24 -1.69 8.29 -12.97
N LEU A 25 -0.52 8.39 -12.34
CA LEU A 25 0.03 9.68 -11.96
C LEU A 25 -1.00 10.49 -11.18
N GLY A 1 11.62 -12.33 5.08
CA GLY A 1 12.61 -11.95 6.09
C GLY A 1 11.97 -11.20 7.24
N TRP A 2 12.74 -11.00 8.31
CA TRP A 2 12.25 -10.30 9.49
C TRP A 2 10.98 -10.97 10.03
N GLY A 3 9.84 -10.67 9.42
CA GLY A 3 8.59 -11.24 9.85
C GLY A 3 7.42 -10.74 9.02
N SER A 4 7.71 -9.80 8.12
CA SER A 4 6.68 -9.23 7.26
C SER A 4 7.30 -8.31 6.21
N ILE A 5 7.21 -8.71 4.95
CA ILE A 5 7.77 -7.92 3.87
C ILE A 5 6.98 -6.61 3.70
N PHE A 6 6.35 -6.42 2.55
CA PHE A 6 5.57 -5.21 2.30
C PHE A 6 4.20 -5.31 2.97
N LYS A 7 3.89 -6.49 3.50
CA LYS A 7 2.62 -6.71 4.16
C LYS A 7 2.41 -5.72 5.30
N HIS A 8 3.47 -5.43 6.04
CA HIS A 8 3.40 -4.49 7.15
C HIS A 8 3.06 -3.10 6.65
N GLY A 9 1.78 -2.88 6.34
CA GLY A 9 1.33 -1.59 5.86
C GLY A 9 2.28 -0.97 4.86
N ARG A 10 2.18 -1.39 3.61
CA ARG A 10 3.05 -0.86 2.56
C ARG A 10 2.54 -1.26 1.18
N HIS A 11 1.32 -1.79 1.14
CA HIS A 11 0.69 -2.22 -0.11
C HIS A 11 -0.76 -1.86 -0.15
N ALA A 12 -1.21 -1.51 -1.36
CA ALA A 12 -2.58 -1.08 -1.66
C ALA A 12 -2.83 0.27 -1.07
N ALA A 13 -2.11 0.53 0.03
CA ALA A 13 -2.02 1.89 0.44
C ALA A 13 -1.29 2.34 -0.81
N LYS A 14 -1.11 1.26 -1.68
CA LYS A 14 -0.52 1.36 -3.00
C LYS A 14 -1.57 1.01 -4.06
N HIS A 15 -1.09 0.62 -5.26
CA HIS A 15 -1.96 0.21 -6.39
C HIS A 15 -3.32 0.90 -6.35
N ILE A 16 -3.36 2.04 -5.68
CA ILE A 16 -4.58 2.82 -5.52
C ILE A 16 -4.35 3.87 -4.50
N GLY A 17 -3.90 3.42 -3.41
CA GLY A 17 -3.54 4.30 -2.34
C GLY A 17 -2.33 5.06 -2.80
N HIS A 18 -1.74 4.59 -3.90
CA HIS A 18 -0.59 5.26 -4.50
C HIS A 18 -1.12 6.27 -5.51
N ALA A 19 -2.24 5.92 -6.13
CA ALA A 19 -2.85 6.82 -7.12
C ALA A 19 -4.27 6.34 -7.45
N ALA A 20 -4.33 5.20 -8.11
CA ALA A 20 -5.60 4.62 -8.51
C ALA A 20 -5.36 3.21 -9.03
N VAL A 21 -4.11 2.96 -9.43
CA VAL A 21 -3.71 1.67 -9.95
C VAL A 21 -2.21 1.44 -9.68
N ASN A 22 -1.49 2.52 -9.40
CA ASN A 22 -0.05 2.45 -9.11
C ASN A 22 0.57 3.85 -9.16
N HIS A 23 0.12 4.67 -10.11
CA HIS A 23 0.65 6.02 -10.26
C HIS A 23 -0.30 6.90 -11.06
N TYR A 24 -0.65 8.05 -10.49
CA TYR A 24 -1.53 8.99 -11.16
C TYR A 24 -0.82 9.55 -12.38
N LEU A 25 0.44 9.18 -12.54
CA LEU A 25 1.24 9.65 -13.68
C LEU A 25 0.86 8.88 -14.93
N GLY A 1 7.41 -6.02 7.31
CA GLY A 1 7.34 -5.26 8.55
C GLY A 1 6.45 -5.94 9.58
N TRP A 2 6.98 -6.09 10.79
CA TRP A 2 6.22 -6.72 11.86
C TRP A 2 5.73 -8.10 11.41
N GLY A 3 4.92 -8.75 12.25
CA GLY A 3 4.39 -10.05 11.93
C GLY A 3 3.63 -10.04 10.61
N SER A 4 3.23 -8.85 10.19
CA SER A 4 2.49 -8.72 8.93
C SER A 4 3.40 -9.03 7.75
N ILE A 5 2.85 -9.73 6.76
CA ILE A 5 3.61 -10.11 5.58
C ILE A 5 3.79 -8.90 4.65
N PHE A 6 4.55 -7.92 5.11
CA PHE A 6 4.80 -6.72 4.32
C PHE A 6 3.48 -6.12 3.82
N LYS A 7 2.39 -6.48 4.48
CA LYS A 7 1.08 -5.97 4.09
C LYS A 7 0.96 -4.49 4.44
N HIS A 8 0.96 -4.19 5.74
CA HIS A 8 0.85 -2.81 6.22
C HIS A 8 2.23 -2.21 6.45
N GLY A 9 2.96 -1.97 5.36
CA GLY A 9 4.29 -1.41 5.45
C GLY A 9 4.80 -0.91 4.11
N ARG A 10 4.25 -1.48 3.04
CA ARG A 10 4.67 -1.08 1.69
C ARG A 10 3.70 -1.63 0.65
N HIS A 11 2.43 -1.74 1.02
CA HIS A 11 1.41 -2.24 0.11
C HIS A 11 0.04 -1.79 0.56
N ALA A 12 -0.78 -1.54 -0.46
CA ALA A 12 -2.14 -1.04 -0.32
C ALA A 12 -2.12 0.38 0.14
N ALA A 13 -1.05 0.69 0.90
CA ALA A 13 -0.77 2.06 1.09
C ALA A 13 -0.49 2.35 -0.38
N LYS A 14 -0.71 1.20 -1.14
CA LYS A 14 -0.60 1.14 -2.59
C LYS A 14 -1.93 0.78 -3.25
N HIS A 15 -1.85 0.47 -4.54
CA HIS A 15 -3.02 0.06 -5.35
C HIS A 15 -4.28 0.76 -4.90
N ILE A 16 -4.10 1.87 -4.21
CA ILE A 16 -5.20 2.66 -3.73
C ILE A 16 -4.66 3.77 -2.89
N GLY A 17 -3.72 3.39 -2.11
CA GLY A 17 -3.02 4.35 -1.31
C GLY A 17 -2.06 5.02 -2.25
N HIS A 18 -1.91 4.41 -3.44
CA HIS A 18 -1.06 4.97 -4.49
C HIS A 18 -1.99 5.60 -5.53
N ALA A 19 -3.29 5.37 -5.35
CA ALA A 19 -4.29 5.90 -6.27
C ALA A 19 -4.42 4.98 -7.47
N ALA A 20 -4.00 3.73 -7.28
CA ALA A 20 -4.04 2.74 -8.35
C ALA A 20 -3.39 3.32 -9.61
N VAL A 21 -2.66 4.42 -9.43
CA VAL A 21 -1.98 5.09 -10.53
C VAL A 21 -0.74 5.82 -10.03
N ASN A 22 -0.60 5.92 -8.70
CA ASN A 22 0.55 6.61 -8.04
C ASN A 22 0.13 7.97 -7.50
N HIS A 23 -0.76 8.63 -8.22
CA HIS A 23 -1.25 9.94 -7.81
C HIS A 23 -2.43 10.37 -8.66
N TYR A 24 -3.58 10.55 -8.02
CA TYR A 24 -4.79 10.98 -8.72
C TYR A 24 -4.63 12.40 -9.23
N LEU A 25 -3.48 13.01 -8.93
CA LEU A 25 -3.21 14.36 -9.36
C LEU A 25 -3.06 14.43 -10.87
N GLY A 1 6.51 -6.53 17.69
CA GLY A 1 5.84 -7.02 16.50
C GLY A 1 6.58 -8.19 15.87
N TRP A 2 5.85 -9.05 15.19
CA TRP A 2 6.45 -10.21 14.54
C TRP A 2 7.63 -9.78 13.66
N GLY A 3 7.32 -9.14 12.55
CA GLY A 3 8.36 -8.66 11.64
C GLY A 3 7.78 -8.28 10.29
N SER A 4 6.67 -8.93 9.92
CA SER A 4 6.02 -8.65 8.64
C SER A 4 7.03 -8.66 7.50
N ILE A 5 6.55 -8.32 6.30
CA ILE A 5 7.42 -8.29 5.11
C ILE A 5 6.96 -7.17 4.18
N PHE A 6 5.67 -6.87 4.22
CA PHE A 6 5.11 -5.82 3.38
C PHE A 6 3.69 -5.49 3.81
N LYS A 7 3.13 -6.34 4.67
CA LYS A 7 1.78 -6.14 5.16
C LYS A 7 1.73 -4.95 6.12
N HIS A 8 2.89 -4.60 6.67
CA HIS A 8 2.99 -3.48 7.61
C HIS A 8 3.00 -2.16 6.86
N GLY A 9 2.01 -1.96 5.99
CA GLY A 9 1.92 -0.73 5.23
C GLY A 9 2.99 -0.64 4.17
N ARG A 10 2.73 -1.25 3.02
CA ARG A 10 3.68 -1.23 1.91
C ARG A 10 3.00 -1.67 0.63
N HIS A 11 1.72 -2.04 0.75
CA HIS A 11 0.94 -2.48 -0.41
C HIS A 11 -0.51 -2.18 -0.20
N ALA A 12 -1.14 -1.80 -1.32
CA ALA A 12 -2.54 -1.41 -1.38
C ALA A 12 -2.71 -0.06 -0.75
N ALA A 13 -1.85 0.17 0.26
CA ALA A 13 -1.71 1.51 0.70
C ALA A 13 -1.17 2.03 -0.64
N LYS A 14 -1.15 1.01 -1.57
CA LYS A 14 -0.74 1.16 -2.96
C LYS A 14 -1.89 0.86 -3.91
N HIS A 15 -1.55 0.76 -5.20
CA HIS A 15 -2.50 0.43 -6.26
C HIS A 15 -3.89 1.00 -5.98
N ILE A 16 -3.94 2.01 -5.11
CA ILE A 16 -5.18 2.64 -4.74
C ILE A 16 -4.93 3.58 -3.61
N GLY A 17 -4.07 3.15 -2.77
CA GLY A 17 -3.62 3.98 -1.69
C GLY A 17 -2.53 4.83 -2.29
N HIS A 18 -2.12 4.43 -3.52
CA HIS A 18 -1.08 5.17 -4.25
C HIS A 18 -1.74 6.17 -5.21
N ALA A 19 -2.90 5.82 -5.78
CA ALA A 19 -3.54 6.75 -6.73
C ALA A 19 -5.06 6.60 -6.76
N ALA A 20 -5.63 6.09 -5.68
CA ALA A 20 -7.08 5.93 -5.62
C ALA A 20 -7.60 5.10 -6.79
N VAL A 21 -6.70 4.66 -7.67
CA VAL A 21 -7.09 3.86 -8.83
C VAL A 21 -5.95 2.95 -9.27
N ASN A 22 -4.71 3.35 -9.00
CA ASN A 22 -3.55 2.53 -9.39
C ASN A 22 -2.22 3.24 -9.07
N HIS A 23 -1.77 4.10 -9.99
CA HIS A 23 -0.51 4.82 -9.82
C HIS A 23 -0.60 6.19 -10.47
N TYR A 24 -0.28 7.23 -9.68
CA TYR A 24 -0.31 8.59 -10.20
C TYR A 24 0.87 8.81 -11.11
N LEU A 25 1.73 7.79 -11.19
CA LEU A 25 2.93 7.87 -12.03
C LEU A 25 2.56 7.66 -13.50
N GLY A 1 0.59 -15.10 13.54
CA GLY A 1 1.59 -14.63 14.48
C GLY A 1 1.52 -13.13 14.68
N TRP A 2 2.33 -12.40 13.91
CA TRP A 2 2.35 -10.95 14.02
C TRP A 2 0.95 -10.37 13.80
N GLY A 3 0.63 -10.05 12.56
CA GLY A 3 -0.68 -9.49 12.23
C GLY A 3 -0.66 -8.76 10.89
N SER A 4 0.55 -8.58 10.35
CA SER A 4 0.70 -7.90 9.06
C SER A 4 2.10 -8.13 8.51
N ILE A 5 2.20 -9.04 7.55
CA ILE A 5 3.50 -9.36 6.95
C ILE A 5 3.99 -8.19 6.09
N PHE A 6 4.46 -7.15 6.76
CA PHE A 6 4.97 -5.96 6.06
C PHE A 6 3.93 -5.43 5.08
N LYS A 7 2.65 -5.69 5.37
CA LYS A 7 1.58 -5.22 4.50
C LYS A 7 1.38 -3.72 4.67
N HIS A 8 1.01 -3.31 5.87
CA HIS A 8 0.78 -1.89 6.16
C HIS A 8 2.12 -1.17 6.33
N GLY A 9 2.88 -1.07 5.24
CA GLY A 9 4.17 -0.41 5.30
C GLY A 9 4.75 -0.20 3.90
N ARG A 10 4.34 -1.04 2.96
CA ARG A 10 4.83 -0.94 1.59
C ARG A 10 3.82 -1.53 0.62
N HIS A 11 2.55 -1.52 1.02
CA HIS A 11 1.49 -2.05 0.17
C HIS A 11 0.16 -1.54 0.61
N ALA A 12 -0.70 -1.37 -0.40
CA ALA A 12 -2.06 -0.85 -0.26
C ALA A 12 -2.02 0.61 0.08
N ALA A 13 -0.96 0.97 0.82
CA ALA A 13 -0.67 2.36 0.90
C ALA A 13 -0.42 2.53 -0.59
N LYS A 14 -0.62 1.32 -1.25
CA LYS A 14 -0.53 1.16 -2.71
C LYS A 14 -1.87 0.76 -3.31
N HIS A 15 -1.81 0.36 -4.59
CA HIS A 15 -2.99 -0.11 -5.34
C HIS A 15 -4.25 0.62 -4.93
N ILE A 16 -4.06 1.78 -4.30
CA ILE A 16 -5.15 2.60 -3.86
C ILE A 16 -4.62 3.75 -3.09
N GLY A 17 -3.70 3.44 -2.27
CA GLY A 17 -2.99 4.44 -1.54
C GLY A 17 -2.03 5.07 -2.52
N HIS A 18 -1.88 4.37 -3.67
CA HIS A 18 -1.02 4.86 -4.75
C HIS A 18 -1.87 5.67 -5.74
N ALA A 19 -3.04 5.14 -6.11
CA ALA A 19 -3.94 5.82 -7.06
C ALA A 19 -4.98 4.84 -7.59
N ALA A 20 -5.11 3.69 -6.95
CA ALA A 20 -6.06 2.68 -7.40
C ALA A 20 -5.76 2.32 -8.84
N VAL A 21 -4.61 2.80 -9.33
CA VAL A 21 -4.18 2.54 -10.70
C VAL A 21 -2.65 2.44 -10.72
N ASN A 22 -2.04 2.80 -9.57
CA ASN A 22 -0.57 2.78 -9.38
C ASN A 22 -0.02 4.21 -9.46
N HIS A 23 -0.60 5.01 -10.34
CA HIS A 23 -0.18 6.40 -10.51
C HIS A 23 -1.27 7.21 -11.19
N TYR A 24 -1.93 8.06 -10.42
CA TYR A 24 -3.00 8.89 -10.96
C TYR A 24 -2.47 9.80 -12.07
N LEU A 25 -1.14 9.90 -12.14
CA LEU A 25 -0.52 10.74 -13.16
C LEU A 25 -0.72 10.12 -14.54
N GLY A 1 0.38 -10.86 12.47
CA GLY A 1 0.20 -11.14 13.88
C GLY A 1 0.03 -9.86 14.69
N TRP A 2 1.00 -8.96 14.58
CA TRP A 2 0.94 -7.70 15.30
C TRP A 2 -0.12 -6.78 14.69
N GLY A 3 0.12 -6.33 13.47
CA GLY A 3 -0.82 -5.45 12.80
C GLY A 3 -0.21 -4.85 11.54
N SER A 4 1.06 -5.16 11.29
CA SER A 4 1.75 -4.65 10.12
C SER A 4 1.62 -3.13 10.04
N ILE A 5 2.38 -2.43 10.86
CA ILE A 5 2.35 -0.97 10.88
C ILE A 5 2.81 -0.43 9.53
N PHE A 6 3.67 -1.19 8.85
CA PHE A 6 4.19 -0.79 7.56
C PHE A 6 3.15 -1.02 6.47
N LYS A 7 1.88 -0.99 6.85
CA LYS A 7 0.79 -1.19 5.90
C LYS A 7 0.98 -2.49 5.13
N HIS A 8 0.66 -3.60 5.78
CA HIS A 8 0.80 -4.92 5.15
C HIS A 8 2.16 -5.08 4.49
N GLY A 9 3.08 -4.17 4.82
CA GLY A 9 4.42 -4.21 4.25
C GLY A 9 4.48 -3.64 2.85
N ARG A 10 4.39 -2.31 2.75
CA ARG A 10 4.45 -1.64 1.46
C ARG A 10 3.38 -2.19 0.52
N HIS A 11 2.15 -2.33 1.03
CA HIS A 11 1.04 -2.82 0.22
C HIS A 11 -0.26 -2.28 0.75
N ALA A 12 -0.67 -1.16 0.14
CA ALA A 12 -1.87 -0.38 0.45
C ALA A 12 -1.40 1.03 0.53
N ALA A 13 -0.13 1.12 0.96
CA ALA A 13 0.55 2.34 0.74
C ALA A 13 0.47 2.27 -0.79
N LYS A 14 -0.18 1.10 -1.17
CA LYS A 14 -0.49 0.73 -2.54
C LYS A 14 -1.99 0.67 -2.79
N HIS A 15 -2.35 0.12 -3.95
CA HIS A 15 -3.75 -0.07 -4.36
C HIS A 15 -4.64 1.05 -3.87
N ILE A 16 -4.00 2.17 -3.53
CA ILE A 16 -4.71 3.33 -3.03
C ILE A 16 -3.73 4.36 -2.60
N GLY A 17 -2.75 3.88 -1.94
CA GLY A 17 -1.66 4.72 -1.55
C GLY A 17 -0.83 4.91 -2.79
N HIS A 18 -1.14 4.07 -3.81
CA HIS A 18 -0.46 4.16 -5.10
C HIS A 18 -1.29 5.05 -6.05
N ALA A 19 -2.61 4.82 -6.08
CA ALA A 19 -3.49 5.62 -6.95
C ALA A 19 -4.86 4.94 -7.07
N ALA A 20 -5.10 3.94 -6.23
CA ALA A 20 -6.37 3.21 -6.28
C ALA A 20 -6.54 2.62 -7.68
N VAL A 21 -5.46 2.70 -8.46
CA VAL A 21 -5.44 2.20 -9.82
C VAL A 21 -4.04 1.66 -10.12
N ASN A 22 -3.13 1.92 -9.18
CA ASN A 22 -1.71 1.50 -9.26
C ASN A 22 -0.85 2.67 -9.73
N HIS A 23 -1.40 3.46 -10.63
CA HIS A 23 -0.68 4.62 -11.16
C HIS A 23 -1.60 5.46 -12.05
N TYR A 24 -2.09 6.57 -11.51
CA TYR A 24 -2.98 7.45 -12.26
C TYR A 24 -2.25 8.02 -13.48
N LEU A 25 -0.95 7.81 -13.55
CA LEU A 25 -0.16 8.31 -14.66
C LEU A 25 -0.43 7.48 -15.91
N GLY A 1 8.14 -15.10 11.06
CA GLY A 1 8.47 -13.96 11.89
C GLY A 1 7.24 -13.14 12.25
N TRP A 2 7.35 -11.82 12.11
CA TRP A 2 6.23 -10.94 12.42
C TRP A 2 4.99 -11.35 11.64
N GLY A 3 5.19 -12.10 10.56
CA GLY A 3 4.09 -12.55 9.74
C GLY A 3 3.47 -11.41 8.95
N SER A 4 4.20 -10.29 8.87
CA SER A 4 3.72 -9.13 8.15
C SER A 4 4.86 -8.15 7.89
N ILE A 5 5.88 -8.61 7.17
CA ILE A 5 7.03 -7.77 6.87
C ILE A 5 6.60 -6.55 6.06
N PHE A 6 6.56 -5.40 6.73
CA PHE A 6 6.16 -4.16 6.08
C PHE A 6 4.91 -4.37 5.22
N LYS A 7 4.20 -5.46 5.48
CA LYS A 7 2.98 -5.75 4.72
C LYS A 7 1.89 -4.75 5.07
N HIS A 8 1.55 -4.67 6.35
CA HIS A 8 0.52 -3.75 6.81
C HIS A 8 1.10 -2.36 7.03
N GLY A 9 1.98 -1.94 6.12
CA GLY A 9 2.60 -0.62 6.23
C GLY A 9 3.42 -0.28 5.00
N ARG A 10 3.04 -0.85 3.86
CA ARG A 10 3.73 -0.59 2.60
C ARG A 10 2.94 -1.15 1.43
N HIS A 11 1.64 -1.39 1.67
CA HIS A 11 0.77 -1.92 0.62
C HIS A 11 -0.61 -1.33 0.73
N ALA A 12 -1.21 -1.15 -0.45
CA ALA A 12 -2.54 -0.55 -0.61
C ALA A 12 -2.50 0.92 -0.30
N ALA A 13 -1.57 1.25 0.61
CA ALA A 13 -1.23 2.63 0.70
C ALA A 13 -0.67 2.72 -0.72
N LYS A 14 -0.81 1.48 -1.35
CA LYS A 14 -0.45 1.21 -2.74
C LYS A 14 -1.70 0.85 -3.53
N HIS A 15 -1.49 0.17 -4.67
CA HIS A 15 -2.58 -0.30 -5.54
C HIS A 15 -3.81 0.58 -5.45
N ILE A 16 -3.59 1.83 -5.05
CA ILE A 16 -4.64 2.81 -4.90
C ILE A 16 -4.13 3.99 -4.17
N GLY A 17 -3.55 3.68 -3.07
CA GLY A 17 -2.92 4.67 -2.26
C GLY A 17 -1.71 5.14 -3.03
N HIS A 18 -1.38 4.37 -4.10
CA HIS A 18 -0.27 4.75 -4.97
C HIS A 18 -0.84 5.64 -6.08
N ALA A 19 -2.08 5.35 -6.46
CA ALA A 19 -2.74 6.13 -7.51
C ALA A 19 -4.22 5.79 -7.57
N ALA A 20 -4.51 4.56 -7.95
CA ALA A 20 -5.88 4.10 -8.07
C ALA A 20 -5.88 2.60 -8.31
N VAL A 21 -4.74 2.10 -8.82
CA VAL A 21 -4.58 0.68 -9.10
C VAL A 21 -3.13 0.25 -8.97
N ASN A 22 -2.20 1.22 -9.01
CA ASN A 22 -0.76 0.93 -8.89
C ASN A 22 0.06 2.18 -9.22
N HIS A 23 -0.39 2.94 -10.20
CA HIS A 23 0.32 4.14 -10.62
C HIS A 23 -0.51 4.94 -11.62
N TYR A 24 0.13 5.41 -12.69
CA TYR A 24 -0.57 6.18 -13.72
C TYR A 24 -1.35 7.34 -13.09
N LEU A 25 -0.88 7.81 -11.95
CA LEU A 25 -1.54 8.91 -11.27
C LEU A 25 -1.68 10.11 -12.22
N GLY A 1 7.29 -9.41 17.54
CA GLY A 1 6.69 -8.22 16.98
C GLY A 1 5.43 -8.51 16.20
N TRP A 2 4.89 -7.50 15.53
CA TRP A 2 3.67 -7.67 14.75
C TRP A 2 3.87 -8.74 13.68
N GLY A 3 5.12 -8.97 13.31
CA GLY A 3 5.44 -9.96 12.29
C GLY A 3 5.09 -9.46 10.90
N SER A 4 4.66 -8.22 10.81
CA SER A 4 4.30 -7.63 9.52
C SER A 4 5.55 -7.40 8.68
N ILE A 5 5.69 -8.19 7.62
CA ILE A 5 6.83 -8.06 6.73
C ILE A 5 6.69 -6.83 5.84
N PHE A 6 6.74 -5.66 6.44
CA PHE A 6 6.61 -4.41 5.69
C PHE A 6 5.29 -4.37 4.93
N LYS A 7 4.45 -5.38 5.13
CA LYS A 7 3.16 -5.44 4.44
C LYS A 7 2.29 -4.27 4.88
N HIS A 8 2.08 -4.15 6.19
CA HIS A 8 1.25 -3.06 6.73
C HIS A 8 2.05 -1.76 6.78
N GLY A 9 2.96 -1.59 5.82
CA GLY A 9 3.77 -0.38 5.77
C GLY A 9 4.53 -0.26 4.46
N ARG A 10 4.04 -0.94 3.44
CA ARG A 10 4.69 -0.90 2.13
C ARG A 10 3.75 -1.45 1.06
N HIS A 11 2.48 -1.58 1.41
CA HIS A 11 1.47 -2.08 0.47
C HIS A 11 0.11 -1.56 0.81
N ALA A 12 -0.66 -1.38 -0.27
CA ALA A 12 -2.02 -0.86 -0.24
C ALA A 12 -2.01 0.60 0.10
N ALA A 13 -1.00 0.96 0.92
CA ALA A 13 -0.72 2.34 1.03
C ALA A 13 -0.35 2.52 -0.44
N LYS A 14 -0.50 1.32 -1.11
CA LYS A 14 -0.29 1.14 -2.54
C LYS A 14 -1.58 0.75 -3.25
N HIS A 15 -1.42 0.34 -4.53
CA HIS A 15 -2.52 -0.13 -5.36
C HIS A 15 -3.81 0.62 -5.07
N ILE A 16 -3.66 1.77 -4.44
CA ILE A 16 -4.78 2.60 -4.08
C ILE A 16 -4.32 3.76 -3.26
N GLY A 17 -3.48 3.43 -2.37
CA GLY A 17 -2.85 4.43 -1.57
C GLY A 17 -1.81 5.06 -2.47
N HIS A 18 -1.55 4.38 -3.60
CA HIS A 18 -0.61 4.89 -4.60
C HIS A 18 -1.37 5.69 -5.67
N ALA A 19 -2.50 5.13 -6.14
CA ALA A 19 -3.30 5.81 -7.17
C ALA A 19 -4.29 4.83 -7.80
N ALA A 20 -4.47 3.68 -7.17
CA ALA A 20 -5.38 2.67 -7.70
C ALA A 20 -4.92 2.25 -9.09
N VAL A 21 -3.74 2.75 -9.48
CA VAL A 21 -3.16 2.45 -10.79
C VAL A 21 -1.64 2.36 -10.66
N ASN A 22 -1.15 2.77 -9.48
CA ASN A 22 0.29 2.79 -9.14
C ASN A 22 0.81 4.22 -9.16
N HIS A 23 0.30 5.01 -10.10
CA HIS A 23 0.72 6.40 -10.23
C HIS A 23 -0.16 7.13 -11.24
N TYR A 24 0.45 7.67 -12.29
CA TYR A 24 -0.29 8.39 -13.32
C TYR A 24 -1.22 9.42 -12.68
N LEU A 25 -0.94 9.77 -11.43
CA LEU A 25 -1.76 10.74 -10.71
C LEU A 25 -1.65 12.12 -11.39
N GLY A 1 1.77 -9.44 16.86
CA GLY A 1 1.40 -8.54 15.78
C GLY A 1 0.05 -8.89 15.19
N TRP A 2 -0.71 -7.87 14.83
CA TRP A 2 -2.03 -8.08 14.25
C TRP A 2 -1.95 -9.01 13.04
N GLY A 3 -1.38 -8.50 11.95
CA GLY A 3 -1.24 -9.28 10.74
C GLY A 3 -0.64 -8.48 9.60
N SER A 4 -0.49 -7.18 9.82
CA SER A 4 0.07 -6.30 8.80
C SER A 4 0.36 -4.91 9.38
N ILE A 5 1.41 -4.83 10.19
CA ILE A 5 1.79 -3.56 10.81
C ILE A 5 2.54 -2.67 9.81
N PHE A 6 3.41 -3.29 9.02
CA PHE A 6 4.19 -2.55 8.03
C PHE A 6 3.37 -2.29 6.77
N LYS A 7 2.07 -2.06 6.95
CA LYS A 7 1.19 -1.79 5.82
C LYS A 7 1.32 -2.89 4.76
N HIS A 8 0.83 -4.08 5.10
CA HIS A 8 0.89 -5.22 4.17
C HIS A 8 2.30 -5.35 3.59
N GLY A 9 3.28 -4.81 4.30
CA GLY A 9 4.66 -4.87 3.84
C GLY A 9 4.94 -3.91 2.71
N ARG A 10 4.72 -2.62 2.97
CA ARG A 10 4.95 -1.60 1.97
C ARG A 10 4.16 -1.91 0.71
N HIS A 11 2.93 -2.37 0.90
CA HIS A 11 2.05 -2.69 -0.23
C HIS A 11 0.62 -2.44 0.13
N ALA A 12 0.34 -1.15 0.20
CA ALA A 12 -0.96 -0.61 0.54
C ALA A 12 -0.78 0.85 0.67
N ALA A 13 0.45 1.17 1.11
CA ALA A 13 0.87 2.51 0.97
C ALA A 13 0.79 2.53 -0.55
N LYS A 14 0.39 1.28 -1.00
CA LYS A 14 0.15 0.94 -2.40
C LYS A 14 -1.31 0.57 -2.64
N HIS A 15 -1.56 -0.02 -3.83
CA HIS A 15 -2.89 -0.49 -4.23
C HIS A 15 -3.99 0.40 -3.70
N ILE A 16 -3.62 1.61 -3.32
CA ILE A 16 -4.55 2.57 -2.80
C ILE A 16 -3.80 3.78 -2.33
N GLY A 17 -2.72 3.49 -1.72
CA GLY A 17 -1.82 4.52 -1.31
C GLY A 17 -1.07 4.93 -2.56
N HIS A 18 -1.22 4.09 -3.61
CA HIS A 18 -0.62 4.37 -4.91
C HIS A 18 -1.74 4.84 -5.83
N ALA A 19 -2.98 4.75 -5.33
CA ALA A 19 -4.15 5.14 -6.10
C ALA A 19 -4.59 3.99 -6.99
N ALA A 20 -4.15 2.78 -6.64
CA ALA A 20 -4.49 1.60 -7.43
C ALA A 20 -4.16 1.86 -8.89
N VAL A 21 -3.38 2.91 -9.13
CA VAL A 21 -2.99 3.30 -10.48
C VAL A 21 -1.65 4.03 -10.46
N ASN A 22 -1.19 4.40 -9.25
CA ASN A 22 0.09 5.13 -9.04
C ASN A 22 -0.19 6.61 -8.81
N HIS A 23 -1.22 7.11 -9.48
CA HIS A 23 -1.60 8.51 -9.35
C HIS A 23 -2.92 8.77 -10.05
N TYR A 24 -4.00 8.85 -9.27
CA TYR A 24 -5.33 9.10 -9.82
C TYR A 24 -6.29 9.55 -8.73
N LEU A 25 -5.78 9.61 -7.50
CA LEU A 25 -6.59 10.04 -6.36
C LEU A 25 -7.70 9.01 -6.09
N GLY A 1 5.23 -2.07 15.18
CA GLY A 1 4.71 -2.26 13.84
C GLY A 1 4.24 -3.69 13.62
N TRP A 2 3.77 -4.33 14.69
CA TRP A 2 3.29 -5.70 14.60
C TRP A 2 4.33 -6.58 13.91
N GLY A 3 3.99 -7.86 13.75
CA GLY A 3 4.89 -8.80 13.12
C GLY A 3 5.13 -8.45 11.66
N SER A 4 4.29 -7.56 11.12
CA SER A 4 4.42 -7.15 9.73
C SER A 4 5.80 -6.55 9.48
N ILE A 5 6.61 -7.25 8.68
CA ILE A 5 7.94 -6.77 8.36
C ILE A 5 7.87 -5.51 7.51
N PHE A 6 6.88 -5.46 6.62
CA PHE A 6 6.69 -4.32 5.74
C PHE A 6 5.35 -4.41 5.03
N LYS A 7 4.72 -5.57 5.11
CA LYS A 7 3.43 -5.77 4.46
C LYS A 7 2.45 -4.67 4.86
N HIS A 8 2.16 -4.61 6.16
CA HIS A 8 1.24 -3.59 6.67
C HIS A 8 1.96 -2.26 6.85
N GLY A 9 2.86 -1.95 5.93
CA GLY A 9 3.62 -0.71 5.99
C GLY A 9 4.34 -0.43 4.68
N ARG A 10 3.86 -1.04 3.61
CA ARG A 10 4.45 -0.84 2.30
C ARG A 10 3.53 -1.37 1.21
N HIS A 11 2.27 -1.58 1.57
CA HIS A 11 1.27 -2.08 0.62
C HIS A 11 -0.08 -1.50 0.93
N ALA A 12 -0.82 -1.31 -0.16
CA ALA A 12 -2.17 -0.72 -0.16
C ALA A 12 -2.07 0.75 0.13
N ALA A 13 -1.06 1.08 0.95
CA ALA A 13 -0.72 2.45 1.01
C ALA A 13 -0.33 2.57 -0.46
N LYS A 14 -0.54 1.35 -1.10
CA LYS A 14 -0.32 1.12 -2.52
C LYS A 14 -1.63 0.77 -3.23
N HIS A 15 -1.48 0.33 -4.48
CA HIS A 15 -2.59 -0.10 -5.33
C HIS A 15 -3.85 0.71 -5.07
N ILE A 16 -3.67 1.86 -4.43
CA ILE A 16 -4.75 2.74 -4.11
C ILE A 16 -4.25 3.89 -3.32
N GLY A 17 -3.40 3.55 -2.42
CA GLY A 17 -2.73 4.55 -1.65
C GLY A 17 -1.66 5.09 -2.56
N HIS A 18 -1.43 4.35 -3.68
CA HIS A 18 -0.45 4.77 -4.68
C HIS A 18 -1.17 5.62 -5.75
N ALA A 19 -2.34 5.16 -6.20
CA ALA A 19 -3.11 5.89 -7.21
C ALA A 19 -4.17 4.97 -7.83
N ALA A 20 -4.40 3.83 -7.19
CA ALA A 20 -5.38 2.87 -7.70
C ALA A 20 -4.99 2.46 -9.11
N VAL A 21 -3.79 2.87 -9.51
CA VAL A 21 -3.25 2.57 -10.84
C VAL A 21 -1.74 2.36 -10.74
N ASN A 22 -1.20 2.68 -9.55
CA ASN A 22 0.24 2.57 -9.24
C ASN A 22 0.87 3.94 -9.27
N HIS A 23 0.41 4.77 -10.18
CA HIS A 23 0.93 6.13 -10.33
C HIS A 23 0.09 6.92 -11.32
N TYR A 24 -0.84 7.72 -10.81
CA TYR A 24 -1.70 8.53 -11.67
C TYR A 24 -2.39 9.62 -10.85
N LEU A 25 -2.09 9.65 -9.56
CA LEU A 25 -2.68 10.65 -8.67
C LEU A 25 -4.20 10.69 -8.84
N GLY A 1 8.82 -6.28 16.45
CA GLY A 1 8.39 -4.90 16.32
C GLY A 1 6.92 -4.78 15.98
N TRP A 2 6.61 -3.98 14.98
CA TRP A 2 5.22 -3.79 14.57
C TRP A 2 4.57 -5.13 14.23
N GLY A 3 3.28 -5.24 14.50
CA GLY A 3 2.56 -6.46 14.21
C GLY A 3 2.47 -6.74 12.72
N SER A 4 2.39 -5.67 11.94
CA SER A 4 2.30 -5.80 10.48
C SER A 4 3.68 -6.11 9.89
N ILE A 5 3.83 -7.32 9.38
CA ILE A 5 5.10 -7.73 8.78
C ILE A 5 5.34 -6.97 7.48
N PHE A 6 5.72 -5.70 7.61
CA PHE A 6 5.98 -4.86 6.44
C PHE A 6 4.79 -4.89 5.49
N LYS A 7 3.65 -5.38 5.99
CA LYS A 7 2.44 -5.45 5.17
C LYS A 7 1.87 -4.05 4.95
N HIS A 8 1.48 -3.40 6.04
CA HIS A 8 0.93 -2.05 5.96
C HIS A 8 2.03 -1.02 5.81
N GLY A 9 2.76 -1.10 4.71
CA GLY A 9 3.86 -0.17 4.46
C GLY A 9 4.36 -0.28 3.03
N ARG A 10 4.11 -1.43 2.40
CA ARG A 10 4.53 -1.68 1.03
C ARG A 10 3.35 -2.08 0.16
N HIS A 11 2.15 -2.01 0.74
CA HIS A 11 0.93 -2.35 0.02
C HIS A 11 -0.24 -1.59 0.56
N ALA A 12 -1.14 -1.27 -0.37
CA ALA A 12 -2.35 -0.50 -0.15
C ALA A 12 -1.99 0.93 0.11
N ALA A 13 -0.81 1.11 0.72
CA ALA A 13 -0.25 2.41 0.70
C ALA A 13 -0.11 2.49 -0.82
N LYS A 14 -0.62 1.32 -1.39
CA LYS A 14 -0.71 1.08 -2.82
C LYS A 14 -2.15 0.94 -3.29
N HIS A 15 -2.30 0.49 -4.53
CA HIS A 15 -3.60 0.25 -5.15
C HIS A 15 -4.66 1.22 -4.66
N ILE A 16 -4.19 2.36 -4.14
CA ILE A 16 -5.07 3.38 -3.62
C ILE A 16 -4.25 4.41 -2.92
N GLY A 17 -3.28 3.93 -2.26
CA GLY A 17 -2.33 4.79 -1.63
C GLY A 17 -1.36 5.17 -2.73
N HIS A 18 -1.48 4.43 -3.86
CA HIS A 18 -0.64 4.69 -5.04
C HIS A 18 -1.37 5.65 -6.00
N ALA A 19 -2.70 5.52 -6.12
CA ALA A 19 -3.43 6.42 -7.05
C ALA A 19 -4.87 6.67 -6.60
N ALA A 20 -5.12 6.56 -5.31
CA ALA A 20 -6.46 6.81 -4.79
C ALA A 20 -7.48 5.83 -5.37
N VAL A 21 -7.07 5.03 -6.35
CA VAL A 21 -7.99 4.06 -6.97
C VAL A 21 -7.24 2.84 -7.51
N ASN A 22 -5.95 3.00 -7.80
CA ASN A 22 -5.17 1.87 -8.32
C ASN A 22 -3.70 2.26 -8.52
N HIS A 23 -3.37 2.74 -9.72
CA HIS A 23 -2.00 3.13 -10.03
C HIS A 23 -1.98 4.12 -11.20
N TYR A 24 -1.31 3.75 -12.29
CA TYR A 24 -1.23 4.61 -13.46
C TYR A 24 -0.84 6.03 -13.06
N LEU A 25 -0.30 6.18 -11.85
CA LEU A 25 0.10 7.49 -11.37
C LEU A 25 -1.04 8.49 -11.52
N GLY A 1 0.48 -12.78 16.59
CA GLY A 1 0.25 -12.10 15.32
C GLY A 1 1.29 -12.47 14.29
N TRP A 2 0.95 -12.25 13.02
CA TRP A 2 1.87 -12.56 11.94
C TRP A 2 3.01 -11.55 11.90
N GLY A 3 4.13 -11.94 11.29
CA GLY A 3 5.28 -11.06 11.19
C GLY A 3 5.01 -9.86 10.31
N SER A 4 4.00 -9.98 9.46
CA SER A 4 3.64 -8.88 8.56
C SER A 4 4.88 -8.40 7.80
N ILE A 5 5.35 -9.22 6.87
CA ILE A 5 6.54 -8.87 6.09
C ILE A 5 6.29 -7.58 5.30
N PHE A 6 6.42 -6.45 5.99
CA PHE A 6 6.21 -5.14 5.35
C PHE A 6 4.85 -5.09 4.67
N LYS A 7 3.98 -6.02 5.02
CA LYS A 7 2.65 -6.07 4.42
C LYS A 7 1.87 -4.79 4.78
N HIS A 8 1.54 -4.65 6.05
CA HIS A 8 0.80 -3.48 6.51
C HIS A 8 1.74 -2.30 6.74
N GLY A 9 2.46 -1.92 5.69
CA GLY A 9 3.40 -0.82 5.78
C GLY A 9 4.14 -0.59 4.49
N ARG A 10 3.63 -1.17 3.40
CA ARG A 10 4.26 -1.01 2.10
C ARG A 10 3.30 -1.45 0.99
N HIS A 11 2.07 -1.80 1.38
CA HIS A 11 1.05 -2.23 0.43
C HIS A 11 -0.28 -1.62 0.76
N ALA A 12 -1.02 -1.37 -0.33
CA ALA A 12 -2.34 -0.74 -0.30
C ALA A 12 -2.22 0.71 0.05
N ALA A 13 -1.19 0.98 0.87
CA ALA A 13 -0.80 2.33 0.98
C ALA A 13 -0.40 2.50 -0.47
N LYS A 14 -0.66 1.31 -1.16
CA LYS A 14 -0.45 1.13 -2.60
C LYS A 14 -1.75 0.85 -3.32
N HIS A 15 -1.63 0.45 -4.59
CA HIS A 15 -2.76 0.09 -5.44
C HIS A 15 -3.98 0.92 -5.14
N ILE A 16 -3.76 2.05 -4.49
CA ILE A 16 -4.81 2.96 -4.13
C ILE A 16 -4.25 4.07 -3.30
N GLY A 17 -3.42 3.68 -2.42
CA GLY A 17 -2.71 4.62 -1.63
C GLY A 17 -1.63 5.17 -2.54
N HIS A 18 -1.43 4.46 -3.67
CA HIS A 18 -0.45 4.88 -4.68
C HIS A 18 -1.13 5.70 -5.77
N ALA A 19 -2.29 5.22 -6.28
CA ALA A 19 -3.00 5.95 -7.34
C ALA A 19 -4.13 5.10 -7.92
N ALA A 20 -4.47 4.01 -7.24
CA ALA A 20 -5.53 3.13 -7.72
C ALA A 20 -5.16 2.61 -9.10
N VAL A 21 -3.92 2.89 -9.50
CA VAL A 21 -3.39 2.46 -10.79
C VAL A 21 -1.90 2.16 -10.64
N ASN A 22 -1.36 2.52 -9.47
CA ASN A 22 0.06 2.32 -9.12
C ASN A 22 0.82 3.64 -9.23
N HIS A 23 0.45 4.43 -10.22
CA HIS A 23 1.11 5.71 -10.44
C HIS A 23 0.31 6.56 -11.43
N TYR A 24 -0.54 7.43 -10.91
CA TYR A 24 -1.36 8.29 -11.76
C TYR A 24 -1.93 9.44 -10.95
N LEU A 25 -1.59 9.47 -9.66
CA LEU A 25 -2.08 10.53 -8.78
C LEU A 25 -3.60 10.60 -8.82
N GLY A 1 1.69 -10.95 19.80
CA GLY A 1 2.07 -11.37 18.47
C GLY A 1 2.13 -10.20 17.50
N TRP A 2 1.61 -10.40 16.30
CA TRP A 2 1.60 -9.36 15.27
C TRP A 2 0.53 -9.63 14.22
N GLY A 3 0.51 -8.81 13.18
CA GLY A 3 -0.48 -8.96 12.12
C GLY A 3 -0.07 -8.20 10.87
N SER A 4 1.23 -8.02 10.70
CA SER A 4 1.73 -7.30 9.53
C SER A 4 3.25 -7.44 9.44
N ILE A 5 3.71 -8.44 8.70
CA ILE A 5 5.14 -8.67 8.55
C ILE A 5 5.77 -7.56 7.69
N PHE A 6 5.06 -7.17 6.63
CA PHE A 6 5.54 -6.11 5.74
C PHE A 6 4.37 -5.55 4.93
N LYS A 7 3.22 -6.21 5.02
CA LYS A 7 2.03 -5.77 4.28
C LYS A 7 1.81 -4.27 4.45
N HIS A 8 1.40 -3.87 5.65
CA HIS A 8 1.17 -2.46 5.93
C HIS A 8 2.49 -1.71 6.09
N GLY A 9 3.24 -1.59 5.00
CA GLY A 9 4.52 -0.90 5.05
C GLY A 9 5.07 -0.65 3.66
N ARG A 10 4.54 -1.38 2.67
CA ARG A 10 4.98 -1.22 1.29
C ARG A 10 3.92 -1.76 0.34
N HIS A 11 2.68 -1.79 0.79
CA HIS A 11 1.57 -2.28 -0.03
C HIS A 11 0.26 -1.79 0.49
N ALA A 12 -0.63 -1.56 -0.48
CA ALA A 12 -1.98 -1.04 -0.26
C ALA A 12 -1.92 0.40 0.15
N ALA A 13 -0.82 0.72 0.86
CA ALA A 13 -0.51 2.10 1.00
C ALA A 13 -0.32 2.35 -0.50
N LYS A 14 -0.56 1.18 -1.20
CA LYS A 14 -0.53 1.08 -2.65
C LYS A 14 -1.89 0.72 -3.23
N HIS A 15 -1.88 0.40 -4.53
CA HIS A 15 -3.09 -0.01 -5.26
C HIS A 15 -4.33 0.71 -4.77
N ILE A 16 -4.10 1.83 -4.09
CA ILE A 16 -5.16 2.64 -3.55
C ILE A 16 -4.59 3.73 -2.73
N GLY A 17 -3.66 3.35 -1.95
CA GLY A 17 -2.93 4.30 -1.18
C GLY A 17 -2.01 4.99 -2.14
N HIS A 18 -1.89 4.38 -3.34
CA HIS A 18 -1.06 4.95 -4.41
C HIS A 18 -1.94 5.83 -5.31
N ALA A 19 -3.12 5.33 -5.67
CA ALA A 19 -4.05 6.07 -6.53
C ALA A 19 -5.11 5.13 -7.11
N ALA A 20 -5.17 3.91 -6.58
CA ALA A 20 -6.14 2.94 -7.08
C ALA A 20 -5.91 2.74 -8.57
N VAL A 21 -4.78 3.28 -9.04
CA VAL A 21 -4.38 3.20 -10.44
C VAL A 21 -2.86 3.10 -10.51
N ASN A 22 -2.22 3.27 -9.35
CA ASN A 22 -0.75 3.23 -9.18
C ASN A 22 -0.19 4.63 -9.15
N HIS A 23 -0.77 5.52 -9.95
CA HIS A 23 -0.32 6.90 -10.01
C HIS A 23 -1.33 7.76 -10.77
N TYR A 24 -2.19 8.44 -10.04
CA TYR A 24 -3.21 9.29 -10.65
C TYR A 24 -3.83 10.21 -9.61
N LEU A 25 -3.36 10.09 -8.37
CA LEU A 25 -3.87 10.92 -7.28
C LEU A 25 -3.36 12.35 -7.41
N GLY A 1 -3.40 -7.14 15.25
CA GLY A 1 -2.62 -6.41 14.27
C GLY A 1 -1.14 -6.41 14.60
N TRP A 2 -0.49 -7.54 14.34
CA TRP A 2 0.95 -7.65 14.62
C TRP A 2 1.75 -6.81 13.63
N GLY A 3 1.05 -6.03 12.82
CA GLY A 3 1.71 -5.18 11.84
C GLY A 3 2.32 -5.98 10.71
N SER A 4 2.15 -7.30 10.77
CA SER A 4 2.70 -8.17 9.73
C SER A 4 4.20 -7.94 9.58
N ILE A 5 4.82 -8.68 8.66
CA ILE A 5 6.25 -8.56 8.43
C ILE A 5 6.56 -7.26 7.67
N PHE A 6 5.84 -7.04 6.57
CA PHE A 6 6.04 -5.85 5.75
C PHE A 6 4.78 -5.53 4.94
N LYS A 7 3.79 -6.42 5.04
CA LYS A 7 2.54 -6.24 4.31
C LYS A 7 1.99 -4.83 4.55
N HIS A 8 1.44 -4.61 5.75
CA HIS A 8 0.89 -3.31 6.10
C HIS A 8 2.00 -2.35 6.51
N GLY A 9 2.86 -2.01 5.56
CA GLY A 9 3.97 -1.11 5.84
C GLY A 9 4.57 -0.52 4.57
N ARG A 10 4.26 -1.14 3.43
CA ARG A 10 4.77 -0.66 2.15
C ARG A 10 3.92 -1.20 1.00
N HIS A 11 2.68 -1.58 1.30
CA HIS A 11 1.77 -2.10 0.29
C HIS A 11 0.35 -1.73 0.63
N ALA A 12 -0.40 -1.49 -0.45
CA ALA A 12 -1.81 -1.07 -0.40
C ALA A 12 -1.90 0.33 0.13
N ALA A 13 -0.90 0.67 0.97
CA ALA A 13 -0.73 2.04 1.24
C ALA A 13 -0.38 2.41 -0.21
N LYS A 14 -0.46 1.26 -1.00
CA LYS A 14 -0.24 1.24 -2.45
C LYS A 14 -1.52 0.82 -3.17
N HIS A 15 -1.36 0.38 -4.44
CA HIS A 15 -2.47 -0.10 -5.28
C HIS A 15 -3.79 0.59 -4.94
N ILE A 16 -3.69 1.75 -4.31
CA ILE A 16 -4.83 2.51 -3.90
C ILE A 16 -4.39 3.68 -3.09
N GLY A 17 -3.57 3.36 -2.17
CA GLY A 17 -2.96 4.36 -1.36
C GLY A 17 -1.97 5.07 -2.25
N HIS A 18 -1.70 4.44 -3.41
CA HIS A 18 -0.80 5.02 -4.41
C HIS A 18 -1.61 5.76 -5.48
N ALA A 19 -2.68 5.14 -5.99
CA ALA A 19 -3.51 5.78 -7.01
C ALA A 19 -4.51 4.78 -7.60
N ALA A 20 -4.64 3.63 -6.96
CA ALA A 20 -5.55 2.60 -7.45
C ALA A 20 -5.15 2.20 -8.85
N VAL A 21 -3.99 2.71 -9.27
CA VAL A 21 -3.43 2.43 -10.59
C VAL A 21 -1.92 2.43 -10.50
N ASN A 22 -1.42 2.87 -9.32
CA ASN A 22 0.03 2.97 -9.02
C ASN A 22 0.51 4.40 -9.18
N HIS A 23 -0.04 5.09 -10.17
CA HIS A 23 0.34 6.48 -10.44
C HIS A 23 -0.73 7.18 -11.25
N TYR A 24 -1.28 8.27 -10.70
CA TYR A 24 -2.30 9.03 -11.39
C TYR A 24 -1.78 9.46 -12.75
N LEU A 25 -0.48 9.27 -12.96
CA LEU A 25 0.15 9.65 -14.22
C LEU A 25 -0.47 8.85 -15.38
N GLY A 1 2.40 -16.00 11.04
CA GLY A 1 2.75 -14.82 11.80
C GLY A 1 1.52 -14.09 12.31
N TRP A 2 1.66 -12.79 12.55
CA TRP A 2 0.54 -11.99 13.03
C TRP A 2 -0.54 -11.87 11.96
N GLY A 3 -0.18 -11.24 10.84
CA GLY A 3 -1.13 -11.06 9.76
C GLY A 3 -0.62 -10.08 8.72
N SER A 4 0.48 -9.40 9.03
CA SER A 4 1.06 -8.43 8.12
C SER A 4 2.51 -8.15 8.50
N ILE A 5 3.44 -8.88 7.89
CA ILE A 5 4.86 -8.69 8.18
C ILE A 5 5.29 -7.26 7.84
N PHE A 6 4.83 -6.77 6.69
CA PHE A 6 5.14 -5.41 6.27
C PHE A 6 4.17 -4.94 5.20
N LYS A 7 2.98 -5.53 5.20
CA LYS A 7 1.95 -5.16 4.23
C LYS A 7 1.36 -3.79 4.54
N HIS A 8 1.09 -3.55 5.82
CA HIS A 8 0.52 -2.27 6.24
C HIS A 8 1.61 -1.20 6.31
N GLY A 9 2.35 -1.05 5.21
CA GLY A 9 3.41 -0.06 5.16
C GLY A 9 4.15 -0.11 3.83
N ARG A 10 3.80 -1.09 3.00
CA ARG A 10 4.43 -1.25 1.69
C ARG A 10 3.42 -1.79 0.68
N HIS A 11 2.16 -1.79 1.07
CA HIS A 11 1.09 -2.27 0.19
C HIS A 11 -0.22 -1.66 0.59
N ALA A 12 -1.02 -1.42 -0.46
CA ALA A 12 -2.33 -0.79 -0.37
C ALA A 12 -2.20 0.66 -0.02
N ALA A 13 -1.11 0.93 0.74
CA ALA A 13 -0.72 2.28 0.83
C ALA A 13 -0.41 2.44 -0.66
N LYS A 14 -0.70 1.25 -1.32
CA LYS A 14 -0.58 1.07 -2.77
C LYS A 14 -1.94 0.79 -3.41
N HIS A 15 -1.89 0.37 -4.69
CA HIS A 15 -3.09 0.01 -5.45
C HIS A 15 -4.28 0.87 -5.08
N ILE A 16 -4.00 2.00 -4.46
CA ILE A 16 -5.03 2.92 -4.03
C ILE A 16 -4.41 4.02 -3.25
N GLY A 17 -3.58 3.61 -2.39
CA GLY A 17 -2.81 4.54 -1.63
C GLY A 17 -1.78 5.09 -2.58
N HIS A 18 -1.65 4.38 -3.73
CA HIS A 18 -0.71 4.80 -4.77
C HIS A 18 -1.43 5.72 -5.77
N ALA A 19 -2.66 5.34 -6.17
CA ALA A 19 -3.39 6.18 -7.14
C ALA A 19 -4.83 5.73 -7.31
N ALA A 20 -5.50 5.41 -6.22
CA ALA A 20 -6.89 4.95 -6.30
C ALA A 20 -6.98 3.61 -7.02
N VAL A 21 -5.90 3.22 -7.73
CA VAL A 21 -5.87 1.95 -8.46
C VAL A 21 -4.46 1.39 -8.51
N ASN A 22 -3.47 2.29 -8.62
CA ASN A 22 -2.05 1.93 -8.69
C ASN A 22 -1.28 3.04 -9.39
N HIS A 23 -1.83 3.56 -10.48
CA HIS A 23 -1.17 4.63 -11.23
C HIS A 23 -2.17 5.33 -12.14
N TYR A 24 -3.43 5.36 -11.74
CA TYR A 24 -4.48 6.00 -12.54
C TYR A 24 -4.39 7.52 -12.39
N LEU A 25 -3.53 7.98 -11.49
CA LEU A 25 -3.37 9.41 -11.26
C LEU A 25 -4.72 10.05 -10.91
N GLY A 1 6.28 -5.67 15.97
CA GLY A 1 5.79 -4.98 14.79
C GLY A 1 4.72 -5.78 14.07
N TRP A 2 3.96 -6.55 14.82
CA TRP A 2 2.90 -7.38 14.24
C TRP A 2 3.47 -8.32 13.19
N GLY A 3 2.64 -9.24 12.71
CA GLY A 3 3.08 -10.20 11.71
C GLY A 3 3.27 -9.55 10.36
N SER A 4 2.96 -8.26 10.27
CA SER A 4 3.10 -7.53 9.01
C SER A 4 4.58 -7.35 8.67
N ILE A 5 5.14 -8.33 7.99
CA ILE A 5 6.55 -8.27 7.60
C ILE A 5 6.79 -7.11 6.64
N PHE A 6 5.77 -6.80 5.83
CA PHE A 6 5.88 -5.71 4.88
C PHE A 6 4.51 -5.37 4.29
N LYS A 7 3.49 -6.11 4.73
CA LYS A 7 2.14 -5.87 4.24
C LYS A 7 1.77 -4.40 4.37
N HIS A 8 1.27 -4.01 5.53
CA HIS A 8 0.89 -2.62 5.78
C HIS A 8 2.12 -1.76 6.01
N GLY A 9 2.94 -1.63 4.97
CA GLY A 9 4.15 -0.82 5.07
C GLY A 9 4.83 -0.66 3.73
N ARG A 10 4.50 -1.54 2.78
CA ARG A 10 5.09 -1.49 1.44
C ARG A 10 4.09 -1.99 0.40
N HIS A 11 2.83 -2.12 0.81
CA HIS A 11 1.79 -2.58 -0.10
C HIS A 11 0.43 -2.16 0.39
N ALA A 12 -0.41 -1.87 -0.60
CA ALA A 12 -1.79 -1.40 -0.42
C ALA A 12 -1.77 0.01 0.09
N ALA A 13 -0.72 0.30 0.88
CA ALA A 13 -0.47 1.67 1.13
C ALA A 13 -0.20 2.03 -0.32
N LYS A 14 -0.38 0.91 -1.13
CA LYS A 14 -0.28 0.91 -2.58
C LYS A 14 -1.60 0.59 -3.25
N HIS A 15 -1.52 0.36 -4.57
CA HIS A 15 -2.68 -0.02 -5.39
C HIS A 15 -3.96 0.64 -4.92
N ILE A 16 -3.80 1.70 -4.12
CA ILE A 16 -4.91 2.43 -3.59
C ILE A 16 -4.40 3.49 -2.68
N GLY A 17 -3.49 3.06 -1.88
CA GLY A 17 -2.81 3.98 -1.02
C GLY A 17 -1.86 4.74 -1.92
N HIS A 18 -1.68 4.19 -3.14
CA HIS A 18 -0.82 4.83 -4.14
C HIS A 18 -1.67 5.76 -5.01
N ALA A 19 -2.83 5.26 -5.48
CA ALA A 19 -3.71 6.07 -6.32
C ALA A 19 -4.78 5.19 -6.98
N ALA A 20 -4.90 3.96 -6.50
CA ALA A 20 -5.88 3.03 -7.06
C ALA A 20 -5.58 2.81 -8.54
N VAL A 21 -4.43 3.35 -8.96
CA VAL A 21 -3.98 3.24 -10.34
C VAL A 21 -2.46 3.12 -10.37
N ASN A 22 -1.85 3.32 -9.18
CA ASN A 22 -0.39 3.25 -8.97
C ASN A 22 0.18 4.66 -8.87
N HIS A 23 -0.38 5.58 -9.65
CA HIS A 23 0.09 6.97 -9.64
C HIS A 23 -1.03 7.91 -10.11
N TYR A 24 -0.68 9.15 -10.38
CA TYR A 24 -1.64 10.15 -10.82
C TYR A 24 -2.67 10.44 -9.73
N LEU A 25 -2.27 10.22 -8.49
CA LEU A 25 -3.16 10.47 -7.36
C LEU A 25 -4.52 9.81 -7.59
N GLY A 1 -3.04 -3.52 15.51
CA GLY A 1 -3.50 -4.88 15.71
C GLY A 1 -2.44 -5.90 15.38
N TRP A 2 -2.66 -6.66 14.31
CA TRP A 2 -1.70 -7.68 13.90
C TRP A 2 -0.30 -7.08 13.77
N GLY A 3 0.71 -7.94 13.81
CA GLY A 3 2.09 -7.48 13.69
C GLY A 3 2.36 -6.85 12.33
N SER A 4 1.62 -7.28 11.32
CA SER A 4 1.79 -6.75 9.98
C SER A 4 3.24 -6.85 9.54
N ILE A 5 3.55 -7.84 8.71
CA ILE A 5 4.91 -8.03 8.22
C ILE A 5 5.25 -6.98 7.17
N PHE A 6 5.38 -5.73 7.61
CA PHE A 6 5.70 -4.64 6.70
C PHE A 6 4.73 -4.61 5.54
N LYS A 7 3.65 -5.37 5.64
CA LYS A 7 2.65 -5.42 4.58
C LYS A 7 1.87 -4.11 4.53
N HIS A 8 1.70 -3.46 5.68
CA HIS A 8 0.98 -2.19 5.76
C HIS A 8 1.93 -1.02 5.54
N GLY A 9 2.43 -0.89 4.31
CA GLY A 9 3.34 0.19 3.99
C GLY A 9 4.05 -0.05 2.67
N ARG A 10 4.55 -1.27 2.49
CA ARG A 10 5.26 -1.64 1.26
C ARG A 10 4.28 -2.20 0.23
N HIS A 11 3.01 -2.27 0.61
CA HIS A 11 1.99 -2.78 -0.29
C HIS A 11 0.62 -2.44 0.21
N ALA A 12 -0.24 -2.11 -0.77
CA ALA A 12 -1.62 -1.70 -0.55
C ALA A 12 -1.66 -0.34 0.07
N ALA A 13 -0.61 -0.07 0.88
CA ALA A 13 -0.40 1.28 1.24
C ALA A 13 -0.13 1.75 -0.19
N LYS A 14 -0.26 0.68 -1.08
CA LYS A 14 -0.14 0.80 -2.54
C LYS A 14 -1.46 0.51 -3.24
N HIS A 15 -1.36 0.39 -4.57
CA HIS A 15 -2.50 0.05 -5.44
C HIS A 15 -3.80 0.63 -4.90
N ILE A 16 -3.66 1.64 -4.07
CA ILE A 16 -4.79 2.31 -3.47
C ILE A 16 -4.32 3.29 -2.47
N GLY A 17 -3.45 2.81 -1.68
CA GLY A 17 -2.80 3.66 -0.73
C GLY A 17 -1.86 4.51 -1.54
N HIS A 18 -1.63 4.05 -2.79
CA HIS A 18 -0.77 4.78 -3.71
C HIS A 18 -1.60 5.83 -4.46
N ALA A 19 -2.78 5.44 -4.97
CA ALA A 19 -3.61 6.39 -5.71
C ALA A 19 -4.99 5.83 -6.05
N ALA A 20 -5.59 5.10 -5.12
CA ALA A 20 -6.90 4.51 -5.36
C ALA A 20 -6.83 3.45 -6.47
N VAL A 21 -5.73 3.44 -7.23
CA VAL A 21 -5.56 2.48 -8.32
C VAL A 21 -4.08 2.13 -8.52
N ASN A 22 -3.21 3.11 -8.19
CA ASN A 22 -1.75 2.95 -8.33
C ASN A 22 -1.12 4.31 -8.65
N HIS A 23 -1.73 5.03 -9.59
CA HIS A 23 -1.23 6.34 -9.98
C HIS A 23 -2.22 7.04 -10.90
N TYR A 24 -3.40 7.36 -10.35
CA TYR A 24 -4.43 8.03 -11.14
C TYR A 24 -4.04 9.47 -11.41
N LEU A 25 -3.12 10.00 -10.62
CA LEU A 25 -2.66 11.37 -10.78
C LEU A 25 -3.80 12.34 -10.45
N GLY A 1 0.40 1.23 16.57
CA GLY A 1 1.20 0.67 15.50
C GLY A 1 0.86 -0.78 15.24
N TRP A 2 0.17 -1.03 14.12
CA TRP A 2 -0.21 -2.39 13.76
C TRP A 2 0.99 -3.32 13.81
N GLY A 3 0.75 -4.57 14.22
CA GLY A 3 1.82 -5.54 14.30
C GLY A 3 2.25 -6.03 12.93
N SER A 4 1.61 -5.49 11.90
CA SER A 4 1.92 -5.88 10.52
C SER A 4 3.43 -5.80 10.28
N ILE A 5 3.98 -6.87 9.70
CA ILE A 5 5.41 -6.92 9.40
C ILE A 5 5.74 -6.05 8.20
N PHE A 6 5.62 -4.73 8.37
CA PHE A 6 5.91 -3.80 7.28
C PHE A 6 5.09 -4.14 6.05
N LYS A 7 4.02 -4.92 6.24
CA LYS A 7 3.16 -5.31 5.13
C LYS A 7 2.33 -4.12 4.67
N HIS A 8 1.62 -3.50 5.61
CA HIS A 8 0.78 -2.34 5.30
C HIS A 8 1.63 -1.10 5.09
N GLY A 9 2.46 -1.11 4.05
CA GLY A 9 3.33 0.01 3.76
C GLY A 9 4.03 -0.13 2.43
N ARG A 10 4.52 -1.35 2.17
CA ARG A 10 5.23 -1.64 0.93
C ARG A 10 4.25 -2.12 -0.13
N HIS A 11 2.98 -2.22 0.25
CA HIS A 11 1.95 -2.65 -0.67
C HIS A 11 0.58 -2.33 -0.14
N ALA A 12 -0.28 -1.96 -1.09
CA ALA A 12 -1.67 -1.55 -0.85
C ALA A 12 -1.69 -0.21 -0.17
N ALA A 13 -0.64 0.01 0.65
CA ALA A 13 -0.43 1.34 1.07
C ALA A 13 -0.17 1.89 -0.33
N LYS A 14 -0.31 0.86 -1.27
CA LYS A 14 -0.20 1.04 -2.71
C LYS A 14 -1.52 0.76 -3.43
N HIS A 15 -1.43 0.68 -4.76
CA HIS A 15 -2.58 0.38 -5.62
C HIS A 15 -3.87 0.95 -5.07
N ILE A 16 -3.73 1.93 -4.19
CA ILE A 16 -4.86 2.57 -3.57
C ILE A 16 -4.37 3.52 -2.54
N GLY A 17 -3.49 3.02 -1.77
CA GLY A 17 -2.84 3.83 -0.80
C GLY A 17 -1.90 4.71 -1.57
N HIS A 18 -1.68 4.33 -2.85
CA HIS A 18 -0.83 5.11 -3.74
C HIS A 18 -1.68 6.14 -4.49
N ALA A 19 -2.85 5.74 -5.00
CA ALA A 19 -3.70 6.68 -5.73
C ALA A 19 -5.06 6.09 -6.07
N ALA A 20 -5.68 5.40 -5.12
CA ALA A 20 -6.98 4.79 -5.38
C ALA A 20 -6.83 3.63 -6.38
N VAL A 21 -5.74 3.63 -7.16
CA VAL A 21 -5.51 2.56 -8.15
C VAL A 21 -4.02 2.31 -8.34
N ASN A 22 -3.20 3.37 -8.19
CA ASN A 22 -1.75 3.28 -8.36
C ASN A 22 -1.19 4.67 -8.66
N HIS A 23 -1.81 5.36 -9.62
CA HIS A 23 -1.36 6.69 -10.01
C HIS A 23 -2.38 7.35 -10.93
N TYR A 24 -3.50 6.68 -11.16
CA TYR A 24 -4.55 7.21 -12.02
C TYR A 24 -5.35 8.29 -11.30
N LEU A 25 -4.64 9.13 -10.54
CA LEU A 25 -5.30 10.20 -9.80
C LEU A 25 -5.74 11.32 -10.75
N GLY A 1 6.09 -6.10 16.18
CA GLY A 1 5.47 -6.60 17.39
C GLY A 1 4.10 -7.19 17.12
N TRP A 2 3.34 -6.53 16.24
CA TRP A 2 2.00 -7.00 15.90
C TRP A 2 2.08 -8.24 15.03
N GLY A 3 2.36 -8.04 13.75
CA GLY A 3 2.46 -9.13 12.81
C GLY A 3 2.49 -8.65 11.38
N SER A 4 2.66 -7.34 11.21
CA SER A 4 2.70 -6.73 9.87
C SER A 4 3.44 -5.40 9.92
N ILE A 5 4.78 -5.47 9.86
CA ILE A 5 5.59 -4.26 9.89
C ILE A 5 5.61 -3.59 8.52
N PHE A 6 6.45 -4.10 7.62
CA PHE A 6 6.57 -3.55 6.29
C PHE A 6 5.32 -3.86 5.47
N LYS A 7 4.73 -5.03 5.70
CA LYS A 7 3.53 -5.43 4.96
C LYS A 7 2.49 -4.33 5.00
N HIS A 8 1.99 -4.02 6.20
CA HIS A 8 0.99 -2.97 6.35
C HIS A 8 1.63 -1.59 6.26
N GLY A 9 2.19 -1.27 5.09
CA GLY A 9 2.83 0.01 4.89
C GLY A 9 3.61 0.06 3.58
N ARG A 10 4.03 -1.11 3.11
CA ARG A 10 4.80 -1.21 1.86
C ARG A 10 3.88 -1.68 0.73
N HIS A 11 2.63 -1.95 1.06
CA HIS A 11 1.66 -2.40 0.07
C HIS A 11 0.28 -1.95 0.45
N ALA A 12 -0.47 -1.62 -0.60
CA ALA A 12 -1.85 -1.11 -0.50
C ALA A 12 -1.84 0.27 0.07
N ALA A 13 -0.81 0.52 0.91
CA ALA A 13 -0.53 1.87 1.21
C ALA A 13 -0.19 2.26 -0.23
N LYS A 14 -0.35 1.14 -1.06
CA LYS A 14 -0.16 1.16 -2.50
C LYS A 14 -1.48 0.84 -3.22
N HIS A 15 -1.37 0.44 -4.50
CA HIS A 15 -2.53 0.05 -5.32
C HIS A 15 -3.78 0.81 -4.94
N ILE A 16 -3.59 1.94 -4.28
CA ILE A 16 -4.68 2.77 -3.84
C ILE A 16 -4.16 3.87 -2.98
N GLY A 17 -3.34 3.46 -2.09
CA GLY A 17 -2.66 4.39 -1.24
C GLY A 17 -1.64 5.08 -2.11
N HIS A 18 -1.43 4.48 -3.31
CA HIS A 18 -0.50 5.04 -4.30
C HIS A 18 -1.28 5.89 -5.30
N ALA A 19 -2.41 5.37 -5.80
CA ALA A 19 -3.22 6.10 -6.77
C ALA A 19 -4.23 5.16 -7.43
N ALA A 20 -4.40 3.97 -6.86
CA ALA A 20 -5.33 3.00 -7.42
C ALA A 20 -4.91 2.67 -8.85
N VAL A 21 -3.74 3.18 -9.23
CA VAL A 21 -3.19 2.96 -10.57
C VAL A 21 -1.67 2.89 -10.48
N ASN A 22 -1.15 3.23 -9.29
CA ASN A 22 0.30 3.23 -8.98
C ASN A 22 0.84 4.66 -8.95
N HIS A 23 0.31 5.50 -9.84
CA HIS A 23 0.74 6.89 -9.92
C HIS A 23 -0.13 7.66 -10.91
N TYR A 24 -1.31 8.08 -10.47
CA TYR A 24 -2.23 8.82 -11.34
C TYR A 24 -1.89 10.31 -11.32
N LEU A 25 -1.06 10.71 -10.37
CA LEU A 25 -0.67 12.11 -10.24
C LEU A 25 0.15 12.53 -11.46
N GLY A 1 6.63 0.21 16.64
CA GLY A 1 6.35 0.37 15.23
C GLY A 1 5.98 -0.95 14.58
N TRP A 2 6.38 -1.12 13.33
CA TRP A 2 6.08 -2.34 12.59
C TRP A 2 4.59 -2.66 12.69
N GLY A 3 4.23 -3.56 13.60
CA GLY A 3 2.85 -3.94 13.77
C GLY A 3 2.31 -4.66 12.55
N SER A 4 3.21 -5.08 11.68
CA SER A 4 2.82 -5.79 10.46
C SER A 4 4.05 -6.37 9.76
N ILE A 5 3.83 -7.43 8.99
CA ILE A 5 4.92 -8.08 8.27
C ILE A 5 5.31 -7.27 7.05
N PHE A 6 5.77 -6.05 7.28
CA PHE A 6 6.17 -5.17 6.18
C PHE A 6 5.04 -5.00 5.19
N LYS A 7 3.84 -5.42 5.60
CA LYS A 7 2.67 -5.31 4.74
C LYS A 7 2.28 -3.84 4.56
N HIS A 8 1.73 -3.25 5.60
CA HIS A 8 1.33 -1.84 5.54
C HIS A 8 2.55 -0.94 5.62
N GLY A 9 3.73 -1.55 5.66
CA GLY A 9 4.98 -0.80 5.72
C GLY A 9 5.48 -0.39 4.36
N ARG A 10 4.94 -1.02 3.31
CA ARG A 10 5.35 -0.71 1.94
C ARG A 10 4.41 -1.33 0.93
N HIS A 11 3.14 -1.50 1.31
CA HIS A 11 2.15 -2.07 0.42
C HIS A 11 0.76 -1.71 0.84
N ALA A 12 -0.09 -1.57 -0.18
CA ALA A 12 -1.49 -1.17 -0.05
C ALA A 12 -1.59 0.26 0.34
N ALA A 13 -0.57 0.69 1.12
CA ALA A 13 -0.42 2.09 1.27
C ALA A 13 -0.15 2.36 -0.20
N LYS A 14 -0.23 1.17 -0.92
CA LYS A 14 -0.09 1.07 -2.37
C LYS A 14 -1.38 0.58 -3.03
N HIS A 15 -1.25 0.25 -4.32
CA HIS A 15 -2.37 -0.27 -5.13
C HIS A 15 -3.70 0.34 -4.72
N ILE A 16 -3.62 1.45 -4.03
CA ILE A 16 -4.79 2.15 -3.58
C ILE A 16 -4.39 3.30 -2.74
N GLY A 17 -3.48 3.03 -1.89
CA GLY A 17 -2.90 4.04 -1.09
C GLY A 17 -1.99 4.81 -2.03
N HIS A 18 -1.74 4.18 -3.20
CA HIS A 18 -0.92 4.81 -4.24
C HIS A 18 -1.82 5.59 -5.19
N ALA A 19 -2.89 4.95 -5.68
CA ALA A 19 -3.82 5.60 -6.61
C ALA A 19 -4.76 4.57 -7.23
N ALA A 20 -4.81 3.38 -6.64
CA ALA A 20 -5.66 2.32 -7.17
C ALA A 20 -5.24 2.03 -8.61
N VAL A 21 -4.11 2.62 -9.00
CA VAL A 21 -3.56 2.45 -10.34
C VAL A 21 -2.04 2.42 -10.27
N ASN A 22 -1.52 2.74 -9.08
CA ASN A 22 -0.07 2.77 -8.79
C ASN A 22 0.45 4.20 -8.78
N HIS A 23 -0.12 5.02 -9.65
CA HIS A 23 0.27 6.43 -9.78
C HIS A 23 1.48 6.55 -10.72
N TYR A 24 1.88 5.41 -11.29
CA TYR A 24 3.01 5.39 -12.20
C TYR A 24 2.74 6.24 -13.43
N LEU A 25 1.45 6.45 -13.72
CA LEU A 25 1.05 7.25 -14.87
C LEU A 25 1.13 8.74 -14.54
N GLY A 1 -9.75 -2.40 7.44
CA GLY A 1 -8.88 -2.85 8.50
C GLY A 1 -7.56 -3.39 7.97
N TRP A 2 -6.46 -2.85 8.48
CA TRP A 2 -5.14 -3.28 8.04
C TRP A 2 -4.83 -4.68 8.58
N GLY A 3 -3.56 -5.08 8.46
CA GLY A 3 -3.15 -6.39 8.94
C GLY A 3 -1.64 -6.45 9.15
N SER A 4 -1.01 -5.29 9.22
CA SER A 4 0.44 -5.22 9.43
C SER A 4 0.88 -3.77 9.57
N ILE A 5 1.78 -3.53 10.52
CA ILE A 5 2.29 -2.18 10.76
C ILE A 5 3.01 -1.66 9.51
N PHE A 6 3.75 -2.54 8.84
CA PHE A 6 4.48 -2.16 7.64
C PHE A 6 3.55 -2.00 6.46
N LYS A 7 2.24 -2.08 6.72
CA LYS A 7 1.25 -1.94 5.65
C LYS A 7 1.45 -3.02 4.58
N HIS A 8 1.13 -4.27 4.94
CA HIS A 8 1.28 -5.38 4.00
C HIS A 8 2.66 -5.36 3.35
N GLY A 9 3.66 -4.90 4.10
CA GLY A 9 5.01 -4.84 3.58
C GLY A 9 5.15 -3.85 2.45
N ARG A 10 4.82 -2.59 2.73
CA ARG A 10 4.92 -1.55 1.71
C ARG A 10 4.12 -1.94 0.47
N HIS A 11 2.88 -2.37 0.70
CA HIS A 11 1.99 -2.77 -0.40
C HIS A 11 0.57 -2.51 -0.02
N ALA A 12 0.30 -1.23 0.02
CA ALA A 12 -1.01 -0.68 0.37
C ALA A 12 -0.79 0.79 0.53
N ALA A 13 0.46 1.07 0.95
CA ALA A 13 0.91 2.40 0.81
C ALA A 13 0.80 2.43 -0.72
N LYS A 14 0.37 1.19 -1.17
CA LYS A 14 0.08 0.88 -2.56
C LYS A 14 -1.41 0.56 -2.77
N HIS A 15 -1.72 0.00 -3.95
CA HIS A 15 -3.07 -0.41 -4.32
C HIS A 15 -4.12 0.51 -3.71
N ILE A 16 -3.69 1.70 -3.34
CA ILE A 16 -4.57 2.69 -2.75
C ILE A 16 -3.76 3.84 -2.30
N GLY A 17 -2.72 3.51 -1.64
CA GLY A 17 -1.78 4.51 -1.23
C GLY A 17 -1.06 4.93 -2.48
N HIS A 18 -1.24 4.12 -3.55
CA HIS A 18 -0.63 4.43 -4.85
C HIS A 18 -1.66 5.18 -5.73
N ALA A 19 -2.90 4.68 -5.77
CA ALA A 19 -3.94 5.32 -6.59
C ALA A 19 -5.17 4.42 -6.70
N ALA A 20 -5.21 3.37 -5.89
CA ALA A 20 -6.34 2.44 -5.94
C ALA A 20 -6.41 1.81 -7.32
N VAL A 21 -5.40 2.10 -8.13
CA VAL A 21 -5.30 1.58 -9.49
C VAL A 21 -3.83 1.37 -9.86
N ASN A 22 -2.95 1.87 -8.97
CA ASN A 22 -1.49 1.78 -9.12
C ASN A 22 -0.92 3.12 -9.60
N HIS A 23 -1.66 3.79 -10.46
CA HIS A 23 -1.23 5.09 -11.00
C HIS A 23 -2.29 5.64 -11.95
N TYR A 24 -3.47 5.94 -11.42
CA TYR A 24 -4.55 6.48 -12.24
C TYR A 24 -4.07 7.68 -13.04
N LEU A 25 -3.16 8.45 -12.46
CA LEU A 25 -2.63 9.63 -13.14
C LEU A 25 -2.11 9.25 -14.52
N GLY A 1 5.21 3.94 9.84
CA GLY A 1 5.39 3.09 11.01
C GLY A 1 4.11 2.36 11.39
N TRP A 2 3.26 3.04 12.14
CA TRP A 2 2.00 2.44 12.57
C TRP A 2 2.24 1.10 13.26
N GLY A 3 3.51 0.82 13.54
CA GLY A 3 3.87 -0.43 14.20
C GLY A 3 3.63 -1.63 13.30
N SER A 4 3.28 -1.36 12.05
CA SER A 4 3.03 -2.44 11.09
C SER A 4 4.26 -3.33 10.95
N ILE A 5 4.32 -4.09 9.86
CA ILE A 5 5.44 -5.00 9.62
C ILE A 5 5.60 -5.24 8.12
N PHE A 6 5.88 -4.17 7.38
CA PHE A 6 6.07 -4.26 5.93
C PHE A 6 4.73 -4.45 5.22
N LYS A 7 3.80 -5.13 5.89
CA LYS A 7 2.47 -5.36 5.30
C LYS A 7 1.82 -4.02 4.95
N HIS A 8 1.27 -3.36 5.96
CA HIS A 8 0.60 -2.08 5.76
C HIS A 8 1.64 -0.97 5.62
N GLY A 9 2.43 -1.04 4.55
CA GLY A 9 3.45 -0.03 4.31
C GLY A 9 4.01 -0.12 2.90
N ARG A 10 4.21 -1.34 2.42
CA ARG A 10 4.73 -1.57 1.07
C ARG A 10 3.60 -1.99 0.14
N HIS A 11 2.40 -2.12 0.71
CA HIS A 11 1.22 -2.50 -0.05
C HIS A 11 0.01 -1.84 0.51
N ALA A 12 -0.89 -1.51 -0.42
CA ALA A 12 -2.15 -0.80 -0.15
C ALA A 12 -1.86 0.63 0.21
N ALA A 13 -0.68 0.80 0.85
CA ALA A 13 -0.19 2.12 0.93
C ALA A 13 -0.05 2.32 -0.58
N LYS A 14 -0.50 1.17 -1.24
CA LYS A 14 -0.56 1.03 -2.68
C LYS A 14 -2.00 0.87 -3.18
N HIS A 15 -2.11 0.51 -4.46
CA HIS A 15 -3.41 0.25 -5.11
C HIS A 15 -4.50 1.16 -4.57
N ILE A 16 -4.09 2.24 -3.94
CA ILE A 16 -5.00 3.20 -3.37
C ILE A 16 -4.23 4.22 -2.63
N GLY A 17 -3.33 3.73 -1.88
CA GLY A 17 -2.41 4.59 -1.19
C GLY A 17 -1.47 5.11 -2.24
N HIS A 18 -1.52 4.44 -3.42
CA HIS A 18 -0.69 4.84 -4.56
C HIS A 18 -1.48 5.83 -5.43
N ALA A 19 -2.74 5.49 -5.73
CA ALA A 19 -3.59 6.35 -6.56
C ALA A 19 -4.84 5.58 -7.01
N ALA A 20 -5.07 4.43 -6.41
CA ALA A 20 -6.23 3.61 -6.78
C ALA A 20 -6.12 3.20 -8.24
N VAL A 21 -4.96 3.51 -8.82
CA VAL A 21 -4.68 3.18 -10.22
C VAL A 21 -3.20 2.83 -10.38
N ASN A 22 -2.44 3.08 -9.30
CA ASN A 22 -0.98 2.82 -9.23
C ASN A 22 -0.21 4.13 -9.31
N HIS A 23 -0.73 5.05 -10.12
CA HIS A 23 -0.09 6.35 -10.30
C HIS A 23 -0.96 7.27 -11.14
N TYR A 24 -0.65 7.37 -12.42
CA TYR A 24 -1.43 8.22 -13.32
C TYR A 24 -1.48 9.66 -12.79
N LEU A 25 -0.67 9.93 -11.77
CA LEU A 25 -0.61 11.25 -11.17
C LEU A 25 -1.94 11.56 -10.47
N GLY A 1 1.88 -6.53 18.99
CA GLY A 1 1.55 -5.45 18.08
C GLY A 1 1.67 -5.88 16.63
N TRP A 2 2.53 -5.19 15.88
CA TRP A 2 2.73 -5.50 14.48
C TRP A 2 1.39 -5.57 13.75
N GLY A 3 0.82 -6.77 13.66
CA GLY A 3 -0.45 -6.96 12.99
C GLY A 3 -0.38 -6.62 11.52
N SER A 4 0.81 -6.72 10.96
CA SER A 4 1.01 -6.41 9.54
C SER A 4 2.39 -6.87 9.09
N ILE A 5 2.45 -8.07 8.49
CA ILE A 5 3.72 -8.61 8.02
C ILE A 5 4.17 -7.90 6.75
N PHE A 6 4.75 -6.72 6.91
CA PHE A 6 5.24 -5.93 5.78
C PHE A 6 4.11 -5.58 4.83
N LYS A 7 2.88 -5.90 5.20
CA LYS A 7 1.73 -5.59 4.35
C LYS A 7 1.43 -4.10 4.39
N HIS A 8 1.11 -3.59 5.57
CA HIS A 8 0.80 -2.17 5.73
C HIS A 8 2.08 -1.35 5.71
N GLY A 9 2.77 -1.34 4.57
CA GLY A 9 4.01 -0.59 4.44
C GLY A 9 4.57 -0.66 3.03
N ARG A 10 4.30 -1.77 2.34
CA ARG A 10 4.78 -1.96 0.97
C ARG A 10 3.64 -2.39 0.05
N HIS A 11 2.43 -2.39 0.60
CA HIS A 11 1.24 -2.76 -0.16
C HIS A 11 0.02 -2.15 0.43
N ALA A 12 -0.90 -1.79 -0.48
CA ALA A 12 -2.16 -1.13 -0.19
C ALA A 12 -1.92 0.28 0.24
N ALA A 13 -0.74 0.45 0.89
CA ALA A 13 -0.30 1.79 1.03
C ALA A 13 -0.15 2.05 -0.47
N LYS A 14 -0.57 0.93 -1.18
CA LYS A 14 -0.62 0.85 -2.63
C LYS A 14 -2.05 0.66 -3.13
N HIS A 15 -2.15 0.36 -4.43
CA HIS A 15 -3.44 0.10 -5.09
C HIS A 15 -4.56 0.96 -4.53
N ILE A 16 -4.16 2.02 -3.82
CA ILE A 16 -5.10 2.93 -3.23
C ILE A 16 -4.36 3.95 -2.44
N GLY A 17 -3.43 3.45 -1.72
CA GLY A 17 -2.55 4.30 -0.99
C GLY A 17 -1.61 4.89 -2.02
N HIS A 18 -1.64 4.28 -3.22
CA HIS A 18 -0.83 4.76 -4.35
C HIS A 18 -1.65 5.75 -5.18
N ALA A 19 -2.90 5.39 -5.47
CA ALA A 19 -3.77 6.27 -6.27
C ALA A 19 -4.99 5.49 -6.77
N ALA A 20 -5.21 4.31 -6.20
CA ALA A 20 -6.33 3.47 -6.62
C ALA A 20 -6.22 3.18 -8.10
N VAL A 21 -5.06 3.56 -8.67
CA VAL A 21 -4.79 3.35 -10.09
C VAL A 21 -3.30 3.06 -10.26
N ASN A 22 -2.55 3.24 -9.17
CA ASN A 22 -1.09 3.01 -9.12
C ASN A 22 -0.35 4.35 -9.15
N HIS A 23 -0.89 5.30 -9.91
CA HIS A 23 -0.28 6.62 -10.02
C HIS A 23 -1.21 7.55 -10.79
N TYR A 24 -2.08 8.24 -10.06
CA TYR A 24 -3.02 9.17 -10.68
C TYR A 24 -3.55 10.16 -9.64
N LEU A 25 -2.84 10.24 -8.51
CA LEU A 25 -3.24 11.14 -7.44
C LEU A 25 -3.50 12.55 -7.98
N GLY A 1 1.72 -6.30 19.14
CA GLY A 1 1.24 -7.42 18.34
C GLY A 1 0.39 -6.96 17.18
N TRP A 2 0.88 -7.23 15.96
CA TRP A 2 0.15 -6.85 14.75
C TRP A 2 0.60 -7.70 13.57
N GLY A 3 -0.35 -8.10 12.74
CA GLY A 3 -0.05 -8.92 11.58
C GLY A 3 0.78 -8.17 10.56
N SER A 4 0.90 -6.86 10.75
CA SER A 4 1.68 -6.03 9.83
C SER A 4 1.91 -4.65 10.43
N ILE A 5 2.84 -3.90 9.84
CA ILE A 5 3.16 -2.55 10.31
C ILE A 5 3.45 -1.63 9.13
N PHE A 6 4.41 -2.02 8.30
CA PHE A 6 4.77 -1.23 7.12
C PHE A 6 3.74 -1.41 6.01
N LYS A 7 2.46 -1.39 6.38
CA LYS A 7 1.38 -1.55 5.40
C LYS A 7 1.57 -2.87 4.63
N HIS A 8 1.32 -3.99 5.31
CA HIS A 8 1.46 -5.30 4.69
C HIS A 8 2.77 -5.42 3.91
N GLY A 9 3.77 -4.65 4.32
CA GLY A 9 5.06 -4.69 3.65
C GLY A 9 5.06 -3.98 2.31
N ARG A 10 4.84 -2.67 2.34
CA ARG A 10 4.82 -1.88 1.11
C ARG A 10 3.77 -2.40 0.13
N HIS A 11 2.55 -2.58 0.63
CA HIS A 11 1.46 -3.06 -0.21
C HIS A 11 0.13 -2.68 0.38
N ALA A 12 -0.33 -1.50 -0.06
CA ALA A 12 -1.57 -0.84 0.36
C ALA A 12 -1.21 0.59 0.57
N ALA A 13 0.06 0.72 1.00
CA ALA A 13 0.65 2.00 0.91
C ALA A 13 0.55 2.08 -0.62
N LYS A 14 -0.02 0.91 -1.12
CA LYS A 14 -0.32 0.67 -2.52
C LYS A 14 -1.82 0.55 -2.76
N HIS A 15 -2.17 0.08 -3.97
CA HIS A 15 -3.55 -0.15 -4.39
C HIS A 15 -4.50 0.85 -3.77
N ILE A 16 -3.95 1.97 -3.33
CA ILE A 16 -4.71 3.02 -2.71
C ILE A 16 -3.77 4.06 -2.19
N GLY A 17 -2.80 3.57 -1.54
CA GLY A 17 -1.76 4.43 -1.07
C GLY A 17 -0.95 4.80 -2.29
N HIS A 18 -1.21 4.05 -3.38
CA HIS A 18 -0.55 4.34 -4.66
C HIS A 18 -1.42 5.30 -5.48
N ALA A 19 -2.73 5.03 -5.50
CA ALA A 19 -3.67 5.88 -6.25
C ALA A 19 -4.96 5.11 -6.50
N ALA A 20 -5.12 4.00 -5.80
CA ALA A 20 -6.31 3.16 -5.96
C ALA A 20 -6.39 2.66 -7.39
N VAL A 21 -5.34 2.95 -8.17
CA VAL A 21 -5.26 2.53 -9.57
C VAL A 21 -3.82 2.19 -9.94
N ASN A 22 -2.89 2.55 -9.03
CA ASN A 22 -1.43 2.31 -9.20
C ASN A 22 -0.68 3.65 -9.26
N HIS A 23 -1.21 4.61 -10.03
CA HIS A 23 -0.57 5.90 -10.14
C HIS A 23 -1.44 6.89 -10.93
N TYR A 24 -2.58 6.43 -11.43
CA TYR A 24 -3.48 7.30 -12.19
C TYR A 24 -3.72 8.61 -11.44
N LEU A 25 -3.43 8.61 -10.15
CA LEU A 25 -3.62 9.80 -9.33
C LEU A 25 -5.05 10.31 -9.47
N GLY A 1 -2.39 -5.41 15.88
CA GLY A 1 -2.07 -5.59 14.47
C GLY A 1 -1.51 -6.96 14.19
N TRP A 2 -1.37 -7.29 12.91
CA TRP A 2 -0.83 -8.59 12.50
C TRP A 2 0.64 -8.70 12.88
N GLY A 3 1.27 -7.56 13.11
CA GLY A 3 2.67 -7.54 13.47
C GLY A 3 3.55 -7.85 12.27
N SER A 4 3.05 -7.54 11.09
CA SER A 4 3.80 -7.79 9.85
C SER A 4 5.15 -7.06 9.88
N ILE A 5 5.66 -6.74 8.69
CA ILE A 5 6.95 -6.05 8.58
C ILE A 5 6.94 -5.09 7.38
N PHE A 6 6.05 -5.35 6.43
CA PHE A 6 5.93 -4.51 5.24
C PHE A 6 4.50 -4.53 4.70
N LYS A 7 3.74 -5.54 5.09
CA LYS A 7 2.36 -5.65 4.64
C LYS A 7 1.59 -4.36 4.91
N HIS A 8 1.44 -4.03 6.19
CA HIS A 8 0.73 -2.82 6.59
C HIS A 8 1.67 -1.61 6.61
N GLY A 9 2.49 -1.48 5.57
CA GLY A 9 3.43 -0.38 5.48
C GLY A 9 4.23 -0.41 4.19
N ARG A 10 3.68 -1.05 3.17
CA ARG A 10 4.36 -1.13 1.88
C ARG A 10 3.40 -1.67 0.81
N HIS A 11 2.12 -1.77 1.17
CA HIS A 11 1.12 -2.26 0.24
C HIS A 11 -0.23 -1.72 0.57
N ALA A 12 -0.99 -1.48 -0.49
CA ALA A 12 -2.33 -0.90 -0.45
C ALA A 12 -2.26 0.55 -0.08
N ALA A 13 -1.22 0.85 0.74
CA ALA A 13 -0.88 2.21 0.86
C ALA A 13 -0.51 2.41 -0.60
N LYS A 14 -0.73 1.22 -1.31
CA LYS A 14 -0.53 1.06 -2.74
C LYS A 14 -1.84 0.75 -3.46
N HIS A 15 -1.70 0.39 -4.73
CA HIS A 15 -2.83 0.00 -5.59
C HIS A 15 -4.08 0.77 -5.24
N ILE A 16 -3.90 1.92 -4.60
CA ILE A 16 -5.00 2.76 -4.20
C ILE A 16 -4.48 3.85 -3.32
N GLY A 17 -3.57 3.47 -2.51
CA GLY A 17 -2.88 4.41 -1.70
C GLY A 17 -1.81 5.00 -2.58
N HIS A 18 -1.62 4.32 -3.75
CA HIS A 18 -0.64 4.77 -4.74
C HIS A 18 -1.33 5.68 -5.77
N ALA A 19 -2.58 5.38 -6.14
CA ALA A 19 -3.27 6.23 -7.14
C ALA A 19 -4.78 6.21 -6.98
N ALA A 20 -5.25 5.99 -5.77
CA ALA A 20 -6.68 5.96 -5.49
C ALA A 20 -7.39 4.85 -6.27
N VAL A 21 -6.68 4.20 -7.21
CA VAL A 21 -7.28 3.13 -8.01
C VAL A 21 -6.22 2.12 -8.47
N ASN A 22 -4.95 2.55 -8.54
CA ASN A 22 -3.90 1.65 -8.99
C ASN A 22 -2.51 2.26 -8.80
N HIS A 23 -1.98 2.87 -9.85
CA HIS A 23 -0.65 3.48 -9.80
C HIS A 23 -0.55 4.64 -10.80
N TYR A 24 -1.68 5.00 -11.40
CA TYR A 24 -1.72 6.08 -12.38
C TYR A 24 -1.67 7.44 -11.67
N LEU A 25 -1.16 7.44 -10.44
CA LEU A 25 -1.07 8.68 -9.68
C LEU A 25 -2.42 9.39 -9.65
N GLY A 1 4.25 -12.24 16.75
CA GLY A 1 2.87 -11.95 17.11
C GLY A 1 2.13 -11.25 15.99
N TRP A 2 2.79 -11.12 14.85
CA TRP A 2 2.17 -10.46 13.69
C TRP A 2 2.85 -10.91 12.39
N GLY A 3 4.16 -10.71 12.33
CA GLY A 3 4.93 -11.09 11.14
C GLY A 3 4.84 -10.05 10.05
N SER A 4 4.10 -8.97 10.33
CA SER A 4 3.94 -7.90 9.35
C SER A 4 5.18 -7.00 9.35
N ILE A 5 6.24 -7.47 8.72
CA ILE A 5 7.49 -6.71 8.65
C ILE A 5 7.35 -5.54 7.68
N PHE A 6 6.50 -5.71 6.67
CA PHE A 6 6.28 -4.66 5.66
C PHE A 6 4.92 -4.83 5.02
N LYS A 7 4.13 -5.78 5.50
CA LYS A 7 2.80 -6.01 4.97
C LYS A 7 1.94 -4.76 5.10
N HIS A 8 1.57 -4.45 6.35
CA HIS A 8 0.75 -3.26 6.62
C HIS A 8 1.60 -2.01 6.64
N GLY A 9 2.52 -1.89 5.68
CA GLY A 9 3.39 -0.74 5.60
C GLY A 9 4.16 -0.68 4.30
N ARG A 10 3.61 -1.28 3.25
CA ARG A 10 4.26 -1.28 1.95
C ARG A 10 3.28 -1.72 0.86
N HIS A 11 2.03 -1.93 1.26
CA HIS A 11 1.00 -2.35 0.29
C HIS A 11 -0.33 -1.73 0.64
N ALA A 12 -1.08 -1.46 -0.43
CA ALA A 12 -2.39 -0.83 -0.39
C ALA A 12 -2.26 0.61 0.00
N ALA A 13 -1.22 0.85 0.84
CA ALA A 13 -0.83 2.20 0.99
C ALA A 13 -0.44 2.40 -0.48
N LYS A 14 -0.70 1.24 -1.19
CA LYS A 14 -0.51 1.09 -2.63
C LYS A 14 -1.82 0.84 -3.36
N HIS A 15 -1.70 0.48 -4.64
CA HIS A 15 -2.84 0.16 -5.50
C HIS A 15 -4.05 0.98 -5.17
N ILE A 16 -3.82 2.09 -4.49
CA ILE A 16 -4.86 3.00 -4.09
C ILE A 16 -4.30 4.06 -3.23
N GLY A 17 -3.51 3.63 -2.34
CA GLY A 17 -2.79 4.54 -1.51
C GLY A 17 -1.71 5.13 -2.38
N HIS A 18 -1.51 4.46 -3.54
CA HIS A 18 -0.52 4.93 -4.52
C HIS A 18 -1.22 5.85 -5.54
N ALA A 19 -2.38 5.42 -6.05
CA ALA A 19 -3.13 6.21 -7.03
C ALA A 19 -4.20 5.35 -7.70
N ALA A 20 -4.48 4.20 -7.12
CA ALA A 20 -5.48 3.29 -7.68
C ALA A 20 -5.06 2.87 -9.09
N VAL A 21 -3.85 3.28 -9.48
CA VAL A 21 -3.30 2.97 -10.79
C VAL A 21 -1.80 2.75 -10.67
N ASN A 22 -1.28 3.06 -9.47
CA ASN A 22 0.16 2.93 -9.13
C ASN A 22 0.81 4.31 -9.10
N HIS A 23 0.38 5.18 -10.00
CA HIS A 23 0.94 6.53 -10.06
C HIS A 23 0.11 7.38 -11.02
N TYR A 24 0.77 8.07 -11.94
CA TYR A 24 0.07 8.92 -12.91
C TYR A 24 -0.93 9.83 -12.20
N LEU A 25 -0.63 10.17 -10.95
CA LEU A 25 -1.52 11.03 -10.17
C LEU A 25 -0.77 11.56 -8.95
N GLY A 1 -5.35 -13.24 9.73
CA GLY A 1 -5.55 -12.76 11.08
C GLY A 1 -4.43 -11.84 11.53
N TRP A 2 -3.54 -11.50 10.60
CA TRP A 2 -2.42 -10.62 10.91
C TRP A 2 -2.92 -9.29 11.47
N GLY A 3 -3.92 -8.72 10.82
CA GLY A 3 -4.49 -7.46 11.24
C GLY A 3 -3.49 -6.32 11.14
N SER A 4 -2.50 -6.50 10.27
CA SER A 4 -1.49 -5.46 10.07
C SER A 4 -2.11 -4.21 9.46
N ILE A 5 -2.07 -3.12 10.21
CA ILE A 5 -2.63 -1.85 9.73
C ILE A 5 -1.80 -1.33 8.56
N PHE A 6 -0.48 -1.25 8.75
CA PHE A 6 0.41 -0.77 7.70
C PHE A 6 0.74 -1.90 6.73
N LYS A 7 -0.12 -2.92 6.69
CA LYS A 7 0.10 -4.05 5.80
C LYS A 7 1.48 -4.66 6.04
N HIS A 8 2.15 -4.21 7.09
CA HIS A 8 3.48 -4.72 7.42
C HIS A 8 4.35 -4.79 6.17
N GLY A 9 3.97 -4.05 5.14
CA GLY A 9 4.72 -4.03 3.89
C GLY A 9 4.41 -2.81 3.05
N ARG A 10 3.48 -1.98 3.52
CA ARG A 10 3.11 -0.77 2.79
C ARG A 10 2.56 -1.13 1.43
N HIS A 11 1.95 -2.33 1.32
CA HIS A 11 1.38 -2.78 0.05
C HIS A 11 -0.10 -2.51 0.04
N ALA A 12 -0.37 -1.23 -0.04
CA ALA A 12 -1.72 -0.68 -0.08
C ALA A 12 -1.56 0.80 0.09
N ALA A 13 -0.46 1.10 0.83
CA ALA A 13 0.00 2.43 0.77
C ALA A 13 0.32 2.41 -0.72
N LYS A 14 0.03 1.15 -1.24
CA LYS A 14 0.14 0.78 -2.64
C LYS A 14 -1.20 0.42 -3.26
N HIS A 15 -1.15 -0.19 -4.45
CA HIS A 15 -2.33 -0.65 -5.18
C HIS A 15 -3.51 0.26 -4.96
N ILE A 16 -3.22 1.49 -4.55
CA ILE A 16 -4.23 2.48 -4.29
C ILE A 16 -3.62 3.66 -3.64
N GLY A 17 -2.77 3.37 -2.75
CA GLY A 17 -2.01 4.38 -2.10
C GLY A 17 -0.97 4.81 -3.09
N HIS A 18 -0.81 3.97 -4.16
CA HIS A 18 0.13 4.31 -5.24
C HIS A 18 -0.62 5.13 -6.27
N ALA A 19 -1.89 4.81 -6.44
CA ALA A 19 -2.74 5.52 -7.40
C ALA A 19 -4.22 5.30 -7.09
N ALA A 20 -4.69 4.10 -7.39
CA ALA A 20 -6.07 3.73 -7.15
C ALA A 20 -6.20 2.22 -7.29
N VAL A 21 -5.25 1.66 -8.03
CA VAL A 21 -5.21 0.22 -8.29
C VAL A 21 -3.76 -0.22 -8.50
N ASN A 22 -2.87 0.77 -8.70
CA ASN A 22 -1.44 0.52 -8.93
C ASN A 22 -0.83 1.70 -9.70
N HIS A 23 -1.60 2.25 -10.61
CA HIS A 23 -1.14 3.36 -11.43
C HIS A 23 -2.30 4.03 -12.16
N TYR A 24 -2.49 5.32 -11.90
CA TYR A 24 -3.56 6.06 -12.55
C TYR A 24 -3.22 6.28 -14.01
N LEU A 25 -2.05 5.80 -14.43
CA LEU A 25 -1.61 5.94 -15.81
C LEU A 25 -2.52 5.14 -16.74
N GLY A 1 -2.39 -11.02 14.01
CA GLY A 1 -2.16 -11.14 12.58
C GLY A 1 -0.70 -10.91 12.23
N TRP A 2 0.16 -11.81 12.70
CA TRP A 2 1.59 -11.69 12.42
C TRP A 2 2.12 -10.33 12.85
N GLY A 3 3.44 -10.20 12.92
CA GLY A 3 4.07 -8.95 13.31
C GLY A 3 4.20 -7.98 12.15
N SER A 4 3.83 -8.43 10.96
CA SER A 4 3.93 -7.59 9.77
C SER A 4 5.33 -7.01 9.63
N ILE A 5 6.14 -7.66 8.80
CA ILE A 5 7.52 -7.21 8.59
C ILE A 5 7.56 -6.03 7.62
N PHE A 6 6.65 -6.01 6.67
CA PHE A 6 6.58 -4.92 5.69
C PHE A 6 5.18 -4.81 5.10
N LYS A 7 4.33 -5.77 5.43
CA LYS A 7 2.96 -5.76 4.94
C LYS A 7 2.30 -4.40 5.18
N HIS A 8 1.95 -4.12 6.43
CA HIS A 8 1.32 -2.85 6.78
C HIS A 8 2.37 -1.76 6.97
N GLY A 9 2.99 -1.35 5.87
CA GLY A 9 4.02 -0.32 5.93
C GLY A 9 4.64 -0.07 4.57
N ARG A 10 4.37 -0.98 3.63
CA ARG A 10 4.91 -0.85 2.27
C ARG A 10 3.94 -1.46 1.27
N HIS A 11 2.67 -1.52 1.65
CA HIS A 11 1.64 -2.07 0.79
C HIS A 11 0.30 -1.47 1.12
N ALA A 12 -0.48 -1.34 0.05
CA ALA A 12 -1.82 -0.74 0.08
C ALA A 12 -1.70 0.74 0.30
N ALA A 13 -0.63 1.11 1.04
CA ALA A 13 -0.27 2.47 1.01
C ALA A 13 0.05 2.51 -0.49
N LYS A 14 -0.23 1.26 -1.04
CA LYS A 14 -0.10 0.96 -2.47
C LYS A 14 -1.44 0.56 -3.08
N HIS A 15 -1.38 0.01 -4.31
CA HIS A 15 -2.55 -0.47 -5.04
C HIS A 15 -3.78 0.36 -4.73
N ILE A 16 -3.54 1.60 -4.30
CA ILE A 16 -4.59 2.51 -3.95
C ILE A 16 -4.00 3.70 -3.29
N GLY A 17 -3.13 3.40 -2.41
CA GLY A 17 -2.39 4.43 -1.76
C GLY A 17 -1.41 4.93 -2.78
N HIS A 18 -1.26 4.13 -3.86
CA HIS A 18 -0.39 4.53 -4.96
C HIS A 18 -1.19 5.45 -5.87
N ALA A 19 -2.46 5.09 -6.05
CA ALA A 19 -3.35 5.87 -6.89
C ALA A 19 -4.82 5.55 -6.55
N ALA A 20 -5.22 4.35 -6.91
CA ALA A 20 -6.58 3.89 -6.66
C ALA A 20 -6.65 2.41 -6.98
N VAL A 21 -5.68 1.97 -7.78
CA VAL A 21 -5.59 0.57 -8.19
C VAL A 21 -4.12 0.18 -8.40
N ASN A 22 -3.25 1.20 -8.53
CA ASN A 22 -1.80 0.99 -8.75
C ASN A 22 -1.19 2.24 -9.37
N HIS A 23 -1.93 2.88 -10.27
CA HIS A 23 -1.45 4.07 -10.95
C HIS A 23 -2.59 4.78 -11.67
N TYR A 24 -3.82 4.42 -11.33
CA TYR A 24 -4.99 5.02 -11.95
C TYR A 24 -5.28 6.38 -11.33
N LEU A 25 -4.22 7.17 -11.14
CA LEU A 25 -4.37 8.51 -10.54
C LEU A 25 -5.53 9.27 -11.19
N GLY A 1 -7.38 -9.88 11.17
CA GLY A 1 -6.26 -8.95 11.15
C GLY A 1 -5.00 -9.56 11.75
N TRP A 2 -3.86 -8.89 11.53
CA TRP A 2 -2.59 -9.38 12.05
C TRP A 2 -1.58 -8.24 12.14
N GLY A 3 -0.45 -8.50 12.80
CA GLY A 3 0.58 -7.49 12.95
C GLY A 3 1.36 -7.30 11.67
N SER A 4 1.13 -8.16 10.70
CA SER A 4 1.82 -8.08 9.42
C SER A 4 3.33 -8.00 9.64
N ILE A 5 4.06 -7.60 8.60
CA ILE A 5 5.51 -7.48 8.69
C ILE A 5 6.04 -6.65 7.52
N PHE A 6 5.23 -6.51 6.48
CA PHE A 6 5.62 -5.73 5.31
C PHE A 6 4.39 -5.34 4.49
N LYS A 7 3.33 -6.14 4.61
CA LYS A 7 2.10 -5.89 3.88
C LYS A 7 1.52 -4.53 4.27
N HIS A 8 1.21 -4.37 5.55
CA HIS A 8 0.64 -3.12 6.06
C HIS A 8 1.75 -2.08 6.24
N GLY A 9 2.59 -1.92 5.22
CA GLY A 9 3.68 -0.96 5.30
C GLY A 9 4.32 -0.74 3.93
N ARG A 10 4.11 -1.68 3.02
CA ARG A 10 4.68 -1.59 1.67
C ARG A 10 3.66 -2.06 0.64
N HIS A 11 2.40 -2.12 1.06
CA HIS A 11 1.33 -2.55 0.17
C HIS A 11 0.02 -1.99 0.61
N ALA A 12 -0.80 -1.69 -0.40
CA ALA A 12 -2.12 -1.09 -0.26
C ALA A 12 -1.97 0.35 0.16
N ALA A 13 -0.87 0.59 0.91
CA ALA A 13 -0.48 1.94 1.06
C ALA A 13 -0.21 2.17 -0.43
N LYS A 14 -0.52 1.02 -1.14
CA LYS A 14 -0.44 0.92 -2.60
C LYS A 14 -1.81 0.64 -3.23
N HIS A 15 -1.79 0.27 -4.52
CA HIS A 15 -3.00 -0.08 -5.27
C HIS A 15 -4.19 0.72 -4.80
N ILE A 16 -3.91 1.88 -4.21
CA ILE A 16 -4.94 2.74 -3.71
C ILE A 16 -4.30 3.81 -2.90
N GLY A 17 -3.42 3.37 -2.09
CA GLY A 17 -2.65 4.29 -1.32
C GLY A 17 -1.68 4.91 -2.28
N HIS A 18 -1.56 4.27 -3.47
CA HIS A 18 -0.72 4.82 -4.53
C HIS A 18 -1.53 5.87 -5.26
N ALA A 19 -2.80 5.57 -5.47
CA ALA A 19 -3.71 6.49 -6.14
C ALA A 19 -5.16 6.13 -5.85
N ALA A 20 -5.58 4.99 -6.37
CA ALA A 20 -6.94 4.51 -6.17
C ALA A 20 -7.02 3.08 -6.66
N VAL A 21 -6.04 2.72 -7.49
CA VAL A 21 -5.95 1.38 -8.05
C VAL A 21 -4.50 1.02 -8.35
N ASN A 22 -3.64 2.05 -8.44
CA ASN A 22 -2.20 1.86 -8.72
C ASN A 22 -1.57 3.18 -9.14
N HIS A 23 -2.32 3.97 -9.91
CA HIS A 23 -1.81 5.24 -10.40
C HIS A 23 -2.92 6.04 -11.08
N TYR A 24 -4.15 5.89 -10.59
CA TYR A 24 -5.28 6.60 -11.18
C TYR A 24 -4.96 8.09 -11.31
N LEU A 25 -3.90 8.52 -10.64
CA LEU A 25 -3.49 9.92 -10.70
C LEU A 25 -4.66 10.84 -10.37
N GLY A 1 4.88 -8.45 18.19
CA GLY A 1 5.55 -7.29 17.62
C GLY A 1 4.57 -6.16 17.32
N TRP A 2 3.70 -6.39 16.36
CA TRP A 2 2.70 -5.39 15.97
C TRP A 2 1.52 -6.05 15.28
N GLY A 3 1.61 -6.22 13.97
CA GLY A 3 0.54 -6.83 13.21
C GLY A 3 0.79 -6.78 11.71
N SER A 4 2.00 -6.35 11.34
CA SER A 4 2.35 -6.26 9.93
C SER A 4 3.86 -6.10 9.76
N ILE A 5 4.47 -7.04 9.05
CA ILE A 5 5.92 -7.00 8.81
C ILE A 5 6.25 -5.94 7.75
N PHE A 6 5.43 -5.88 6.71
CA PHE A 6 5.64 -4.91 5.64
C PHE A 6 4.35 -4.75 4.82
N LYS A 7 3.27 -5.37 5.30
CA LYS A 7 1.99 -5.28 4.60
C LYS A 7 1.57 -3.82 4.43
N HIS A 8 1.13 -3.21 5.53
CA HIS A 8 0.71 -1.81 5.50
C HIS A 8 1.92 -0.88 5.53
N GLY A 9 2.94 -1.22 4.75
CA GLY A 9 4.14 -0.41 4.70
C GLY A 9 4.99 -0.73 3.49
N ARG A 10 4.40 -1.43 2.52
CA ARG A 10 5.12 -1.79 1.31
C ARG A 10 4.14 -2.30 0.25
N HIS A 11 2.87 -2.39 0.63
CA HIS A 11 1.84 -2.85 -0.28
C HIS A 11 0.47 -2.48 0.23
N ALA A 12 -0.38 -2.13 -0.74
CA ALA A 12 -1.75 -1.70 -0.53
C ALA A 12 -1.77 -0.35 0.11
N ALA A 13 -0.72 -0.10 0.92
CA ALA A 13 -0.48 1.23 1.29
C ALA A 13 -0.21 1.73 -0.13
N LYS A 14 -0.37 0.68 -1.02
CA LYS A 14 -0.25 0.81 -2.47
C LYS A 14 -1.56 0.51 -3.18
N HIS A 15 -1.48 0.38 -4.51
CA HIS A 15 -2.62 0.05 -5.37
C HIS A 15 -3.90 0.66 -4.84
N ILE A 16 -3.75 1.67 -4.00
CA ILE A 16 -4.87 2.36 -3.41
C ILE A 16 -4.37 3.34 -2.42
N GLY A 17 -3.50 2.86 -1.62
CA GLY A 17 -2.84 3.70 -0.68
C GLY A 17 -1.90 4.56 -1.48
N HIS A 18 -1.69 4.13 -2.75
CA HIS A 18 -0.82 4.89 -3.66
C HIS A 18 -1.67 5.84 -4.50
N ALA A 19 -2.79 5.34 -5.04
CA ALA A 19 -3.67 6.17 -5.87
C ALA A 19 -4.68 5.29 -6.63
N ALA A 20 -4.78 4.03 -6.24
CA ALA A 20 -5.68 3.11 -6.91
C ALA A 20 -5.33 3.05 -8.39
N VAL A 21 -4.18 3.65 -8.72
CA VAL A 21 -3.69 3.70 -10.09
C VAL A 21 -2.17 3.68 -10.07
N ASN A 22 -1.61 3.81 -8.85
CA ASN A 22 -0.15 3.82 -8.59
C ASN A 22 0.33 5.26 -8.40
N HIS A 23 -0.25 6.18 -9.15
CA HIS A 23 0.12 7.58 -9.07
C HIS A 23 -0.89 8.46 -9.79
N TYR A 24 -0.51 8.95 -10.97
CA TYR A 24 -1.39 9.81 -11.76
C TYR A 24 -1.66 11.14 -11.06
N LEU A 25 -1.19 11.26 -9.82
CA LEU A 25 -1.38 12.49 -9.05
C LEU A 25 -0.61 12.43 -7.73
N GLY A 1 4.47 -7.81 19.22
CA GLY A 1 3.96 -8.81 18.30
C GLY A 1 3.11 -8.19 17.21
N TRP A 2 3.71 -7.32 16.42
CA TRP A 2 2.99 -6.67 15.32
C TRP A 2 2.67 -7.67 14.23
N GLY A 3 1.38 -7.74 13.88
CA GLY A 3 0.95 -8.65 12.83
C GLY A 3 1.41 -8.21 11.46
N SER A 4 1.71 -6.91 11.33
CA SER A 4 2.17 -6.35 10.06
C SER A 4 3.69 -6.24 10.05
N ILE A 5 4.35 -7.27 9.53
CA ILE A 5 5.81 -7.28 9.45
C ILE A 5 6.28 -6.22 8.46
N PHE A 6 5.55 -6.05 7.38
CA PHE A 6 5.90 -5.07 6.36
C PHE A 6 4.72 -4.84 5.41
N LYS A 7 3.62 -5.53 5.68
CA LYS A 7 2.43 -5.39 4.84
C LYS A 7 2.02 -3.92 4.73
N HIS A 8 1.66 -3.33 5.87
CA HIS A 8 1.25 -1.93 5.91
C HIS A 8 2.47 -1.01 5.81
N GLY A 9 3.13 -1.06 4.66
CA GLY A 9 4.32 -0.23 4.45
C GLY A 9 4.87 -0.39 3.05
N ARG A 10 4.41 -1.43 2.35
CA ARG A 10 4.87 -1.70 0.98
C ARG A 10 3.70 -2.16 0.12
N HIS A 11 2.50 -2.11 0.68
CA HIS A 11 1.31 -2.53 -0.05
C HIS A 11 0.09 -1.86 0.51
N ALA A 12 -0.83 -1.59 -0.42
CA ALA A 12 -2.10 -0.91 -0.17
C ALA A 12 -1.86 0.54 0.14
N ALA A 13 -0.68 0.77 0.76
CA ALA A 13 -0.22 2.11 0.80
C ALA A 13 -0.09 2.25 -0.71
N LYS A 14 -0.51 1.07 -1.33
CA LYS A 14 -0.58 0.88 -2.78
C LYS A 14 -2.00 0.64 -3.25
N HIS A 15 -2.12 0.21 -4.51
CA HIS A 15 -3.41 -0.12 -5.13
C HIS A 15 -4.53 0.77 -4.61
N ILE A 16 -4.14 1.93 -4.08
CA ILE A 16 -5.07 2.87 -3.54
C ILE A 16 -4.33 3.95 -2.84
N GLY A 17 -3.41 3.50 -2.07
CA GLY A 17 -2.53 4.39 -1.39
C GLY A 17 -1.57 4.89 -2.43
N HIS A 18 -1.60 4.20 -3.60
CA HIS A 18 -0.75 4.61 -4.72
C HIS A 18 -1.55 5.61 -5.55
N ALA A 19 -2.86 5.45 -5.54
CA ALA A 19 -3.73 6.36 -6.30
C ALA A 19 -5.20 6.12 -5.95
N ALA A 20 -5.68 4.96 -6.34
CA ALA A 20 -7.06 4.57 -6.08
C ALA A 20 -7.23 3.11 -6.47
N VAL A 21 -6.31 2.64 -7.31
CA VAL A 21 -6.33 1.26 -7.78
C VAL A 21 -4.91 0.80 -8.14
N ASN A 22 -4.00 1.77 -8.34
CA ASN A 22 -2.60 1.48 -8.69
C ASN A 22 -1.91 2.75 -9.21
N HIS A 23 -2.64 3.55 -9.97
CA HIS A 23 -2.08 4.78 -10.53
C HIS A 23 -3.18 5.64 -11.15
N TYR A 24 -4.40 5.48 -10.66
CA TYR A 24 -5.53 6.24 -11.18
C TYR A 24 -5.19 7.72 -11.27
N LEU A 25 -4.11 8.12 -10.58
CA LEU A 25 -3.69 9.52 -10.60
C LEU A 25 -3.45 9.99 -12.03
N GLY A 1 8.94 -11.23 16.23
CA GLY A 1 7.56 -11.51 15.86
C GLY A 1 6.88 -10.30 15.25
N TRP A 2 7.31 -9.94 14.04
CA TRP A 2 6.73 -8.79 13.34
C TRP A 2 5.34 -9.14 12.80
N GLY A 3 5.27 -10.22 12.02
CA GLY A 3 4.01 -10.63 11.45
C GLY A 3 3.52 -9.68 10.37
N SER A 4 4.48 -9.08 9.66
CA SER A 4 4.13 -8.13 8.60
C SER A 4 5.34 -7.87 7.71
N ILE A 5 5.42 -8.58 6.59
CA ILE A 5 6.53 -8.41 5.65
C ILE A 5 6.36 -7.14 4.84
N PHE A 6 5.10 -6.76 4.61
CA PHE A 6 4.80 -5.55 3.83
C PHE A 6 3.40 -5.04 4.16
N LYS A 7 2.82 -5.58 5.23
CA LYS A 7 1.47 -5.17 5.64
C LYS A 7 1.54 -3.84 6.38
N HIS A 8 2.68 -3.56 7.01
CA HIS A 8 2.86 -2.32 7.76
C HIS A 8 3.15 -1.16 6.80
N GLY A 9 2.11 -0.67 6.15
CA GLY A 9 2.27 0.44 5.23
C GLY A 9 3.36 0.18 4.20
N ARG A 10 3.02 -0.54 3.14
CA ARG A 10 3.98 -0.84 2.09
C ARG A 10 3.26 -1.45 0.89
N HIS A 11 1.96 -1.67 1.04
CA HIS A 11 1.15 -2.24 -0.02
C HIS A 11 -0.30 -1.88 0.16
N ALA A 12 -0.93 -1.61 -0.98
CA ALA A 12 -2.33 -1.19 -1.07
C ALA A 12 -2.46 0.22 -0.57
N ALA A 13 -1.59 0.54 0.40
CA ALA A 13 -1.42 1.91 0.69
C ALA A 13 -0.89 2.28 -0.70
N LYS A 14 -0.87 1.15 -1.51
CA LYS A 14 -0.48 1.16 -2.92
C LYS A 14 -1.65 0.80 -3.82
N HIS A 15 -1.32 0.58 -5.10
CA HIS A 15 -2.29 0.18 -6.13
C HIS A 15 -3.65 0.80 -5.91
N ILE A 16 -3.67 1.85 -5.11
CA ILE A 16 -4.89 2.55 -4.80
C ILE A 16 -4.60 3.62 -3.80
N GLY A 17 -3.86 3.22 -2.85
CA GLY A 17 -3.38 4.16 -1.87
C GLY A 17 -2.31 4.95 -2.56
N HIS A 18 -1.87 4.41 -3.72
CA HIS A 18 -0.86 5.07 -4.54
C HIS A 18 -1.56 5.99 -5.54
N ALA A 19 -2.58 5.47 -6.24
CA ALA A 19 -3.32 6.26 -7.23
C ALA A 19 -4.23 5.36 -8.06
N ALA A 20 -4.36 4.11 -7.65
CA ALA A 20 -5.18 3.16 -8.40
C ALA A 20 -4.61 3.05 -9.81
N VAL A 21 -3.43 3.64 -9.97
CA VAL A 21 -2.71 3.64 -11.25
C VAL A 21 -1.21 3.52 -10.97
N ASN A 22 -0.86 3.60 -9.69
CA ASN A 22 0.53 3.50 -9.19
C ASN A 22 1.13 4.88 -8.97
N HIS A 23 0.77 5.82 -9.83
CA HIS A 23 1.28 7.19 -9.76
C HIS A 23 2.67 7.26 -10.38
N TYR A 24 3.08 6.16 -11.00
CA TYR A 24 4.39 6.09 -11.64
C TYR A 24 4.38 6.82 -12.98
N LEU A 25 3.50 7.82 -13.10
CA LEU A 25 3.40 8.60 -14.32
C LEU A 25 4.68 9.41 -14.54
N GLY A 1 -3.38 -3.10 14.52
CA GLY A 1 -2.96 -2.39 13.32
C GLY A 1 -1.56 -1.82 13.47
N TRP A 2 -0.66 -2.62 14.04
CA TRP A 2 0.71 -2.17 14.24
C TRP A 2 1.43 -2.07 12.90
N GLY A 3 2.74 -1.83 12.95
CA GLY A 3 3.54 -1.71 11.73
C GLY A 3 3.62 -3.02 10.98
N SER A 4 3.40 -4.13 11.69
CA SER A 4 3.46 -5.44 11.08
C SER A 4 4.79 -5.65 10.36
N ILE A 5 4.88 -6.73 9.58
CA ILE A 5 6.10 -7.03 8.85
C ILE A 5 6.21 -6.16 7.60
N PHE A 6 6.16 -4.85 7.79
CA PHE A 6 6.26 -3.90 6.68
C PHE A 6 5.13 -4.12 5.69
N LYS A 7 4.09 -4.83 6.13
CA LYS A 7 2.94 -5.11 5.27
C LYS A 7 2.15 -3.83 5.01
N HIS A 8 1.59 -3.28 6.09
CA HIS A 8 0.81 -2.05 5.99
C HIS A 8 1.73 -0.84 5.88
N GLY A 9 2.65 -0.88 4.94
CA GLY A 9 3.59 0.22 4.75
C GLY A 9 4.29 0.15 3.41
N ARG A 10 4.24 -1.03 2.78
CA ARG A 10 4.88 -1.24 1.47
C ARG A 10 3.87 -1.77 0.47
N HIS A 11 2.62 -1.90 0.93
CA HIS A 11 1.54 -2.38 0.07
C HIS A 11 0.22 -1.84 0.52
N ALA A 12 -0.62 -1.57 -0.48
CA ALA A 12 -1.95 -1.00 -0.32
C ALA A 12 -1.83 0.45 0.08
N ALA A 13 -0.73 0.72 0.82
CA ALA A 13 -0.37 2.08 0.96
C ALA A 13 -0.12 2.31 -0.54
N LYS A 14 -0.40 1.14 -1.24
CA LYS A 14 -0.33 1.03 -2.70
C LYS A 14 -1.70 0.73 -3.30
N HIS A 15 -1.68 0.39 -4.60
CA HIS A 15 -2.89 0.03 -5.34
C HIS A 15 -4.10 0.81 -4.88
N ILE A 16 -3.84 1.93 -4.21
CA ILE A 16 -4.87 2.78 -3.71
C ILE A 16 -4.27 3.88 -2.90
N GLY A 17 -3.38 3.46 -2.09
CA GLY A 17 -2.60 4.40 -1.33
C GLY A 17 -1.64 5.01 -2.31
N HIS A 18 -1.53 4.34 -3.48
CA HIS A 18 -0.67 4.83 -4.56
C HIS A 18 -1.46 5.76 -5.49
N ALA A 19 -2.69 5.37 -5.84
CA ALA A 19 -3.49 6.22 -6.75
C ALA A 19 -4.93 5.71 -6.88
N ALA A 20 -5.54 5.33 -5.78
CA ALA A 20 -6.91 4.84 -5.83
C ALA A 20 -6.97 3.47 -6.53
N VAL A 21 -5.94 3.16 -7.34
CA VAL A 21 -5.91 1.88 -8.05
C VAL A 21 -4.47 1.41 -8.23
N ASN A 22 -3.55 2.37 -8.36
CA ASN A 22 -2.12 2.10 -8.55
C ASN A 22 -1.49 3.29 -9.30
N HIS A 23 -2.19 3.76 -10.32
CA HIS A 23 -1.72 4.90 -11.11
C HIS A 23 -2.82 5.40 -12.04
N TYR A 24 -2.54 6.49 -12.73
CA TYR A 24 -3.53 7.07 -13.65
C TYR A 24 -4.83 7.37 -12.92
N LEU A 25 -4.80 7.29 -11.60
CA LEU A 25 -5.98 7.56 -10.79
C LEU A 25 -7.10 6.60 -11.16
N GLY A 1 -2.44 -6.30 13.98
CA GLY A 1 -2.08 -6.67 15.33
C GLY A 1 -0.90 -7.61 15.35
N TRP A 2 -0.69 -8.32 14.25
CA TRP A 2 0.42 -9.26 14.15
C TRP A 2 1.76 -8.52 14.11
N GLY A 3 2.03 -7.89 12.97
CA GLY A 3 3.28 -7.14 12.81
C GLY A 3 3.50 -6.74 11.37
N SER A 4 2.57 -7.11 10.50
CA SER A 4 2.68 -6.78 9.08
C SER A 4 4.01 -7.25 8.52
N ILE A 5 3.97 -8.31 7.72
CA ILE A 5 5.18 -8.86 7.12
C ILE A 5 5.70 -7.93 6.03
N PHE A 6 4.77 -7.30 5.31
CA PHE A 6 5.15 -6.38 4.23
C PHE A 6 3.96 -5.51 3.83
N LYS A 7 2.80 -5.79 4.41
CA LYS A 7 1.59 -5.03 4.11
C LYS A 7 1.82 -3.55 4.37
N HIS A 8 1.64 -3.14 5.63
CA HIS A 8 1.82 -1.74 6.01
C HIS A 8 3.31 -1.39 6.05
N GLY A 9 3.86 -1.03 4.90
CA GLY A 9 5.26 -0.66 4.82
C GLY A 9 5.69 -0.33 3.41
N ARG A 10 5.28 -1.17 2.46
CA ARG A 10 5.64 -0.94 1.05
C ARG A 10 4.57 -1.53 0.14
N HIS A 11 3.35 -1.63 0.64
CA HIS A 11 2.25 -2.17 -0.15
C HIS A 11 0.92 -1.77 0.41
N ALA A 12 -0.02 -1.59 -0.52
CA ALA A 12 -1.39 -1.16 -0.26
C ALA A 12 -1.41 0.27 0.15
N ALA A 13 -0.31 0.66 0.83
CA ALA A 13 -0.10 2.06 0.97
C ALA A 13 0.03 2.33 -0.53
N LYS A 14 -0.16 1.14 -1.23
CA LYS A 14 -0.16 1.05 -2.70
C LYS A 14 -1.51 0.61 -3.23
N HIS A 15 -1.53 0.29 -4.52
CA HIS A 15 -2.72 -0.21 -5.22
C HIS A 15 -3.99 0.43 -4.68
N ILE A 16 -3.83 1.55 -4.00
CA ILE A 16 -4.93 2.28 -3.43
C ILE A 16 -4.41 3.42 -2.63
N GLY A 17 -3.40 3.11 -1.91
CA GLY A 17 -2.71 4.12 -1.17
C GLY A 17 -1.87 4.86 -2.18
N HIS A 18 -1.75 4.23 -3.39
CA HIS A 18 -1.01 4.83 -4.49
C HIS A 18 -1.96 5.64 -5.37
N ALA A 19 -3.14 5.08 -5.67
CA ALA A 19 -4.13 5.77 -6.51
C ALA A 19 -5.19 4.79 -6.99
N ALA A 20 -5.20 3.59 -6.42
CA ALA A 20 -6.18 2.58 -6.83
C ALA A 20 -6.01 2.30 -8.31
N VAL A 21 -4.93 2.85 -8.87
CA VAL A 21 -4.61 2.70 -10.28
C VAL A 21 -3.09 2.69 -10.46
N ASN A 22 -2.39 3.01 -9.35
CA ASN A 22 -0.92 3.08 -9.30
C ASN A 22 -0.45 4.53 -9.41
N HIS A 23 -1.18 5.30 -10.21
CA HIS A 23 -0.85 6.72 -10.42
C HIS A 23 -2.12 7.54 -10.60
N TYR A 24 -2.34 8.50 -9.71
CA TYR A 24 -3.51 9.36 -9.79
C TYR A 24 -3.49 10.15 -11.10
N LEU A 25 -2.41 10.00 -11.84
CA LEU A 25 -2.26 10.70 -13.12
C LEU A 25 -2.49 12.21 -12.92
N GLY A 1 3.19 -11.60 18.23
CA GLY A 1 2.58 -10.49 17.51
C GLY A 1 3.00 -10.47 16.06
N TRP A 2 3.83 -11.44 15.67
CA TRP A 2 4.30 -11.52 14.30
C TRP A 2 4.88 -10.18 13.84
N GLY A 3 4.84 -9.94 12.54
CA GLY A 3 5.37 -8.70 11.99
C GLY A 3 5.16 -8.62 10.49
N SER A 4 4.57 -9.67 9.92
CA SER A 4 4.32 -9.70 8.48
C SER A 4 5.62 -9.50 7.71
N ILE A 5 5.60 -9.81 6.42
CA ILE A 5 6.78 -9.66 5.58
C ILE A 5 7.00 -8.18 5.24
N PHE A 6 5.91 -7.49 4.92
CA PHE A 6 5.99 -6.08 4.57
C PHE A 6 4.60 -5.44 4.59
N LYS A 7 3.57 -6.28 4.68
CA LYS A 7 2.20 -5.79 4.71
C LYS A 7 1.97 -4.91 5.93
N HIS A 8 2.95 -4.89 6.83
CA HIS A 8 2.84 -4.08 8.04
C HIS A 8 2.71 -2.60 7.70
N GLY A 9 2.76 -2.30 6.41
CA GLY A 9 2.64 -0.92 5.95
C GLY A 9 3.51 -0.65 4.73
N ARG A 10 3.25 -1.38 3.65
CA ARG A 10 4.01 -1.20 2.41
C ARG A 10 3.26 -1.80 1.23
N HIS A 11 1.94 -1.74 1.29
CA HIS A 11 1.11 -2.27 0.21
C HIS A 11 -0.32 -1.86 0.38
N ALA A 12 -0.94 -1.65 -0.78
CA ALA A 12 -2.33 -1.19 -0.91
C ALA A 12 -2.44 0.24 -0.47
N ALA A 13 -1.58 0.58 0.51
CA ALA A 13 -1.40 1.96 0.74
C ALA A 13 -0.84 2.28 -0.65
N LYS A 14 -0.83 1.11 -1.41
CA LYS A 14 -0.42 1.05 -2.81
C LYS A 14 -1.58 0.66 -3.72
N HIS A 15 -1.23 0.38 -4.98
CA HIS A 15 -2.19 -0.07 -6.00
C HIS A 15 -3.54 0.59 -5.84
N ILE A 16 -3.56 1.69 -5.09
CA ILE A 16 -4.76 2.42 -4.83
C ILE A 16 -4.48 3.52 -3.87
N GLY A 17 -3.75 3.17 -2.89
CA GLY A 17 -3.28 4.13 -1.95
C GLY A 17 -2.18 4.87 -2.66
N HIS A 18 -1.73 4.29 -3.79
CA HIS A 18 -0.69 4.90 -4.62
C HIS A 18 -1.35 5.78 -5.68
N ALA A 19 -2.37 5.23 -6.37
CA ALA A 19 -3.08 5.99 -7.42
C ALA A 19 -3.98 5.05 -8.21
N ALA A 20 -4.15 3.82 -7.74
CA ALA A 20 -4.96 2.85 -8.45
C ALA A 20 -4.35 2.65 -9.84
N VAL A 21 -3.16 3.21 -10.02
CA VAL A 21 -2.42 3.12 -11.27
C VAL A 21 -0.93 3.02 -10.98
N ASN A 22 -0.58 3.23 -9.70
CA ASN A 22 0.81 3.17 -9.20
C ASN A 22 1.39 4.58 -9.07
N HIS A 23 1.01 5.45 -9.99
CA HIS A 23 1.49 6.84 -10.02
C HIS A 23 2.87 6.91 -10.70
N TYR A 24 3.02 6.22 -11.81
CA TYR A 24 4.28 6.22 -12.54
C TYR A 24 4.58 7.60 -13.11
N LEU A 25 3.53 8.34 -13.45
CA LEU A 25 3.70 9.68 -14.00
C LEU A 25 4.43 10.58 -13.01
N GLY A 1 6.58 10.56 11.56
CA GLY A 1 6.59 9.36 12.39
C GLY A 1 6.97 8.14 11.59
N TRP A 2 8.25 8.04 11.23
CA TRP A 2 8.74 6.89 10.47
C TRP A 2 7.88 6.68 9.23
N GLY A 3 8.01 5.51 8.62
CA GLY A 3 7.24 5.19 7.43
C GLY A 3 7.37 3.73 7.05
N SER A 4 8.00 2.94 7.93
CA SER A 4 8.19 1.52 7.68
C SER A 4 8.95 1.31 6.37
N ILE A 5 8.56 0.28 5.62
CA ILE A 5 9.20 -0.03 4.34
C ILE A 5 8.28 -0.88 3.49
N PHE A 6 7.56 -1.80 4.13
CA PHE A 6 6.62 -2.67 3.43
C PHE A 6 5.30 -1.94 3.20
N LYS A 7 5.35 -0.88 2.39
CA LYS A 7 4.16 -0.09 2.08
C LYS A 7 3.34 0.20 3.34
N HIS A 8 4.01 0.26 4.49
CA HIS A 8 3.33 0.54 5.75
C HIS A 8 2.11 -0.37 5.93
N GLY A 9 2.03 -1.39 5.09
CA GLY A 9 0.93 -2.34 5.14
C GLY A 9 1.15 -3.48 4.17
N ARG A 10 2.06 -3.25 3.23
CA ARG A 10 2.41 -4.24 2.22
C ARG A 10 1.24 -4.52 1.28
N HIS A 11 1.28 -3.84 0.14
CA HIS A 11 0.25 -4.00 -0.88
C HIS A 11 -1.07 -3.43 -0.42
N ALA A 12 -1.71 -2.80 -1.40
CA ALA A 12 -3.00 -2.13 -1.27
C ALA A 12 -2.90 -0.92 -0.39
N ALA A 13 -2.00 -1.04 0.62
CA ALA A 13 -1.62 0.15 1.28
C ALA A 13 -1.01 0.80 0.05
N LYS A 14 -1.15 -0.05 -1.06
CA LYS A 14 -0.73 0.30 -2.41
C LYS A 14 -1.91 0.41 -3.35
N HIS A 15 -1.60 0.49 -4.65
CA HIS A 15 -2.59 0.57 -5.73
C HIS A 15 -3.83 1.34 -5.30
N ILE A 16 -3.68 2.13 -4.25
CA ILE A 16 -4.75 2.92 -3.73
C ILE A 16 -4.30 3.60 -2.49
N GLY A 17 -3.69 2.82 -1.68
CA GLY A 17 -3.09 3.33 -0.50
C GLY A 17 -1.87 4.09 -0.95
N HIS A 18 -1.50 3.83 -2.23
CA HIS A 18 -0.36 4.51 -2.85
C HIS A 18 -0.85 5.78 -3.54
N ALA A 19 -1.93 5.65 -4.34
CA ALA A 19 -2.49 6.79 -5.07
C ALA A 19 -3.45 6.31 -6.14
N ALA A 20 -3.84 5.04 -6.07
CA ALA A 20 -4.74 4.47 -7.05
C ALA A 20 -4.11 4.55 -8.43
N VAL A 21 -2.84 4.96 -8.46
CA VAL A 21 -2.08 5.10 -9.70
C VAL A 21 -0.63 4.70 -9.46
N ASN A 22 -0.31 4.49 -8.17
CA ASN A 22 1.03 4.10 -7.70
C ASN A 22 1.73 5.29 -7.05
N HIS A 23 1.50 6.47 -7.60
CA HIS A 23 2.11 7.68 -7.05
C HIS A 23 1.51 8.92 -7.74
N TYR A 24 2.35 9.68 -8.43
CA TYR A 24 1.88 10.88 -9.12
C TYR A 24 1.08 11.77 -8.17
N LEU A 25 1.17 11.47 -6.87
CA LEU A 25 0.45 12.25 -5.87
C LEU A 25 0.90 11.86 -4.47
N GLY A 1 -4.04 -3.31 13.79
CA GLY A 1 -3.27 -2.61 14.79
C GLY A 1 -1.86 -3.17 14.93
N TRP A 2 -1.71 -4.44 14.55
CA TRP A 2 -0.40 -5.10 14.63
C TRP A 2 0.54 -4.53 13.57
N GLY A 3 -0.03 -4.01 12.50
CA GLY A 3 0.77 -3.44 11.42
C GLY A 3 1.51 -4.51 10.65
N SER A 4 1.26 -5.77 10.99
CA SER A 4 1.92 -6.88 10.31
C SER A 4 3.44 -6.69 10.34
N ILE A 5 4.14 -7.62 9.69
CA ILE A 5 5.61 -7.55 9.64
C ILE A 5 6.06 -6.44 8.68
N PHE A 6 5.43 -6.39 7.52
CA PHE A 6 5.76 -5.37 6.52
C PHE A 6 4.61 -5.20 5.53
N LYS A 7 3.68 -6.15 5.56
CA LYS A 7 2.52 -6.10 4.66
C LYS A 7 1.85 -4.72 4.71
N HIS A 8 1.36 -4.37 5.90
CA HIS A 8 0.70 -3.08 6.09
C HIS A 8 1.74 -1.97 6.21
N GLY A 9 2.52 -1.77 5.16
CA GLY A 9 3.54 -0.74 5.16
C GLY A 9 4.23 -0.63 3.81
N ARG A 10 4.02 -1.62 2.96
CA ARG A 10 4.63 -1.64 1.62
C ARG A 10 3.60 -2.10 0.60
N HIS A 11 2.34 -2.11 0.99
CA HIS A 11 1.25 -2.51 0.09
C HIS A 11 -0.05 -1.92 0.54
N ALA A 12 -0.85 -1.60 -0.48
CA ALA A 12 -2.16 -0.97 -0.34
C ALA A 12 -2.00 0.46 0.08
N ALA A 13 -0.91 0.69 0.85
CA ALA A 13 -0.51 2.02 1.01
C ALA A 13 -0.21 2.27 -0.47
N LYS A 14 -0.52 1.11 -1.20
CA LYS A 14 -0.41 1.01 -2.64
C LYS A 14 -1.76 0.77 -3.29
N HIS A 15 -1.72 0.45 -4.59
CA HIS A 15 -2.91 0.14 -5.38
C HIS A 15 -4.11 0.97 -4.95
N ILE A 16 -3.83 2.06 -4.25
CA ILE A 16 -4.85 2.94 -3.77
C ILE A 16 -4.24 4.00 -2.91
N GLY A 17 -3.34 3.55 -2.12
CA GLY A 17 -2.57 4.44 -1.32
C GLY A 17 -1.55 5.03 -2.25
N HIS A 18 -1.43 4.39 -3.44
CA HIS A 18 -0.50 4.87 -4.47
C HIS A 18 -1.25 5.81 -5.43
N ALA A 19 -2.46 5.41 -5.85
CA ALA A 19 -3.26 6.23 -6.77
C ALA A 19 -4.42 5.42 -7.35
N ALA A 20 -4.67 4.26 -6.77
CA ALA A 20 -5.74 3.40 -7.26
C ALA A 20 -5.49 3.06 -8.72
N VAL A 21 -4.29 3.43 -9.18
CA VAL A 21 -3.87 3.20 -10.56
C VAL A 21 -2.37 2.96 -10.59
N ASN A 22 -1.72 3.20 -9.43
CA ASN A 22 -0.27 3.04 -9.24
C ASN A 22 0.42 4.41 -9.31
N HIS A 23 -0.10 5.26 -10.18
CA HIS A 23 0.44 6.61 -10.36
C HIS A 23 -0.65 7.57 -10.81
N TYR A 24 -0.87 8.61 -10.01
CA TYR A 24 -1.88 9.60 -10.34
C TYR A 24 -1.43 10.42 -11.54
N LEU A 25 -0.30 10.03 -12.13
CA LEU A 25 0.23 10.73 -13.28
C LEU A 25 0.36 12.23 -12.99
N GLY A 1 -5.72 -4.88 15.58
CA GLY A 1 -5.24 -6.21 15.87
C GLY A 1 -4.08 -6.61 14.97
N TRP A 2 -3.72 -7.89 15.01
CA TRP A 2 -2.63 -8.38 14.17
C TRP A 2 -1.39 -7.51 14.34
N GLY A 3 -0.61 -7.38 13.26
CA GLY A 3 0.59 -6.57 13.30
C GLY A 3 1.36 -6.64 12.00
N SER A 4 0.89 -7.49 11.09
CA SER A 4 1.55 -7.65 9.80
C SER A 4 3.04 -7.90 9.97
N ILE A 5 3.78 -7.77 8.88
CA ILE A 5 5.24 -7.99 8.90
C ILE A 5 5.91 -7.01 7.93
N PHE A 6 5.18 -6.64 6.88
CA PHE A 6 5.70 -5.72 5.89
C PHE A 6 4.57 -5.25 4.98
N LYS A 7 3.51 -6.05 4.91
CA LYS A 7 2.35 -5.72 4.08
C LYS A 7 1.92 -4.27 4.32
N HIS A 8 1.39 -4.00 5.51
CA HIS A 8 0.95 -2.66 5.87
C HIS A 8 2.14 -1.78 6.21
N GLY A 9 3.01 -1.54 5.22
CA GLY A 9 4.18 -0.72 5.44
C GLY A 9 4.84 -0.31 4.13
N ARG A 10 4.61 -1.10 3.08
CA ARG A 10 5.19 -0.79 1.77
C ARG A 10 4.30 -1.34 0.65
N HIS A 11 3.09 -1.78 1.01
CA HIS A 11 2.16 -2.31 0.03
C HIS A 11 0.74 -2.04 0.44
N ALA A 12 -0.08 -1.77 -0.59
CA ALA A 12 -1.50 -1.44 -0.45
C ALA A 12 -1.65 -0.08 0.15
N ALA A 13 -0.64 0.26 0.99
CA ALA A 13 -0.52 1.63 1.32
C ALA A 13 -0.25 2.09 -0.11
N LYS A 14 -0.30 0.99 -0.97
CA LYS A 14 -0.15 1.07 -2.42
C LYS A 14 -1.42 0.62 -3.12
N HIS A 15 -1.29 0.29 -4.42
CA HIS A 15 -2.41 -0.20 -5.24
C HIS A 15 -3.74 0.39 -4.82
N ILE A 16 -3.67 1.52 -4.10
CA ILE A 16 -4.84 2.20 -3.61
C ILE A 16 -4.41 3.31 -2.72
N GLY A 17 -3.57 2.95 -1.85
CA GLY A 17 -2.98 3.92 -0.96
C GLY A 17 -2.07 4.75 -1.81
N HIS A 18 -1.80 4.25 -3.03
CA HIS A 18 -0.96 4.95 -4.00
C HIS A 18 -1.85 5.77 -4.93
N ALA A 19 -2.93 5.16 -5.42
CA ALA A 19 -3.87 5.83 -6.33
C ALA A 19 -4.72 4.80 -7.06
N ALA A 20 -4.69 3.56 -6.59
CA ALA A 20 -5.46 2.49 -7.23
C ALA A 20 -5.00 2.34 -8.68
N VAL A 21 -3.93 3.05 -9.01
CA VAL A 21 -3.36 3.03 -10.37
C VAL A 21 -1.84 3.11 -10.28
N ASN A 22 -1.35 3.40 -9.06
CA ASN A 22 0.09 3.54 -8.75
C ASN A 22 0.45 5.00 -8.54
N HIS A 23 -0.18 5.88 -9.33
CA HIS A 23 0.08 7.31 -9.22
C HIS A 23 -0.88 8.10 -10.11
N TYR A 24 -1.92 8.65 -9.49
CA TYR A 24 -2.91 9.42 -10.23
C TYR A 24 -3.79 10.23 -9.27
N LEU A 25 -3.46 10.15 -7.98
CA LEU A 25 -4.22 10.87 -6.96
C LEU A 25 -5.71 10.57 -7.10
N GLY A 1 -1.73 -6.88 16.91
CA GLY A 1 -2.60 -6.55 15.79
C GLY A 1 -2.51 -7.60 14.69
N TRP A 2 -2.34 -7.14 13.45
CA TRP A 2 -2.24 -8.05 12.31
C TRP A 2 -0.88 -8.73 12.28
N GLY A 3 -0.86 -9.99 11.89
CA GLY A 3 0.38 -10.74 11.82
C GLY A 3 1.27 -10.25 10.69
N SER A 4 0.79 -9.24 9.97
CA SER A 4 1.56 -8.68 8.85
C SER A 4 2.91 -8.18 9.33
N ILE A 5 3.68 -7.61 8.41
CA ILE A 5 5.01 -7.08 8.73
C ILE A 5 5.30 -5.85 7.87
N PHE A 6 5.56 -6.08 6.58
CA PHE A 6 5.84 -5.00 5.65
C PHE A 6 4.56 -4.51 4.99
N LYS A 7 3.64 -5.45 4.74
CA LYS A 7 2.37 -5.12 4.12
C LYS A 7 1.67 -4.00 4.90
N HIS A 8 1.87 -4.00 6.21
CA HIS A 8 1.24 -2.98 7.06
C HIS A 8 1.97 -1.64 6.92
N GLY A 9 2.75 -1.50 5.85
CA GLY A 9 3.49 -0.28 5.62
C GLY A 9 4.25 -0.32 4.31
N ARG A 10 3.78 -1.14 3.37
CA ARG A 10 4.44 -1.26 2.07
C ARG A 10 3.47 -1.85 1.04
N HIS A 11 2.17 -1.75 1.34
CA HIS A 11 1.16 -2.28 0.43
C HIS A 11 -0.19 -1.72 0.76
N ALA A 12 -0.96 -1.49 -0.30
CA ALA A 12 -2.31 -0.92 -0.26
C ALA A 12 -2.22 0.53 0.11
N ALA A 13 -1.19 0.83 0.91
CA ALA A 13 -0.84 2.20 1.04
C ALA A 13 -0.47 2.39 -0.44
N LYS A 14 -0.69 1.19 -1.12
CA LYS A 14 -0.50 1.03 -2.57
C LYS A 14 -1.81 0.73 -3.28
N HIS A 15 -1.68 0.36 -4.56
CA HIS A 15 -2.83 -0.02 -5.41
C HIS A 15 -4.08 0.76 -5.05
N ILE A 16 -3.87 1.91 -4.41
CA ILE A 16 -4.95 2.76 -4.01
C ILE A 16 -4.41 3.86 -3.17
N GLY A 17 -3.61 3.46 -2.27
CA GLY A 17 -2.92 4.41 -1.46
C GLY A 17 -1.87 5.00 -2.34
N HIS A 18 -1.65 4.30 -3.49
CA HIS A 18 -0.68 4.77 -4.49
C HIS A 18 -1.37 5.74 -5.46
N ALA A 19 -2.59 5.40 -5.91
CA ALA A 19 -3.27 6.29 -6.85
C ALA A 19 -4.73 5.91 -7.10
N ALA A 20 -5.40 5.34 -6.10
CA ALA A 20 -6.80 4.95 -6.28
C ALA A 20 -6.96 3.98 -7.45
N VAL A 21 -5.86 3.65 -8.14
CA VAL A 21 -5.91 2.74 -9.27
C VAL A 21 -4.57 1.99 -9.40
N ASN A 22 -3.51 2.63 -8.90
CA ASN A 22 -2.12 2.11 -8.93
C ASN A 22 -1.18 3.18 -9.46
N HIS A 23 -1.64 3.90 -10.49
CA HIS A 23 -0.83 4.97 -11.08
C HIS A 23 -1.71 5.90 -11.91
N TYR A 24 -2.09 7.02 -11.32
CA TYR A 24 -2.93 8.01 -12.00
C TYR A 24 -2.90 9.32 -11.24
N LEU A 25 -2.26 9.32 -10.08
CA LEU A 25 -2.15 10.51 -9.26
C LEU A 25 -1.52 11.65 -10.06
N GLY A 1 5.79 -12.27 11.83
CA GLY A 1 5.58 -11.55 13.08
C GLY A 1 4.62 -10.39 12.91
N TRP A 2 4.31 -9.71 14.02
CA TRP A 2 3.41 -8.57 13.97
C TRP A 2 2.11 -8.94 13.24
N GLY A 3 1.25 -7.96 13.05
CA GLY A 3 -0.01 -8.19 12.36
C GLY A 3 0.21 -8.62 10.92
N SER A 4 1.43 -8.43 10.43
CA SER A 4 1.76 -8.80 9.06
C SER A 4 3.28 -8.82 8.87
N ILE A 5 3.72 -9.41 7.76
CA ILE A 5 5.15 -9.50 7.48
C ILE A 5 5.69 -8.13 7.07
N PHE A 6 5.08 -7.54 6.04
CA PHE A 6 5.51 -6.22 5.56
C PHE A 6 4.39 -5.56 4.76
N LYS A 7 3.23 -6.21 4.69
CA LYS A 7 2.10 -5.69 3.95
C LYS A 7 1.68 -4.33 4.53
N HIS A 8 1.30 -4.33 5.80
CA HIS A 8 0.87 -3.10 6.46
C HIS A 8 2.06 -2.19 6.69
N GLY A 9 2.56 -1.58 5.62
CA GLY A 9 3.69 -0.67 5.70
C GLY A 9 4.32 -0.43 4.35
N ARG A 10 4.11 -1.38 3.43
CA ARG A 10 4.65 -1.28 2.08
C ARG A 10 3.64 -1.78 1.06
N HIS A 11 2.38 -1.86 1.49
CA HIS A 11 1.32 -2.33 0.60
C HIS A 11 0.00 -1.74 1.01
N ALA A 12 -0.80 -1.49 -0.03
CA ALA A 12 -2.12 -0.86 0.06
C ALA A 12 -1.95 0.59 0.39
N ALA A 13 -0.85 0.85 1.14
CA ALA A 13 -0.44 2.20 1.21
C ALA A 13 -0.15 2.35 -0.28
N LYS A 14 -0.50 1.17 -0.94
CA LYS A 14 -0.40 0.98 -2.38
C LYS A 14 -1.74 0.68 -3.01
N HIS A 15 -1.70 0.25 -4.28
CA HIS A 15 -2.90 -0.13 -5.05
C HIS A 15 -4.10 0.68 -4.63
N ILE A 16 -3.84 1.88 -4.11
CA ILE A 16 -4.86 2.78 -3.65
C ILE A 16 -4.24 3.87 -2.85
N GLY A 17 -3.25 3.51 -2.15
CA GLY A 17 -2.47 4.47 -1.45
C GLY A 17 -1.51 5.01 -2.48
N HIS A 18 -1.44 4.27 -3.62
CA HIS A 18 -0.59 4.68 -4.74
C HIS A 18 -1.36 5.60 -5.68
N ALA A 19 -2.65 5.28 -5.94
CA ALA A 19 -3.44 6.11 -6.88
C ALA A 19 -4.90 6.24 -6.47
N ALA A 20 -5.20 6.05 -5.19
CA ALA A 20 -6.58 6.18 -4.70
C ALA A 20 -7.49 5.17 -5.39
N VAL A 21 -6.94 4.39 -6.33
CA VAL A 21 -7.74 3.39 -7.06
C VAL A 21 -6.87 2.21 -7.50
N ASN A 22 -5.58 2.45 -7.70
CA ASN A 22 -4.67 1.39 -8.13
C ASN A 22 -3.27 1.94 -8.39
N HIS A 23 -3.06 2.47 -9.59
CA HIS A 23 -1.75 3.02 -9.96
C HIS A 23 -1.90 4.07 -11.06
N TYR A 24 -0.76 4.52 -11.59
CA TYR A 24 -0.77 5.53 -12.65
C TYR A 24 -1.52 6.78 -12.19
N LEU A 25 -1.66 6.93 -10.87
CA LEU A 25 -2.35 8.09 -10.32
C LEU A 25 -3.71 8.26 -10.97
N GLY A 1 -3.99 -5.38 14.71
CA GLY A 1 -3.30 -6.43 15.43
C GLY A 1 -1.82 -6.14 15.59
N TRP A 2 -0.99 -7.06 15.12
CA TRP A 2 0.46 -6.88 15.22
C TRP A 2 0.92 -5.73 14.34
N GLY A 3 0.09 -5.37 13.37
CA GLY A 3 0.42 -4.29 12.47
C GLY A 3 1.52 -4.68 11.49
N SER A 4 1.72 -5.98 11.35
CA SER A 4 2.74 -6.50 10.44
C SER A 4 4.12 -5.95 10.81
N ILE A 5 4.98 -5.81 9.82
CA ILE A 5 6.34 -5.31 10.04
C ILE A 5 6.79 -4.48 8.84
N PHE A 6 6.22 -4.76 7.67
CA PHE A 6 6.54 -4.03 6.45
C PHE A 6 5.35 -4.06 5.49
N LYS A 7 4.46 -5.02 5.69
CA LYS A 7 3.29 -5.14 4.83
C LYS A 7 2.47 -3.86 4.87
N HIS A 8 2.11 -3.43 6.07
CA HIS A 8 1.33 -2.20 6.24
C HIS A 8 2.23 -0.98 6.12
N GLY A 9 3.07 -0.96 5.10
CA GLY A 9 3.98 0.15 4.88
C GLY A 9 4.56 0.15 3.48
N ARG A 10 4.45 -0.99 2.80
CA ARG A 10 4.95 -1.14 1.43
C ARG A 10 3.86 -1.71 0.53
N HIS A 11 2.62 -1.69 1.03
CA HIS A 11 1.50 -2.19 0.26
C HIS A 11 0.21 -1.59 0.76
N ALA A 12 -0.68 -1.38 -0.21
CA ALA A 12 -2.00 -0.77 -0.01
C ALA A 12 -1.85 0.69 0.28
N ALA A 13 -0.71 1.00 0.94
CA ALA A 13 -0.34 2.36 0.97
C ALA A 13 -0.15 2.48 -0.55
N LYS A 14 -0.48 1.27 -1.15
CA LYS A 14 -0.49 1.05 -2.59
C LYS A 14 -1.88 0.74 -3.11
N HIS A 15 -1.93 0.29 -4.37
CA HIS A 15 -3.18 -0.11 -5.04
C HIS A 15 -4.36 0.73 -4.58
N ILE A 16 -4.05 1.89 -4.02
CA ILE A 16 -5.05 2.80 -3.53
C ILE A 16 -4.39 3.94 -2.84
N GLY A 17 -3.46 3.57 -2.06
CA GLY A 17 -2.64 4.56 -1.41
C GLY A 17 -1.71 5.08 -2.47
N HIS A 18 -1.68 4.32 -3.60
CA HIS A 18 -0.87 4.71 -4.75
C HIS A 18 -1.72 5.52 -5.74
N ALA A 19 -2.91 5.01 -6.07
CA ALA A 19 -3.80 5.71 -7.01
C ALA A 19 -4.97 4.83 -7.40
N ALA A 20 -5.17 3.73 -6.67
CA ALA A 20 -6.26 2.81 -6.99
C ALA A 20 -6.08 2.30 -8.42
N VAL A 21 -4.92 2.63 -8.99
CA VAL A 21 -4.58 2.24 -10.35
C VAL A 21 -3.07 1.99 -10.43
N ASN A 22 -2.40 2.33 -9.33
CA ASN A 22 -0.93 2.20 -9.17
C ASN A 22 -0.24 3.52 -9.42
N HIS A 23 -0.77 4.28 -10.37
CA HIS A 23 -0.21 5.59 -10.71
C HIS A 23 -1.23 6.44 -11.45
N TYR A 24 -1.73 7.47 -10.78
CA TYR A 24 -2.73 8.35 -11.38
C TYR A 24 -2.14 9.05 -12.61
N LEU A 25 -0.82 8.95 -12.76
CA LEU A 25 -0.14 9.59 -13.89
C LEU A 25 -0.56 11.06 -14.00
N GLY A 1 -5.57 -7.37 13.52
CA GLY A 1 -4.59 -8.20 14.21
C GLY A 1 -4.03 -9.28 13.31
N TRP A 2 -4.12 -9.05 12.00
CA TRP A 2 -3.61 -10.02 11.02
C TRP A 2 -2.08 -10.08 11.08
N GLY A 3 -1.51 -10.99 10.31
CA GLY A 3 -0.07 -11.14 10.28
C GLY A 3 0.61 -9.95 9.63
N SER A 4 -0.15 -9.22 8.81
CA SER A 4 0.40 -8.05 8.14
C SER A 4 1.74 -8.37 7.48
N ILE A 5 1.80 -9.52 6.79
CA ILE A 5 3.02 -9.94 6.13
C ILE A 5 3.52 -8.86 5.17
N PHE A 6 4.36 -7.97 5.68
CA PHE A 6 4.90 -6.88 4.87
C PHE A 6 3.78 -6.15 4.12
N LYS A 7 2.54 -6.42 4.51
CA LYS A 7 1.40 -5.78 3.86
C LYS A 7 1.32 -4.31 4.25
N HIS A 8 0.99 -4.06 5.51
CA HIS A 8 0.88 -2.69 6.01
C HIS A 8 2.27 -2.10 6.26
N GLY A 9 3.04 -1.93 5.19
CA GLY A 9 4.38 -1.38 5.30
C GLY A 9 4.92 -0.95 3.96
N ARG A 10 4.44 -1.58 2.90
CA ARG A 10 4.89 -1.26 1.55
C ARG A 10 3.91 -1.77 0.52
N HIS A 11 2.65 -1.94 0.94
CA HIS A 11 1.61 -2.43 0.04
C HIS A 11 0.26 -1.98 0.51
N ALA A 12 -0.60 -1.73 -0.48
CA ALA A 12 -1.96 -1.24 -0.29
C ALA A 12 -1.94 0.19 0.15
N ALA A 13 -0.86 0.50 0.91
CA ALA A 13 -0.60 1.89 1.10
C ALA A 13 -0.36 2.19 -0.38
N LYS A 14 -0.56 1.03 -1.13
CA LYS A 14 -0.46 0.97 -2.59
C LYS A 14 -1.80 0.61 -3.22
N HIS A 15 -1.74 0.33 -4.53
CA HIS A 15 -2.91 -0.07 -5.31
C HIS A 15 -4.17 0.61 -4.84
N ILE A 16 -3.99 1.71 -4.12
CA ILE A 16 -5.09 2.47 -3.60
C ILE A 16 -4.58 3.54 -2.73
N GLY A 17 -3.69 3.16 -1.91
CA GLY A 17 -3.01 4.10 -1.08
C GLY A 17 -2.07 4.85 -1.99
N HIS A 18 -1.88 4.26 -3.20
CA HIS A 18 -1.02 4.89 -4.22
C HIS A 18 -1.87 5.79 -5.14
N ALA A 19 -3.05 5.31 -5.55
CA ALA A 19 -3.88 6.11 -6.46
C ALA A 19 -5.27 5.52 -6.65
N ALA A 20 -5.89 5.04 -5.58
CA ALA A 20 -7.21 4.44 -5.69
C ALA A 20 -7.16 3.15 -6.51
N VAL A 21 -6.08 2.95 -7.27
CA VAL A 21 -5.93 1.75 -8.09
C VAL A 21 -4.45 1.36 -8.22
N ASN A 22 -3.59 2.39 -8.24
CA ASN A 22 -2.14 2.20 -8.37
C ASN A 22 -1.53 3.47 -8.97
N HIS A 23 -2.14 3.96 -10.04
CA HIS A 23 -1.66 5.16 -10.71
C HIS A 23 -2.72 5.68 -11.69
N TYR A 24 -2.45 5.55 -12.98
CA TYR A 24 -3.39 6.01 -14.00
C TYR A 24 -3.91 7.41 -13.68
N LEU A 25 -3.18 8.11 -12.81
CA LEU A 25 -3.58 9.47 -12.42
C LEU A 25 -2.42 10.16 -11.71
N GLY A 1 8.05 -12.85 10.58
CA GLY A 1 7.28 -13.66 11.48
C GLY A 1 6.16 -12.89 12.15
N TRP A 2 5.14 -12.54 11.36
CA TRP A 2 4.01 -11.78 11.89
C TRP A 2 2.87 -11.77 10.89
N GLY A 3 3.10 -12.37 9.73
CA GLY A 3 2.08 -12.43 8.69
C GLY A 3 1.94 -11.11 7.96
N SER A 4 2.76 -10.14 8.33
CA SER A 4 2.72 -8.83 7.69
C SER A 4 3.92 -7.99 8.11
N ILE A 5 5.12 -8.49 7.82
CA ILE A 5 6.35 -7.79 8.17
C ILE A 5 6.71 -6.74 7.11
N PHE A 6 5.71 -6.33 6.33
CA PHE A 6 5.93 -5.33 5.29
C PHE A 6 4.60 -4.72 4.83
N LYS A 7 3.56 -5.55 4.77
CA LYS A 7 2.25 -5.08 4.34
C LYS A 7 1.81 -3.91 5.22
N HIS A 8 2.13 -3.98 6.51
CA HIS A 8 1.75 -2.93 7.44
C HIS A 8 2.51 -1.64 7.13
N GLY A 9 3.27 -1.65 6.05
CA GLY A 9 4.05 -0.49 5.64
C GLY A 9 4.31 -0.49 4.15
N ARG A 10 3.67 -1.42 3.44
CA ARG A 10 3.83 -1.53 2.00
C ARG A 10 2.60 -2.19 1.39
N HIS A 11 2.46 -2.05 0.08
CA HIS A 11 1.32 -2.64 -0.64
C HIS A 11 0.02 -2.10 -0.11
N ALA A 12 -0.85 -1.77 -1.07
CA ALA A 12 -2.16 -1.19 -0.83
C ALA A 12 -2.02 0.21 -0.33
N ALA A 13 -0.91 0.42 0.41
CA ALA A 13 -0.53 1.75 0.64
C ALA A 13 -0.29 2.08 -0.83
N LYS A 14 -0.58 0.97 -1.61
CA LYS A 14 -0.53 0.95 -3.08
C LYS A 14 -1.90 0.73 -3.69
N HIS A 15 -1.89 0.49 -5.01
CA HIS A 15 -3.11 0.22 -5.78
C HIS A 15 -4.30 1.00 -5.27
N ILE A 16 -4.01 2.03 -4.50
CA ILE A 16 -5.03 2.88 -3.93
C ILE A 16 -4.40 3.88 -3.04
N GLY A 17 -3.52 3.40 -2.27
CA GLY A 17 -2.73 4.26 -1.44
C GLY A 17 -1.76 4.94 -2.36
N HIS A 18 -1.66 4.37 -3.58
CA HIS A 18 -0.77 4.96 -4.60
C HIS A 18 -1.57 5.93 -5.48
N ALA A 19 -2.77 5.52 -5.91
CA ALA A 19 -3.61 6.39 -6.75
C ALA A 19 -4.76 5.58 -7.36
N ALA A 20 -4.97 4.37 -6.86
CA ALA A 20 -6.03 3.53 -7.39
C ALA A 20 -5.79 3.28 -8.87
N VAL A 21 -4.61 3.72 -9.33
CA VAL A 21 -4.20 3.59 -10.72
C VAL A 21 -2.70 3.36 -10.78
N ASN A 22 -2.06 3.54 -9.61
CA ASN A 22 -0.60 3.38 -9.44
C ASN A 22 0.07 4.76 -9.39
N HIS A 23 -0.42 5.69 -10.20
CA HIS A 23 0.14 7.03 -10.24
C HIS A 23 -0.69 7.93 -11.16
N TYR A 24 -1.86 8.35 -10.68
CA TYR A 24 -2.73 9.20 -11.47
C TYR A 24 -2.25 10.66 -11.43
N LEU A 25 -1.45 10.98 -10.42
CA LEU A 25 -0.92 12.33 -10.27
C LEU A 25 0.15 12.60 -11.33
N GLY A 1 -1.26 1.87 14.20
CA GLY A 1 -1.91 0.95 15.12
C GLY A 1 -3.11 0.27 14.49
N TRP A 2 -3.25 0.42 13.17
CA TRP A 2 -4.36 -0.19 12.46
C TRP A 2 -4.25 -1.71 12.49
N GLY A 3 -3.21 -2.21 13.16
CA GLY A 3 -2.99 -3.64 13.26
C GLY A 3 -2.34 -4.21 12.01
N SER A 4 -2.15 -3.36 11.00
CA SER A 4 -1.54 -3.79 9.75
C SER A 4 -0.04 -3.98 9.93
N ILE A 5 0.51 -5.01 9.29
CA ILE A 5 1.94 -5.30 9.38
C ILE A 5 2.71 -4.36 8.46
N PHE A 6 3.16 -3.24 9.02
CA PHE A 6 3.93 -2.26 8.24
C PHE A 6 3.19 -1.93 6.93
N LYS A 7 1.98 -1.40 7.05
CA LYS A 7 1.19 -1.05 5.87
C LYS A 7 1.08 -2.26 4.95
N HIS A 8 0.55 -3.36 5.48
CA HIS A 8 0.38 -4.57 4.70
C HIS A 8 1.72 -5.00 4.10
N GLY A 9 2.81 -4.53 4.72
CA GLY A 9 4.14 -4.85 4.24
C GLY A 9 4.54 -4.03 3.03
N ARG A 10 4.48 -2.71 3.16
CA ARG A 10 4.83 -1.83 2.06
C ARG A 10 4.03 -2.18 0.82
N HIS A 11 2.73 -2.42 1.03
CA HIS A 11 1.84 -2.74 -0.08
C HIS A 11 0.44 -2.38 0.29
N ALA A 12 0.25 -1.07 0.30
CA ALA A 12 -1.02 -0.45 0.62
C ALA A 12 -0.78 1.02 0.65
N ALA A 13 0.48 1.31 1.06
CA ALA A 13 0.96 2.63 0.83
C ALA A 13 0.85 2.54 -0.69
N LYS A 14 0.40 1.29 -1.06
CA LYS A 14 0.11 0.88 -2.43
C LYS A 14 -1.36 0.56 -2.62
N HIS A 15 -1.67 -0.08 -3.75
CA HIS A 15 -3.04 -0.51 -4.10
C HIS A 15 -4.08 0.47 -3.60
N ILE A 16 -3.64 1.68 -3.29
CA ILE A 16 -4.50 2.72 -2.80
C ILE A 16 -3.69 3.90 -2.42
N GLY A 17 -2.64 3.60 -1.76
CA GLY A 17 -1.69 4.61 -1.42
C GLY A 17 -0.95 4.93 -2.68
N HIS A 18 -1.13 4.03 -3.69
CA HIS A 18 -0.51 4.21 -4.99
C HIS A 18 -1.50 4.95 -5.91
N ALA A 19 -2.77 4.53 -5.89
CA ALA A 19 -3.80 5.17 -6.72
C ALA A 19 -5.03 4.27 -6.82
N ALA A 20 -5.07 3.23 -5.99
CA ALA A 20 -6.19 2.30 -6.02
C ALA A 20 -6.30 1.71 -7.42
N VAL A 21 -5.28 1.97 -8.22
CA VAL A 21 -5.20 1.51 -9.60
C VAL A 21 -3.75 1.19 -9.93
N ASN A 22 -2.86 1.54 -8.99
CA ASN A 22 -1.40 1.34 -9.10
C ASN A 22 -0.73 2.63 -9.53
N HIS A 23 -1.39 3.38 -10.40
CA HIS A 23 -0.84 4.64 -10.89
C HIS A 23 -1.94 5.50 -11.53
N TYR A 24 -2.26 6.61 -10.89
CA TYR A 24 -3.29 7.51 -11.39
C TYR A 24 -2.81 8.20 -12.67
N LEU A 25 -1.57 7.93 -13.05
CA LEU A 25 -1.00 8.53 -14.25
C LEU A 25 -1.56 7.86 -15.50
N GLY A 1 7.43 -13.50 12.15
CA GLY A 1 7.14 -13.64 13.57
C GLY A 1 5.76 -13.13 13.91
N TRP A 2 4.93 -12.92 12.89
CA TRP A 2 3.57 -12.42 13.09
C TRP A 2 2.70 -12.76 11.88
N GLY A 3 2.64 -11.84 10.93
CA GLY A 3 1.85 -12.04 9.73
C GLY A 3 1.99 -10.88 8.77
N SER A 4 2.94 -10.00 9.05
CA SER A 4 3.19 -8.83 8.19
C SER A 4 4.66 -8.43 8.25
N ILE A 5 5.48 -9.09 7.45
CA ILE A 5 6.91 -8.80 7.41
C ILE A 5 7.15 -7.35 6.99
N PHE A 6 6.35 -6.88 6.04
CA PHE A 6 6.48 -5.51 5.56
C PHE A 6 5.21 -5.06 4.84
N LYS A 7 4.20 -5.93 4.84
CA LYS A 7 2.93 -5.61 4.19
C LYS A 7 2.45 -4.23 4.62
N HIS A 8 2.29 -4.04 5.92
CA HIS A 8 1.83 -2.76 6.46
C HIS A 8 3.00 -1.78 6.57
N GLY A 9 3.63 -1.48 5.43
CA GLY A 9 4.75 -0.57 5.41
C GLY A 9 5.14 -0.16 4.01
N ARG A 10 4.57 -0.85 3.02
CA ARG A 10 4.87 -0.54 1.62
C ARG A 10 3.83 -1.16 0.71
N HIS A 11 2.60 -1.32 1.23
CA HIS A 11 1.51 -1.89 0.45
C HIS A 11 0.20 -1.30 0.89
N ALA A 12 -0.67 -1.15 -0.11
CA ALA A 12 -2.00 -0.56 0.03
C ALA A 12 -1.87 0.92 0.24
N ALA A 13 -0.75 1.28 0.90
CA ALA A 13 -0.40 2.65 0.85
C ALA A 13 -0.20 2.69 -0.67
N LYS A 14 -0.50 1.44 -1.21
CA LYS A 14 -0.50 1.14 -2.64
C LYS A 14 -1.87 0.78 -3.16
N HIS A 15 -1.90 0.28 -4.40
CA HIS A 15 -3.13 -0.16 -5.07
C HIS A 15 -4.33 0.68 -4.66
N ILE A 16 -4.05 1.86 -4.13
CA ILE A 16 -5.07 2.77 -3.69
C ILE A 16 -4.45 3.94 -3.04
N GLY A 17 -3.49 3.63 -2.25
CA GLY A 17 -2.71 4.66 -1.63
C GLY A 17 -1.77 5.15 -2.71
N HIS A 18 -1.71 4.36 -3.81
CA HIS A 18 -0.88 4.72 -4.96
C HIS A 18 -1.73 5.48 -5.98
N ALA A 19 -2.94 4.97 -6.27
CA ALA A 19 -3.82 5.63 -7.25
C ALA A 19 -5.01 4.73 -7.60
N ALA A 20 -5.16 3.64 -6.86
CA ALA A 20 -6.25 2.69 -7.13
C ALA A 20 -6.09 2.16 -8.54
N VAL A 21 -4.95 2.50 -9.15
CA VAL A 21 -4.63 2.09 -10.51
C VAL A 21 -3.12 1.90 -10.60
N ASN A 22 -2.43 2.29 -9.52
CA ASN A 22 -0.96 2.21 -9.41
C ASN A 22 -0.34 3.56 -9.75
N HIS A 23 -0.94 4.23 -10.73
CA HIS A 23 -0.45 5.53 -11.17
C HIS A 23 -1.45 6.19 -12.13
N TYR A 24 -1.03 6.34 -13.39
CA TYR A 24 -1.89 6.95 -14.40
C TYR A 24 -2.18 8.42 -14.08
N LEU A 25 -1.74 8.87 -12.90
CA LEU A 25 -1.96 10.25 -12.49
C LEU A 25 -1.16 10.57 -11.22
#